data_2DNM
#
_entry.id   2DNM
#
_entity_poly.entity_id   1
_entity_poly.type   'polypeptide(L)'
_entity_poly.pdbx_seq_one_letter_code
;GSSGSSGPDVDGMITLKVDNLTYRTSPDSLRRVFEKYGRVGDVYIPREPHTKAPRGFAFVRFHDRRDAQDAEAAMDGAEL
DGRELRVQVARYGRRDLSGPSSG
;
_entity_poly.pdbx_strand_id   A
#
# COMPACT_ATOMS: atom_id res chain seq x y z
N GLY A 1 11.89 -0.30 -26.48
CA GLY A 1 11.48 0.95 -25.86
C GLY A 1 12.05 1.12 -24.47
N SER A 2 12.17 2.38 -24.03
CA SER A 2 12.70 2.68 -22.72
C SER A 2 11.76 3.58 -21.93
N SER A 3 11.18 3.05 -20.87
CA SER A 3 10.25 3.80 -20.04
C SER A 3 10.69 5.25 -19.91
N GLY A 4 9.77 6.17 -20.16
CA GLY A 4 10.07 7.59 -20.06
C GLY A 4 8.86 8.46 -20.33
N SER A 5 7.72 8.07 -19.79
CA SER A 5 6.48 8.82 -19.98
C SER A 5 5.51 8.58 -18.82
N SER A 6 4.37 9.24 -18.87
CA SER A 6 3.36 9.10 -17.83
C SER A 6 1.98 9.50 -18.35
N GLY A 7 0.94 9.01 -17.68
CA GLY A 7 -0.42 9.32 -18.09
C GLY A 7 -1.19 8.09 -18.52
N PRO A 8 -1.22 7.83 -19.84
CA PRO A 8 -1.93 6.69 -20.41
C PRO A 8 -1.15 5.39 -20.26
N ASP A 9 -0.46 5.25 -19.13
CA ASP A 9 0.33 4.05 -18.87
C ASP A 9 0.75 3.99 -17.41
N VAL A 10 0.92 2.77 -16.89
CA VAL A 10 1.32 2.58 -15.50
C VAL A 10 2.51 1.63 -15.39
N ASP A 11 3.69 2.20 -15.24
CA ASP A 11 4.92 1.40 -15.13
C ASP A 11 4.87 0.52 -13.88
N GLY A 12 4.85 1.15 -12.71
CA GLY A 12 4.81 0.40 -11.47
C GLY A 12 4.57 1.29 -10.27
N MET A 13 3.32 1.73 -10.10
CA MET A 13 2.96 2.59 -8.99
C MET A 13 3.36 1.96 -7.66
N ILE A 14 3.51 2.79 -6.63
CA ILE A 14 3.89 2.32 -5.31
C ILE A 14 2.74 1.58 -4.64
N THR A 15 3.07 0.53 -3.89
CA THR A 15 2.07 -0.26 -3.18
C THR A 15 2.32 -0.28 -1.69
N LEU A 16 1.29 0.02 -0.90
CA LEU A 16 1.41 0.03 0.55
C LEU A 16 0.50 -1.03 1.18
N LYS A 17 1.07 -1.83 2.08
CA LYS A 17 0.31 -2.88 2.75
C LYS A 17 -0.15 -2.42 4.13
N VAL A 18 -1.41 -2.65 4.44
CA VAL A 18 -1.97 -2.26 5.74
C VAL A 18 -2.53 -3.47 6.48
N ASP A 19 -1.85 -3.87 7.55
CA ASP A 19 -2.29 -5.01 8.35
C ASP A 19 -3.09 -4.54 9.56
N ASN A 20 -3.51 -5.50 10.38
CA ASN A 20 -4.28 -5.20 11.58
C ASN A 20 -5.58 -4.48 11.21
N LEU A 21 -6.16 -4.87 10.08
CA LEU A 21 -7.41 -4.27 9.61
C LEU A 21 -8.60 -5.16 9.95
N THR A 22 -9.53 -4.63 10.73
CA THR A 22 -10.73 -5.37 11.12
C THR A 22 -11.70 -5.51 9.96
N TYR A 23 -12.59 -6.50 10.04
CA TYR A 23 -13.56 -6.74 8.99
C TYR A 23 -14.33 -5.46 8.67
N ARG A 24 -14.75 -4.75 9.71
CA ARG A 24 -15.50 -3.50 9.54
C ARG A 24 -14.86 -2.62 8.48
N THR A 25 -13.54 -2.80 8.28
CA THR A 25 -12.81 -2.02 7.29
C THR A 25 -13.35 -2.27 5.89
N SER A 26 -13.33 -1.23 5.07
CA SER A 26 -13.81 -1.33 3.69
C SER A 26 -13.00 -0.45 2.76
N PRO A 27 -13.07 -0.74 1.45
CA PRO A 27 -12.35 0.01 0.42
C PRO A 27 -12.45 1.53 0.63
N ASP A 28 -13.66 1.99 0.96
CA ASP A 28 -13.90 3.41 1.18
C ASP A 28 -12.99 3.94 2.28
N SER A 29 -13.15 3.41 3.50
CA SER A 29 -12.35 3.84 4.63
C SER A 29 -10.86 3.76 4.30
N LEU A 30 -10.40 2.57 3.96
CA LEU A 30 -8.99 2.36 3.62
C LEU A 30 -8.53 3.37 2.58
N ARG A 31 -9.47 3.84 1.76
CA ARG A 31 -9.16 4.81 0.73
C ARG A 31 -9.07 6.23 1.30
N ARG A 32 -9.79 6.46 2.39
CA ARG A 32 -9.80 7.76 3.03
C ARG A 32 -8.66 7.88 4.04
N VAL A 33 -8.03 6.75 4.36
CA VAL A 33 -6.93 6.72 5.31
C VAL A 33 -5.67 7.33 4.70
N PHE A 34 -5.46 7.09 3.41
CA PHE A 34 -4.30 7.62 2.71
C PHE A 34 -4.67 8.86 1.89
N GLU A 35 -5.86 8.84 1.30
CA GLU A 35 -6.33 9.96 0.50
C GLU A 35 -6.05 11.29 1.21
N LYS A 36 -5.92 11.24 2.52
CA LYS A 36 -5.66 12.43 3.32
C LYS A 36 -4.37 13.11 2.86
N TYR A 37 -3.36 12.31 2.56
CA TYR A 37 -2.08 12.83 2.11
C TYR A 37 -1.93 12.70 0.59
N GLY A 38 -2.12 11.49 0.09
CA GLY A 38 -2.02 11.26 -1.34
C GLY A 38 -3.11 10.34 -1.86
N ARG A 39 -3.83 10.80 -2.87
CA ARG A 39 -4.91 10.02 -3.45
C ARG A 39 -4.49 8.56 -3.64
N VAL A 40 -5.48 7.67 -3.76
CA VAL A 40 -5.21 6.25 -3.94
C VAL A 40 -5.61 5.80 -5.33
N GLY A 41 -4.63 5.30 -6.09
CA GLY A 41 -4.90 4.83 -7.44
C GLY A 41 -5.87 3.67 -7.47
N ASP A 42 -5.68 2.71 -6.56
CA ASP A 42 -6.55 1.54 -6.49
C ASP A 42 -6.56 0.96 -5.08
N VAL A 43 -7.63 0.26 -4.74
CA VAL A 43 -7.78 -0.35 -3.42
C VAL A 43 -8.18 -1.81 -3.52
N TYR A 44 -7.39 -2.69 -2.92
CA TYR A 44 -7.66 -4.11 -2.95
C TYR A 44 -7.47 -4.73 -1.56
N ILE A 45 -8.33 -5.69 -1.23
CA ILE A 45 -8.26 -6.36 0.06
C ILE A 45 -8.34 -7.88 -0.10
N PRO A 46 -7.17 -8.53 -0.18
CA PRO A 46 -7.08 -9.98 -0.35
C PRO A 46 -7.97 -10.73 0.64
N ARG A 47 -8.37 -11.94 0.28
CA ARG A 47 -9.22 -12.76 1.13
C ARG A 47 -8.64 -14.15 1.32
N GLU A 48 -9.31 -14.97 2.12
CA GLU A 48 -8.85 -16.32 2.38
C GLU A 48 -9.02 -17.21 1.16
N PRO A 49 -8.07 -18.12 0.94
CA PRO A 49 -8.09 -19.04 -0.20
C PRO A 49 -9.45 -19.70 -0.38
N HIS A 50 -10.17 -19.89 0.72
CA HIS A 50 -11.49 -20.51 0.68
C HIS A 50 -12.57 -19.50 1.06
N THR A 51 -12.47 -18.96 2.26
CA THR A 51 -13.44 -17.99 2.75
C THR A 51 -13.18 -16.61 2.17
N LYS A 52 -14.24 -15.98 1.65
CA LYS A 52 -14.12 -14.65 1.06
C LYS A 52 -14.12 -13.58 2.14
N ALA A 53 -13.02 -13.50 2.89
CA ALA A 53 -12.90 -12.51 3.95
C ALA A 53 -11.47 -11.97 4.05
N PRO A 54 -11.35 -10.66 4.31
CA PRO A 54 -10.05 -9.99 4.41
C PRO A 54 -9.07 -10.76 5.30
N ARG A 55 -8.21 -11.55 4.68
CA ARG A 55 -7.23 -12.34 5.41
C ARG A 55 -6.71 -11.58 6.63
N GLY A 56 -6.11 -10.42 6.38
CA GLY A 56 -5.58 -9.62 7.47
C GLY A 56 -4.92 -8.35 6.98
N PHE A 57 -4.29 -8.43 5.82
CA PHE A 57 -3.61 -7.27 5.24
C PHE A 57 -4.31 -6.80 3.97
N ALA A 58 -4.11 -5.53 3.63
CA ALA A 58 -4.72 -4.96 2.44
C ALA A 58 -3.67 -4.31 1.53
N PHE A 59 -4.06 -4.02 0.29
CA PHE A 59 -3.15 -3.39 -0.66
C PHE A 59 -3.68 -2.03 -1.10
N VAL A 60 -2.82 -1.02 -1.05
CA VAL A 60 -3.20 0.33 -1.45
C VAL A 60 -2.19 0.92 -2.42
N ARG A 61 -2.67 1.32 -3.59
CA ARG A 61 -1.80 1.91 -4.61
C ARG A 61 -1.78 3.43 -4.50
N PHE A 62 -0.65 4.03 -4.86
CA PHE A 62 -0.50 5.48 -4.80
C PHE A 62 -0.13 6.04 -6.17
N HIS A 63 -0.06 7.37 -6.25
CA HIS A 63 0.28 8.04 -7.51
C HIS A 63 1.76 8.42 -7.52
N ASP A 64 2.19 9.14 -6.49
CA ASP A 64 3.58 9.57 -6.38
C ASP A 64 4.36 8.66 -5.43
N ARG A 65 5.66 8.89 -5.35
CA ARG A 65 6.52 8.09 -4.48
C ARG A 65 6.84 8.85 -3.20
N ARG A 66 6.23 10.01 -3.03
CA ARG A 66 6.45 10.84 -1.84
C ARG A 66 5.33 10.64 -0.83
N ASP A 67 4.11 10.97 -1.23
CA ASP A 67 2.95 10.83 -0.35
C ASP A 67 2.99 9.49 0.39
N ALA A 68 3.16 8.42 -0.36
CA ALA A 68 3.22 7.08 0.23
C ALA A 68 4.26 7.01 1.34
N GLN A 69 5.45 7.52 1.06
CA GLN A 69 6.53 7.51 2.04
C GLN A 69 6.11 8.23 3.31
N ASP A 70 5.32 9.29 3.16
CA ASP A 70 4.85 10.06 4.31
C ASP A 70 3.84 9.26 5.12
N ALA A 71 2.73 8.89 4.47
CA ALA A 71 1.68 8.11 5.14
C ALA A 71 2.26 6.86 5.80
N GLU A 72 3.29 6.30 5.18
CA GLU A 72 3.92 5.10 5.71
C GLU A 72 4.47 5.34 7.12
N ALA A 73 5.32 6.35 7.26
CA ALA A 73 5.90 6.69 8.55
C ALA A 73 4.86 7.29 9.48
N ALA A 74 4.16 8.31 8.99
CA ALA A 74 3.14 8.99 9.79
C ALA A 74 2.19 7.97 10.42
N MET A 75 1.48 7.22 9.58
CA MET A 75 0.54 6.22 10.07
C MET A 75 1.25 5.18 10.93
N ASP A 76 2.00 4.29 10.29
CA ASP A 76 2.73 3.25 10.99
C ASP A 76 3.22 3.75 12.35
N GLY A 77 2.64 3.22 13.42
CA GLY A 77 3.03 3.63 14.76
C GLY A 77 2.04 4.60 15.37
N ALA A 78 0.76 4.37 15.14
CA ALA A 78 -0.28 5.23 15.69
C ALA A 78 -1.28 4.43 16.52
N GLU A 79 -2.14 5.14 17.25
CA GLU A 79 -3.13 4.48 18.10
C GLU A 79 -4.50 4.48 17.40
N LEU A 80 -4.80 3.36 16.74
CA LEU A 80 -6.07 3.22 16.04
C LEU A 80 -6.71 1.86 16.33
N ASP A 81 -8.03 1.86 16.49
CA ASP A 81 -8.76 0.63 16.77
C ASP A 81 -8.22 -0.06 18.02
N GLY A 82 -7.66 0.74 18.92
CA GLY A 82 -7.10 0.20 20.15
C GLY A 82 -5.92 -0.71 19.90
N ARG A 83 -5.11 -0.37 18.90
CA ARG A 83 -3.94 -1.16 18.56
C ARG A 83 -2.97 -0.36 17.68
N GLU A 84 -1.86 -0.98 17.32
CA GLU A 84 -0.86 -0.33 16.48
C GLU A 84 -0.95 -0.82 15.04
N LEU A 85 -1.75 -0.13 14.23
CA LEU A 85 -1.93 -0.51 12.82
C LEU A 85 -0.58 -0.54 12.11
N ARG A 86 -0.40 -1.55 11.26
CA ARG A 86 0.84 -1.70 10.50
C ARG A 86 0.68 -1.16 9.09
N VAL A 87 0.88 0.15 8.93
CA VAL A 87 0.77 0.79 7.63
C VAL A 87 2.13 1.00 6.99
N GLN A 88 2.60 -0.01 6.27
CA GLN A 88 3.90 0.06 5.61
C GLN A 88 3.86 -0.65 4.26
N VAL A 89 4.98 -0.59 3.54
CA VAL A 89 5.07 -1.23 2.23
C VAL A 89 5.04 -2.75 2.35
N ALA A 90 4.63 -3.41 1.28
CA ALA A 90 4.56 -4.87 1.27
C ALA A 90 5.89 -5.50 1.67
N ARG A 91 5.87 -6.79 1.98
CA ARG A 91 7.07 -7.50 2.37
C ARG A 91 7.94 -7.84 1.16
N TYR A 92 7.31 -8.45 0.16
CA TYR A 92 8.03 -8.84 -1.06
C TYR A 92 7.54 -8.01 -2.25
N GLY A 93 8.19 -8.20 -3.40
CA GLY A 93 7.82 -7.48 -4.59
C GLY A 93 8.46 -6.11 -4.66
N ARG A 94 9.76 -6.08 -4.98
CA ARG A 94 10.50 -4.83 -5.08
C ARG A 94 9.86 -3.90 -6.10
N ARG A 95 9.97 -2.60 -5.86
CA ARG A 95 9.41 -1.60 -6.75
C ARG A 95 10.37 -1.26 -7.88
N ASP A 96 11.53 -1.92 -7.88
CA ASP A 96 12.54 -1.69 -8.90
C ASP A 96 12.74 -2.93 -9.76
N LEU A 97 13.48 -2.78 -10.85
CA LEU A 97 13.75 -3.89 -11.75
C LEU A 97 15.15 -3.78 -12.36
N SER A 98 15.78 -4.93 -12.60
CA SER A 98 17.12 -4.96 -13.17
C SER A 98 17.07 -4.66 -14.67
N GLY A 99 18.11 -3.97 -15.16
CA GLY A 99 18.17 -3.63 -16.57
C GLY A 99 19.26 -2.63 -16.87
N PRO A 100 19.05 -1.81 -17.91
CA PRO A 100 20.00 -0.79 -18.33
C PRO A 100 20.55 0.02 -17.16
N SER A 101 21.76 -0.31 -16.73
CA SER A 101 22.40 0.38 -15.61
C SER A 101 22.85 1.77 -16.02
N SER A 102 23.63 1.83 -17.09
CA SER A 102 24.15 3.11 -17.58
C SER A 102 23.45 3.50 -18.88
N GLY A 103 23.31 2.55 -19.79
CA GLY A 103 22.66 2.82 -21.06
C GLY A 103 23.57 3.52 -22.04
N GLY A 1 15.76 8.34 -22.31
CA GLY A 1 16.14 7.96 -20.96
C GLY A 1 14.93 7.80 -20.04
N SER A 2 15.03 6.87 -19.10
CA SER A 2 13.94 6.60 -18.17
C SER A 2 13.74 7.80 -17.23
N SER A 3 14.80 8.17 -16.52
CA SER A 3 14.73 9.30 -15.59
C SER A 3 13.69 9.03 -14.50
N GLY A 4 13.67 7.80 -13.99
CA GLY A 4 12.72 7.45 -12.95
C GLY A 4 11.28 7.62 -13.39
N SER A 5 10.81 6.67 -14.20
CA SER A 5 9.44 6.71 -14.71
C SER A 5 8.76 5.36 -14.55
N SER A 6 7.46 5.39 -14.28
CA SER A 6 6.69 4.16 -14.10
C SER A 6 6.73 3.30 -15.35
N GLY A 7 6.52 3.92 -16.51
CA GLY A 7 6.56 3.19 -17.76
C GLY A 7 5.32 3.45 -18.61
N PRO A 8 5.36 2.98 -19.86
CA PRO A 8 4.24 3.15 -20.79
C PRO A 8 2.89 2.82 -20.17
N ASP A 9 2.88 1.81 -19.30
CA ASP A 9 1.66 1.39 -18.63
C ASP A 9 1.92 1.14 -17.15
N VAL A 10 1.08 1.73 -16.30
CA VAL A 10 1.22 1.57 -14.85
C VAL A 10 1.70 0.17 -14.50
N ASP A 11 3.01 0.03 -14.31
CA ASP A 11 3.60 -1.25 -13.97
C ASP A 11 4.15 -1.24 -12.54
N GLY A 12 3.26 -1.42 -11.57
CA GLY A 12 3.67 -1.42 -10.18
C GLY A 12 4.59 -0.26 -9.85
N MET A 13 4.01 0.87 -9.47
CA MET A 13 4.79 2.06 -9.13
C MET A 13 4.95 2.18 -7.62
N ILE A 14 3.84 2.09 -6.89
CA ILE A 14 3.86 2.19 -5.44
C ILE A 14 2.74 1.36 -4.82
N THR A 15 3.08 0.63 -3.76
CA THR A 15 2.11 -0.21 -3.07
C THR A 15 2.32 -0.17 -1.56
N LEU A 16 1.24 -0.02 -0.82
CA LEU A 16 1.31 0.03 0.64
C LEU A 16 0.63 -1.18 1.26
N LYS A 17 1.38 -1.91 2.09
CA LYS A 17 0.85 -3.10 2.75
C LYS A 17 0.28 -2.75 4.12
N VAL A 18 -1.01 -3.03 4.31
CA VAL A 18 -1.67 -2.74 5.58
C VAL A 18 -2.12 -4.03 6.26
N ASP A 19 -1.94 -4.09 7.58
CA ASP A 19 -2.33 -5.26 8.36
C ASP A 19 -3.25 -4.88 9.51
N ASN A 20 -3.60 -5.86 10.32
CA ASN A 20 -4.49 -5.62 11.46
C ASN A 20 -5.67 -4.74 11.05
N LEU A 21 -6.35 -5.13 9.98
CA LEU A 21 -7.50 -4.38 9.49
C LEU A 21 -8.80 -5.07 9.87
N THR A 22 -9.49 -4.53 10.87
CA THR A 22 -10.75 -5.09 11.34
C THR A 22 -11.73 -5.26 10.19
N TYR A 23 -12.60 -6.26 10.31
CA TYR A 23 -13.58 -6.54 9.27
C TYR A 23 -14.41 -5.30 8.96
N ARG A 24 -14.58 -4.44 9.96
CA ARG A 24 -15.36 -3.22 9.79
C ARG A 24 -14.72 -2.32 8.74
N THR A 25 -13.42 -2.50 8.51
CA THR A 25 -12.69 -1.70 7.53
C THR A 25 -13.27 -1.91 6.13
N SER A 26 -13.25 -0.85 5.33
CA SER A 26 -13.77 -0.92 3.97
C SER A 26 -12.91 -0.09 3.02
N PRO A 27 -12.98 -0.43 1.72
CA PRO A 27 -12.21 0.27 0.68
C PRO A 27 -12.27 1.79 0.83
N ASP A 28 -13.48 2.31 1.04
CA ASP A 28 -13.68 3.75 1.20
C ASP A 28 -12.83 4.28 2.35
N SER A 29 -13.06 3.76 3.55
CA SER A 29 -12.32 4.19 4.73
C SER A 29 -10.82 4.01 4.52
N LEU A 30 -10.42 2.78 4.20
CA LEU A 30 -9.00 2.48 3.98
C LEU A 30 -8.38 3.48 3.01
N ARG A 31 -9.17 3.94 2.04
CA ARG A 31 -8.69 4.89 1.05
C ARG A 31 -8.48 6.27 1.69
N ARG A 32 -9.52 6.77 2.36
CA ARG A 32 -9.44 8.07 3.01
C ARG A 32 -8.22 8.16 3.91
N VAL A 33 -7.79 7.02 4.44
CA VAL A 33 -6.63 6.98 5.33
C VAL A 33 -5.44 7.68 4.69
N PHE A 34 -5.14 7.32 3.44
CA PHE A 34 -4.02 7.92 2.73
C PHE A 34 -4.50 9.03 1.79
N GLU A 35 -5.79 9.00 1.47
CA GLU A 35 -6.37 10.01 0.59
C GLU A 35 -6.16 11.41 1.14
N LYS A 36 -6.24 11.54 2.46
CA LYS A 36 -6.06 12.83 3.12
C LYS A 36 -4.70 13.43 2.76
N TYR A 37 -3.81 12.60 2.23
CA TYR A 37 -2.48 13.05 1.85
C TYR A 37 -2.35 13.14 0.33
N GLY A 38 -2.46 12.00 -0.34
CA GLY A 38 -2.35 11.98 -1.78
C GLY A 38 -3.47 11.20 -2.43
N ARG A 39 -3.20 10.66 -3.62
CA ARG A 39 -4.19 9.88 -4.35
C ARG A 39 -3.98 8.39 -4.15
N VAL A 40 -5.07 7.65 -4.01
CA VAL A 40 -5.00 6.21 -3.80
C VAL A 40 -5.34 5.45 -5.08
N GLY A 41 -4.30 5.10 -5.85
CA GLY A 41 -4.51 4.39 -7.09
C GLY A 41 -5.65 3.38 -7.00
N ASP A 42 -5.38 2.24 -6.37
CA ASP A 42 -6.40 1.20 -6.21
C ASP A 42 -6.40 0.66 -4.78
N VAL A 43 -7.54 0.14 -4.37
CA VAL A 43 -7.69 -0.41 -3.02
C VAL A 43 -8.27 -1.82 -3.06
N TYR A 44 -7.42 -2.81 -2.80
CA TYR A 44 -7.85 -4.21 -2.81
C TYR A 44 -7.71 -4.82 -1.43
N ILE A 45 -8.63 -5.72 -1.10
CA ILE A 45 -8.62 -6.40 0.20
C ILE A 45 -8.76 -7.90 0.04
N PRO A 46 -7.63 -8.60 -0.19
CA PRO A 46 -7.60 -10.05 -0.36
C PRO A 46 -8.41 -10.77 0.71
N ARG A 47 -8.87 -11.98 0.39
CA ARG A 47 -9.67 -12.77 1.33
C ARG A 47 -8.94 -14.07 1.67
N GLU A 48 -9.26 -14.61 2.85
CA GLU A 48 -8.64 -15.86 3.30
C GLU A 48 -9.13 -17.04 2.47
N PRO A 49 -8.22 -17.99 2.19
CA PRO A 49 -8.54 -19.19 1.41
C PRO A 49 -9.28 -20.23 2.23
N HIS A 50 -8.95 -20.31 3.52
CA HIS A 50 -9.58 -21.28 4.41
C HIS A 50 -11.00 -20.84 4.76
N THR A 51 -11.18 -19.54 4.98
CA THR A 51 -12.47 -18.99 5.33
C THR A 51 -12.84 -17.82 4.42
N LYS A 52 -14.13 -17.51 4.35
CA LYS A 52 -14.61 -16.42 3.51
C LYS A 52 -14.44 -15.08 4.23
N ALA A 53 -13.63 -15.07 5.28
CA ALA A 53 -13.39 -13.85 6.05
C ALA A 53 -12.06 -13.21 5.65
N PRO A 54 -12.05 -11.87 5.62
CA PRO A 54 -10.86 -11.10 5.25
C PRO A 54 -9.61 -11.58 5.98
N ARG A 55 -8.67 -12.16 5.23
CA ARG A 55 -7.43 -12.67 5.80
C ARG A 55 -6.95 -11.77 6.93
N GLY A 56 -6.88 -10.47 6.67
CA GLY A 56 -6.44 -9.53 7.68
C GLY A 56 -5.41 -8.56 7.15
N PHE A 57 -5.47 -8.29 5.85
CA PHE A 57 -4.53 -7.36 5.21
C PHE A 57 -5.11 -6.79 3.93
N ALA A 58 -4.54 -5.69 3.46
CA ALA A 58 -5.00 -5.04 2.24
C ALA A 58 -3.86 -4.35 1.51
N PHE A 59 -4.05 -4.07 0.23
CA PHE A 59 -3.03 -3.40 -0.57
C PHE A 59 -3.55 -2.07 -1.12
N VAL A 60 -2.76 -1.02 -0.94
CA VAL A 60 -3.13 0.31 -1.41
C VAL A 60 -2.04 0.90 -2.30
N ARG A 61 -2.33 1.00 -3.59
CA ARG A 61 -1.37 1.55 -4.54
C ARG A 61 -1.36 3.07 -4.49
N PHE A 62 -0.37 3.68 -5.12
CA PHE A 62 -0.25 5.13 -5.14
C PHE A 62 0.31 5.62 -6.48
N HIS A 63 0.39 6.93 -6.64
CA HIS A 63 0.92 7.52 -7.88
C HIS A 63 2.27 8.18 -7.63
N ASP A 64 2.38 8.85 -6.50
CA ASP A 64 3.63 9.53 -6.14
C ASP A 64 4.35 8.80 -5.02
N ARG A 65 5.68 8.82 -5.07
CA ARG A 65 6.49 8.16 -4.05
C ARG A 65 6.41 8.90 -2.72
N ARG A 66 6.82 10.17 -2.74
CA ARG A 66 6.81 11.00 -1.54
C ARG A 66 5.47 10.87 -0.80
N ASP A 67 4.42 11.38 -1.42
CA ASP A 67 3.08 11.33 -0.84
C ASP A 67 2.87 10.00 -0.11
N ALA A 68 3.05 8.90 -0.83
CA ALA A 68 2.87 7.58 -0.26
C ALA A 68 3.66 7.43 1.03
N GLN A 69 4.93 7.83 1.00
CA GLN A 69 5.80 7.73 2.17
C GLN A 69 5.19 8.48 3.35
N ASP A 70 4.94 9.77 3.16
CA ASP A 70 4.36 10.60 4.21
C ASP A 70 3.22 9.87 4.92
N ALA A 71 2.37 9.22 4.14
CA ALA A 71 1.23 8.48 4.69
C ALA A 71 1.72 7.29 5.51
N GLU A 72 2.67 6.53 4.96
CA GLU A 72 3.20 5.37 5.64
C GLU A 72 3.65 5.72 7.06
N ALA A 73 4.70 6.51 7.16
CA ALA A 73 5.22 6.92 8.46
C ALA A 73 4.10 7.30 9.41
N ALA A 74 3.38 8.36 9.08
CA ALA A 74 2.27 8.83 9.90
C ALA A 74 1.54 7.66 10.56
N MET A 75 0.78 6.92 9.76
CA MET A 75 0.04 5.77 10.27
C MET A 75 0.95 4.82 11.03
N ASP A 76 1.88 4.20 10.30
CA ASP A 76 2.82 3.27 10.92
C ASP A 76 3.21 3.72 12.32
N GLY A 77 2.69 3.03 13.33
CA GLY A 77 2.99 3.38 14.70
C GLY A 77 1.96 4.32 15.30
N ALA A 78 0.72 4.21 14.84
CA ALA A 78 -0.35 5.06 15.33
C ALA A 78 -1.27 4.30 16.28
N GLU A 79 -2.17 5.03 16.93
CA GLU A 79 -3.11 4.42 17.87
C GLU A 79 -4.50 4.33 17.27
N LEU A 80 -4.86 3.13 16.81
CA LEU A 80 -6.17 2.91 16.21
C LEU A 80 -6.62 1.46 16.41
N ASP A 81 -7.91 1.29 16.73
CA ASP A 81 -8.46 -0.04 16.96
C ASP A 81 -7.84 -0.69 18.18
N GLY A 82 -7.47 0.13 19.16
CA GLY A 82 -6.85 -0.39 20.37
C GLY A 82 -5.55 -1.11 20.09
N ARG A 83 -4.96 -0.85 18.93
CA ARG A 83 -3.70 -1.48 18.55
C ARG A 83 -2.93 -0.61 17.57
N GLU A 84 -1.77 -1.10 17.15
CA GLU A 84 -0.93 -0.35 16.21
C GLU A 84 -1.09 -0.91 14.80
N LEU A 85 -1.77 -0.14 13.94
CA LEU A 85 -2.00 -0.55 12.57
C LEU A 85 -0.68 -0.60 11.80
N ARG A 86 -0.35 -1.79 11.27
CA ARG A 86 0.88 -1.97 10.51
C ARG A 86 0.71 -1.48 9.07
N VAL A 87 0.99 -0.21 8.85
CA VAL A 87 0.87 0.40 7.53
C VAL A 87 2.24 0.71 6.95
N GLN A 88 2.84 -0.26 6.28
CA GLN A 88 4.15 -0.08 5.67
C GLN A 88 4.19 -0.68 4.27
N VAL A 89 5.32 -0.52 3.59
CA VAL A 89 5.49 -1.04 2.24
C VAL A 89 5.62 -2.56 2.26
N ALA A 90 4.93 -3.21 1.33
CA ALA A 90 4.98 -4.67 1.23
C ALA A 90 6.37 -5.20 1.59
N ARG A 91 6.41 -6.05 2.61
CA ARG A 91 7.68 -6.63 3.06
C ARG A 91 8.15 -7.72 2.11
N TYR A 92 9.40 -7.65 1.68
CA TYR A 92 9.96 -8.63 0.76
C TYR A 92 11.43 -8.88 1.07
N GLY A 93 11.95 -9.99 0.56
CA GLY A 93 13.35 -10.33 0.79
C GLY A 93 13.72 -11.68 0.21
N ARG A 94 14.92 -11.77 -0.36
CA ARG A 94 15.39 -13.01 -0.95
C ARG A 94 16.89 -13.18 -0.72
N ARG A 95 17.31 -14.44 -0.62
CA ARG A 95 18.72 -14.75 -0.39
C ARG A 95 19.44 -15.03 -1.70
N ASP A 96 20.12 -14.02 -2.23
CA ASP A 96 20.85 -14.15 -3.49
C ASP A 96 22.07 -15.05 -3.30
N LEU A 97 22.90 -14.71 -2.32
CA LEU A 97 24.11 -15.48 -2.05
C LEU A 97 24.77 -15.03 -0.74
N SER A 98 25.24 -15.99 0.04
CA SER A 98 25.88 -15.69 1.31
C SER A 98 27.29 -15.15 1.10
N GLY A 99 27.38 -13.86 0.77
CA GLY A 99 28.68 -13.24 0.55
C GLY A 99 29.27 -13.64 -0.79
N PRO A 100 30.41 -13.02 -1.14
CA PRO A 100 31.11 -13.29 -2.39
C PRO A 100 31.89 -14.60 -2.36
N SER A 101 31.86 -15.33 -3.47
CA SER A 101 32.56 -16.60 -3.57
C SER A 101 34.07 -16.41 -3.57
N SER A 102 34.67 -16.46 -2.38
CA SER A 102 36.10 -16.28 -2.24
C SER A 102 36.85 -17.59 -2.53
N GLY A 103 38.02 -17.46 -3.13
CA GLY A 103 38.81 -18.64 -3.46
C GLY A 103 39.99 -18.83 -2.52
N GLY A 1 15.06 -2.48 -5.84
CA GLY A 1 16.38 -2.11 -5.34
C GLY A 1 16.79 -0.72 -5.80
N SER A 2 16.83 -0.52 -7.11
CA SER A 2 17.22 0.76 -7.68
C SER A 2 16.24 1.21 -8.75
N SER A 3 15.13 1.81 -8.33
CA SER A 3 14.11 2.28 -9.26
C SER A 3 13.34 3.44 -8.67
N GLY A 4 13.24 4.55 -9.42
CA GLY A 4 12.52 5.71 -8.96
C GLY A 4 11.36 6.06 -9.86
N SER A 5 10.56 7.05 -9.44
CA SER A 5 9.41 7.49 -10.22
C SER A 5 9.84 8.11 -11.54
N SER A 6 9.34 7.55 -12.64
CA SER A 6 9.68 8.04 -13.97
C SER A 6 8.66 7.54 -15.00
N GLY A 7 8.69 8.14 -16.19
CA GLY A 7 7.78 7.75 -17.23
C GLY A 7 6.40 8.36 -17.06
N PRO A 8 5.74 8.67 -18.20
CA PRO A 8 4.40 9.27 -18.19
C PRO A 8 3.31 8.24 -17.91
N ASP A 9 3.61 6.98 -18.17
CA ASP A 9 2.65 5.90 -17.94
C ASP A 9 2.64 5.49 -16.47
N VAL A 10 1.50 4.99 -16.01
CA VAL A 10 1.35 4.56 -14.62
C VAL A 10 1.23 3.05 -14.52
N ASP A 11 2.15 2.44 -13.80
CA ASP A 11 2.16 0.99 -13.63
C ASP A 11 2.99 0.58 -12.41
N GLY A 12 2.60 -0.51 -11.76
CA GLY A 12 3.31 -0.97 -10.59
C GLY A 12 3.84 0.17 -9.74
N MET A 13 2.93 0.99 -9.23
CA MET A 13 3.30 2.12 -8.39
C MET A 13 3.41 1.70 -6.93
N ILE A 14 4.14 2.49 -6.15
CA ILE A 14 4.32 2.20 -4.73
C ILE A 14 3.07 1.57 -4.12
N THR A 15 3.22 0.38 -3.57
CA THR A 15 2.11 -0.33 -2.96
C THR A 15 2.25 -0.39 -1.44
N LEU A 16 1.30 0.21 -0.73
CA LEU A 16 1.33 0.22 0.73
C LEU A 16 0.48 -0.91 1.30
N LYS A 17 1.11 -1.79 2.06
CA LYS A 17 0.41 -2.92 2.68
C LYS A 17 -0.14 -2.55 4.04
N VAL A 18 -1.40 -2.91 4.28
CA VAL A 18 -2.06 -2.62 5.55
C VAL A 18 -2.52 -3.89 6.25
N ASP A 19 -1.96 -4.16 7.42
CA ASP A 19 -2.32 -5.34 8.19
C ASP A 19 -3.19 -4.96 9.39
N ASN A 20 -3.63 -5.98 10.13
CA ASN A 20 -4.46 -5.77 11.30
C ASN A 20 -5.65 -4.86 10.98
N LEU A 21 -6.41 -5.25 9.96
CA LEU A 21 -7.57 -4.47 9.54
C LEU A 21 -8.86 -5.16 9.95
N THR A 22 -9.52 -4.61 10.97
CA THR A 22 -10.77 -5.17 11.47
C THR A 22 -11.84 -5.17 10.38
N TYR A 23 -12.70 -6.18 10.41
CA TYR A 23 -13.77 -6.30 9.43
C TYR A 23 -14.31 -4.92 9.05
N ARG A 24 -14.57 -4.10 10.05
CA ARG A 24 -15.09 -2.75 9.82
C ARG A 24 -14.40 -2.10 8.62
N THR A 25 -13.07 -2.17 8.60
CA THR A 25 -12.29 -1.58 7.52
C THR A 25 -12.97 -1.80 6.17
N SER A 26 -12.97 -0.76 5.34
CA SER A 26 -13.59 -0.84 4.02
C SER A 26 -12.79 -0.05 3.00
N PRO A 27 -12.92 -0.42 1.72
CA PRO A 27 -12.22 0.24 0.61
C PRO A 27 -12.28 1.76 0.72
N ASP A 28 -13.45 2.28 1.11
CA ASP A 28 -13.62 3.72 1.25
C ASP A 28 -12.73 4.28 2.34
N SER A 29 -12.77 3.64 3.52
CA SER A 29 -11.97 4.07 4.65
C SER A 29 -10.48 3.93 4.34
N LEU A 30 -10.08 2.72 3.96
CA LEU A 30 -8.69 2.44 3.64
C LEU A 30 -8.18 3.40 2.56
N ARG A 31 -9.07 3.85 1.69
CA ARG A 31 -8.72 4.76 0.62
C ARG A 31 -8.69 6.20 1.12
N ARG A 32 -9.52 6.49 2.12
CA ARG A 32 -9.59 7.83 2.69
C ARG A 32 -8.45 8.07 3.68
N VAL A 33 -7.97 6.99 4.29
CA VAL A 33 -6.89 7.08 5.26
C VAL A 33 -5.63 7.64 4.61
N PHE A 34 -5.48 7.40 3.31
CA PHE A 34 -4.32 7.89 2.57
C PHE A 34 -4.65 9.16 1.80
N GLU A 35 -5.82 9.16 1.16
CA GLU A 35 -6.26 10.33 0.38
C GLU A 35 -5.84 11.62 1.07
N LYS A 36 -6.28 11.79 2.31
CA LYS A 36 -5.96 13.00 3.08
C LYS A 36 -4.56 13.50 2.73
N TYR A 37 -3.62 12.57 2.59
CA TYR A 37 -2.23 12.93 2.27
C TYR A 37 -1.96 12.71 0.78
N GLY A 38 -2.11 11.47 0.34
CA GLY A 38 -1.86 11.15 -1.06
C GLY A 38 -2.96 10.28 -1.65
N ARG A 39 -3.32 10.56 -2.90
CA ARG A 39 -4.37 9.81 -3.58
C ARG A 39 -4.09 8.30 -3.50
N VAL A 40 -5.05 7.51 -3.96
CA VAL A 40 -4.91 6.06 -3.95
C VAL A 40 -5.28 5.46 -5.31
N GLY A 41 -4.29 4.88 -5.98
CA GLY A 41 -4.54 4.28 -7.29
C GLY A 41 -5.61 3.22 -7.23
N ASP A 42 -5.36 2.16 -6.47
CA ASP A 42 -6.31 1.07 -6.34
C ASP A 42 -6.33 0.53 -4.90
N VAL A 43 -7.48 -0.03 -4.51
CA VAL A 43 -7.62 -0.57 -3.16
C VAL A 43 -8.17 -1.99 -3.20
N TYR A 44 -7.37 -2.94 -2.73
CA TYR A 44 -7.78 -4.34 -2.72
C TYR A 44 -7.74 -4.91 -1.30
N ILE A 45 -8.89 -5.38 -0.83
CA ILE A 45 -8.99 -5.95 0.50
C ILE A 45 -9.37 -7.43 0.45
N PRO A 46 -8.35 -8.30 0.50
CA PRO A 46 -8.55 -9.75 0.47
C PRO A 46 -9.63 -10.22 1.45
N ARG A 47 -10.26 -11.35 1.14
CA ARG A 47 -11.30 -11.90 2.00
C ARG A 47 -11.13 -13.40 2.15
N GLU A 48 -11.39 -13.90 3.36
CA GLU A 48 -11.27 -15.33 3.63
C GLU A 48 -11.91 -16.15 2.51
N PRO A 49 -11.45 -17.41 2.38
CA PRO A 49 -11.97 -18.33 1.35
C PRO A 49 -13.33 -18.90 1.72
N HIS A 50 -13.54 -19.14 3.02
CA HIS A 50 -14.79 -19.70 3.50
C HIS A 50 -15.81 -18.59 3.76
N THR A 51 -15.47 -17.70 4.69
CA THR A 51 -16.35 -16.59 5.03
C THR A 51 -16.10 -15.39 4.13
N LYS A 52 -17.12 -14.55 3.99
CA LYS A 52 -17.01 -13.36 3.15
C LYS A 52 -16.35 -12.21 3.92
N ALA A 53 -15.76 -12.54 5.06
CA ALA A 53 -15.08 -11.54 5.89
C ALA A 53 -13.63 -11.38 5.48
N PRO A 54 -13.14 -10.13 5.54
CA PRO A 54 -11.75 -9.81 5.17
C PRO A 54 -10.74 -10.78 5.80
N ARG A 55 -9.65 -11.02 5.10
CA ARG A 55 -8.62 -11.93 5.58
C ARG A 55 -7.81 -11.29 6.69
N GLY A 56 -7.15 -10.18 6.38
CA GLY A 56 -6.34 -9.48 7.37
C GLY A 56 -5.50 -8.39 6.76
N PHE A 57 -4.64 -8.75 5.82
CA PHE A 57 -3.77 -7.79 5.15
C PHE A 57 -4.44 -7.20 3.92
N ALA A 58 -4.04 -5.99 3.54
CA ALA A 58 -4.60 -5.32 2.39
C ALA A 58 -3.51 -4.73 1.50
N PHE A 59 -3.86 -4.38 0.28
CA PHE A 59 -2.91 -3.80 -0.67
C PHE A 59 -3.46 -2.52 -1.28
N VAL A 60 -2.67 -1.45 -1.22
CA VAL A 60 -3.08 -0.17 -1.77
C VAL A 60 -2.01 0.40 -2.69
N ARG A 61 -2.41 0.78 -3.90
CA ARG A 61 -1.48 1.33 -4.88
C ARG A 61 -1.52 2.85 -4.85
N PHE A 62 -0.34 3.46 -4.96
CA PHE A 62 -0.23 4.92 -4.95
C PHE A 62 0.25 5.44 -6.31
N HIS A 63 0.33 6.76 -6.43
CA HIS A 63 0.77 7.39 -7.66
C HIS A 63 2.10 8.10 -7.47
N ASP A 64 2.38 8.51 -6.24
CA ASP A 64 3.63 9.20 -5.91
C ASP A 64 4.27 8.59 -4.67
N ARG A 65 5.60 8.65 -4.62
CA ARG A 65 6.35 8.11 -3.49
C ARG A 65 6.32 9.07 -2.31
N ARG A 66 6.80 10.29 -2.53
CA ARG A 66 6.84 11.31 -1.49
C ARG A 66 5.53 11.32 -0.72
N ASP A 67 4.42 11.29 -1.43
CA ASP A 67 3.09 11.30 -0.82
C ASP A 67 2.89 10.07 0.05
N ALA A 68 3.24 8.90 -0.48
CA ALA A 68 3.10 7.65 0.25
C ALA A 68 3.96 7.64 1.51
N GLN A 69 5.17 8.18 1.39
CA GLN A 69 6.10 8.23 2.52
C GLN A 69 5.44 8.88 3.73
N ASP A 70 4.62 9.89 3.48
CA ASP A 70 3.92 10.59 4.56
C ASP A 70 2.82 9.72 5.15
N ALA A 71 1.81 9.40 4.35
CA ALA A 71 0.71 8.58 4.80
C ALA A 71 1.20 7.41 5.65
N GLU A 72 2.31 6.81 5.24
CA GLU A 72 2.89 5.69 5.96
C GLU A 72 3.41 6.13 7.33
N ALA A 73 4.53 6.81 7.34
CA ALA A 73 5.14 7.29 8.58
C ALA A 73 4.07 7.84 9.53
N ALA A 74 3.15 8.63 8.97
CA ALA A 74 2.08 9.21 9.77
C ALA A 74 1.22 8.13 10.42
N MET A 75 0.94 7.06 9.66
CA MET A 75 0.12 5.97 10.15
C MET A 75 1.01 4.84 10.68
N ASP A 76 1.71 4.16 9.78
CA ASP A 76 2.58 3.06 10.16
C ASP A 76 3.23 3.32 11.52
N GLY A 77 2.67 2.73 12.57
CA GLY A 77 3.19 2.92 13.90
C GLY A 77 2.37 3.90 14.72
N ALA A 78 1.08 3.95 14.45
CA ALA A 78 0.18 4.85 15.16
C ALA A 78 -0.72 4.07 16.13
N GLU A 79 -1.60 4.79 16.82
CA GLU A 79 -2.51 4.17 17.77
C GLU A 79 -3.96 4.30 17.29
N LEU A 80 -4.53 3.20 16.82
CA LEU A 80 -5.90 3.19 16.34
C LEU A 80 -6.59 1.88 16.68
N ASP A 81 -7.83 1.98 17.17
CA ASP A 81 -8.60 0.80 17.54
C ASP A 81 -7.89 0.01 18.63
N GLY A 82 -7.09 0.70 19.43
CA GLY A 82 -6.37 0.05 20.51
C GLY A 82 -5.26 -0.85 19.99
N ARG A 83 -5.09 -0.90 18.68
CA ARG A 83 -4.06 -1.72 18.07
C ARG A 83 -3.07 -0.87 17.27
N GLU A 84 -1.94 -1.47 16.91
CA GLU A 84 -0.92 -0.76 16.15
C GLU A 84 -1.00 -1.12 14.67
N LEU A 85 -1.92 -0.46 13.96
CA LEU A 85 -2.10 -0.71 12.53
C LEU A 85 -0.76 -0.76 11.81
N ARG A 86 -0.63 -1.68 10.87
CA ARG A 86 0.60 -1.83 10.10
C ARG A 86 0.42 -1.34 8.67
N VAL A 87 0.48 -0.02 8.48
CA VAL A 87 0.31 0.57 7.16
C VAL A 87 1.66 0.94 6.56
N GLN A 88 2.39 -0.07 6.09
CA GLN A 88 3.70 0.15 5.49
C GLN A 88 3.82 -0.60 4.16
N VAL A 89 4.82 -0.22 3.37
CA VAL A 89 5.03 -0.84 2.07
C VAL A 89 5.06 -2.36 2.18
N ALA A 90 4.58 -3.04 1.15
CA ALA A 90 4.55 -4.50 1.14
C ALA A 90 5.91 -5.07 0.73
N ARG A 91 6.65 -5.58 1.71
CA ARG A 91 7.96 -6.15 1.44
C ARG A 91 8.06 -7.55 2.02
N TYR A 92 8.40 -8.52 1.17
CA TYR A 92 8.53 -9.91 1.58
C TYR A 92 9.98 -10.27 1.85
N GLY A 93 10.24 -10.81 3.04
CA GLY A 93 11.60 -11.19 3.39
C GLY A 93 12.63 -10.23 2.87
N ARG A 94 12.40 -8.94 3.09
CA ARG A 94 13.33 -7.90 2.63
C ARG A 94 14.78 -8.35 2.81
N ARG A 95 15.67 -7.76 2.03
CA ARG A 95 17.08 -8.10 2.10
C ARG A 95 17.95 -6.93 1.62
N ASP A 96 19.21 -6.93 2.03
CA ASP A 96 20.14 -5.87 1.64
C ASP A 96 21.32 -6.44 0.85
N LEU A 97 21.99 -5.59 0.10
CA LEU A 97 23.13 -6.01 -0.70
C LEU A 97 24.26 -4.99 -0.62
N SER A 98 25.49 -5.48 -0.50
CA SER A 98 26.65 -4.61 -0.40
C SER A 98 26.80 -3.77 -1.67
N GLY A 99 26.59 -4.39 -2.82
CA GLY A 99 26.71 -3.68 -4.08
C GLY A 99 27.46 -4.48 -5.13
N PRO A 100 27.67 -3.87 -6.30
CA PRO A 100 28.39 -4.51 -7.41
C PRO A 100 29.89 -4.51 -7.21
N SER A 101 30.32 -4.24 -5.97
CA SER A 101 31.74 -4.20 -5.65
C SER A 101 32.47 -3.17 -6.51
N SER A 102 31.86 -2.00 -6.66
CA SER A 102 32.44 -0.93 -7.47
C SER A 102 32.66 0.32 -6.63
N GLY A 103 33.90 0.78 -6.55
CA GLY A 103 34.22 1.96 -5.78
C GLY A 103 34.70 1.63 -4.38
N GLY A 1 13.48 0.74 -18.43
CA GLY A 1 13.82 0.82 -19.84
C GLY A 1 12.67 1.36 -20.68
N SER A 2 12.10 2.47 -20.24
CA SER A 2 10.99 3.10 -20.95
C SER A 2 10.69 4.47 -20.39
N SER A 3 9.82 5.21 -21.08
CA SER A 3 9.44 6.55 -20.65
C SER A 3 8.19 6.50 -19.77
N GLY A 4 7.21 5.70 -20.19
CA GLY A 4 5.98 5.59 -19.43
C GLY A 4 4.75 5.82 -20.28
N SER A 5 4.24 4.76 -20.90
CA SER A 5 3.07 4.86 -21.76
C SER A 5 1.84 5.25 -20.94
N SER A 6 1.17 6.31 -21.37
CA SER A 6 -0.02 6.80 -20.69
C SER A 6 -1.15 5.77 -20.75
N GLY A 7 -1.83 5.57 -19.63
CA GLY A 7 -2.92 4.62 -19.57
C GLY A 7 -3.23 4.17 -18.17
N PRO A 8 -4.25 3.30 -18.02
CA PRO A 8 -4.67 2.78 -16.73
C PRO A 8 -3.73 1.69 -16.20
N ASP A 9 -3.12 0.95 -17.13
CA ASP A 9 -2.20 -0.11 -16.77
C ASP A 9 -1.30 0.31 -15.60
N VAL A 10 -0.93 -0.66 -14.76
CA VAL A 10 -0.08 -0.39 -13.61
C VAL A 10 0.87 -1.54 -13.34
N ASP A 11 2.15 -1.29 -13.53
CA ASP A 11 3.18 -2.31 -13.32
C ASP A 11 3.56 -2.40 -11.84
N GLY A 12 4.27 -1.38 -11.36
CA GLY A 12 4.69 -1.36 -9.97
C GLY A 12 5.46 -0.11 -9.62
N MET A 13 4.75 0.94 -9.23
CA MET A 13 5.39 2.20 -8.86
C MET A 13 5.47 2.34 -7.35
N ILE A 14 4.32 2.23 -6.68
CA ILE A 14 4.26 2.36 -5.23
C ILE A 14 3.13 1.51 -4.65
N THR A 15 3.48 0.55 -3.81
CA THR A 15 2.49 -0.32 -3.18
C THR A 15 2.66 -0.35 -1.67
N LEU A 16 1.64 0.09 -0.96
CA LEU A 16 1.66 0.12 0.49
C LEU A 16 0.74 -0.95 1.08
N LYS A 17 1.33 -1.85 1.86
CA LYS A 17 0.56 -2.94 2.48
C LYS A 17 0.08 -2.53 3.88
N VAL A 18 -1.14 -2.92 4.22
CA VAL A 18 -1.70 -2.60 5.53
C VAL A 18 -2.19 -3.86 6.24
N ASP A 19 -1.79 -4.01 7.50
CA ASP A 19 -2.19 -5.17 8.29
C ASP A 19 -3.00 -4.74 9.51
N ASN A 20 -3.55 -5.72 10.21
CA ASN A 20 -4.36 -5.44 11.40
C ASN A 20 -5.56 -4.58 11.06
N LEU A 21 -6.31 -4.99 10.05
CA LEU A 21 -7.50 -4.25 9.62
C LEU A 21 -8.77 -5.01 9.98
N THR A 22 -9.56 -4.44 10.87
CA THR A 22 -10.81 -5.06 11.31
C THR A 22 -11.82 -5.10 10.17
N TYR A 23 -12.73 -6.07 10.23
CA TYR A 23 -13.75 -6.22 9.20
C TYR A 23 -14.36 -4.86 8.83
N ARG A 24 -14.87 -4.16 9.82
CA ARG A 24 -15.48 -2.86 9.61
C ARG A 24 -14.73 -2.08 8.52
N THR A 25 -13.42 -2.31 8.43
CA THR A 25 -12.60 -1.63 7.44
C THR A 25 -13.14 -1.85 6.03
N SER A 26 -13.52 -0.77 5.37
CA SER A 26 -14.05 -0.84 4.01
C SER A 26 -13.17 -0.07 3.04
N PRO A 27 -13.23 -0.46 1.75
CA PRO A 27 -12.45 0.18 0.69
C PRO A 27 -12.49 1.70 0.79
N ASP A 28 -13.67 2.24 1.01
CA ASP A 28 -13.84 3.69 1.13
C ASP A 28 -13.00 4.25 2.27
N SER A 29 -13.12 3.63 3.43
CA SER A 29 -12.37 4.07 4.62
C SER A 29 -10.88 3.89 4.41
N LEU A 30 -10.47 2.66 4.10
CA LEU A 30 -9.06 2.35 3.88
C LEU A 30 -8.44 3.34 2.90
N ARG A 31 -9.25 3.84 1.97
CA ARG A 31 -8.78 4.80 0.97
C ARG A 31 -8.55 6.17 1.60
N ARG A 32 -9.55 6.65 2.32
CA ARG A 32 -9.46 7.95 2.97
C ARG A 32 -8.21 8.04 3.84
N VAL A 33 -7.83 6.92 4.43
CA VAL A 33 -6.64 6.87 5.29
C VAL A 33 -5.46 7.56 4.63
N PHE A 34 -5.21 7.24 3.36
CA PHE A 34 -4.11 7.84 2.63
C PHE A 34 -4.60 8.98 1.74
N GLU A 35 -5.89 8.95 1.40
CA GLU A 35 -6.49 9.98 0.56
C GLU A 35 -6.21 11.38 1.13
N LYS A 36 -6.16 11.46 2.45
CA LYS A 36 -5.91 12.73 3.12
C LYS A 36 -4.61 13.37 2.61
N TYR A 37 -3.62 12.53 2.36
CA TYR A 37 -2.33 13.01 1.87
C TYR A 37 -2.22 12.82 0.35
N GLY A 38 -2.36 11.57 -0.09
CA GLY A 38 -2.27 11.28 -1.51
C GLY A 38 -3.38 10.39 -1.99
N ARG A 39 -3.75 10.52 -3.26
CA ARG A 39 -4.83 9.72 -3.84
C ARG A 39 -4.50 8.23 -3.76
N VAL A 40 -5.44 7.40 -4.16
CA VAL A 40 -5.25 5.96 -4.13
C VAL A 40 -5.45 5.35 -5.52
N GLY A 41 -4.36 4.87 -6.12
CA GLY A 41 -4.43 4.28 -7.44
C GLY A 41 -5.42 3.13 -7.49
N ASP A 42 -5.39 2.27 -6.49
CA ASP A 42 -6.30 1.12 -6.43
C ASP A 42 -6.32 0.53 -5.02
N VAL A 43 -7.50 0.07 -4.61
CA VAL A 43 -7.67 -0.53 -3.30
C VAL A 43 -8.01 -2.01 -3.40
N TYR A 44 -7.31 -2.83 -2.62
CA TYR A 44 -7.54 -4.27 -2.64
C TYR A 44 -7.76 -4.79 -1.22
N ILE A 45 -8.87 -5.51 -1.03
CA ILE A 45 -9.18 -6.07 0.28
C ILE A 45 -9.62 -7.53 0.16
N PRO A 46 -8.67 -8.45 0.37
CA PRO A 46 -8.93 -9.88 0.28
C PRO A 46 -9.69 -10.41 1.50
N ARG A 47 -10.12 -11.66 1.43
CA ARG A 47 -10.87 -12.27 2.53
C ARG A 47 -10.55 -13.76 2.63
N GLU A 48 -10.69 -14.31 3.84
CA GLU A 48 -10.41 -15.72 4.07
C GLU A 48 -10.98 -16.58 2.94
N PRO A 49 -10.44 -17.80 2.80
CA PRO A 49 -10.87 -18.75 1.77
C PRO A 49 -12.21 -19.40 2.11
N HIS A 50 -12.38 -19.73 3.39
CA HIS A 50 -13.62 -20.36 3.85
C HIS A 50 -14.66 -19.32 4.23
N THR A 51 -14.29 -18.43 5.14
CA THR A 51 -15.19 -17.37 5.60
C THR A 51 -15.17 -16.19 4.64
N LYS A 52 -16.11 -15.27 4.82
CA LYS A 52 -16.20 -14.08 3.99
C LYS A 52 -15.78 -12.83 4.76
N ALA A 53 -14.64 -12.92 5.43
CA ALA A 53 -14.12 -11.79 6.21
C ALA A 53 -12.66 -11.53 5.89
N PRO A 54 -12.28 -10.25 5.86
CA PRO A 54 -10.90 -9.84 5.57
C PRO A 54 -9.88 -10.63 6.36
N ARG A 55 -9.07 -11.42 5.66
CA ARG A 55 -8.05 -12.23 6.30
C ARG A 55 -7.35 -11.46 7.42
N GLY A 56 -6.54 -10.48 7.03
CA GLY A 56 -5.83 -9.67 8.01
C GLY A 56 -4.80 -8.76 7.38
N PHE A 57 -5.07 -8.32 6.15
CA PHE A 57 -4.17 -7.44 5.44
C PHE A 57 -4.78 -6.98 4.12
N ALA A 58 -4.30 -5.85 3.61
CA ALA A 58 -4.80 -5.30 2.35
C ALA A 58 -3.66 -4.74 1.50
N PHE A 59 -3.97 -4.39 0.26
CA PHE A 59 -2.98 -3.84 -0.65
C PHE A 59 -3.47 -2.54 -1.28
N VAL A 60 -2.77 -1.46 -0.98
CA VAL A 60 -3.12 -0.14 -1.51
C VAL A 60 -2.02 0.41 -2.41
N ARG A 61 -2.42 0.99 -3.54
CA ARG A 61 -1.47 1.56 -4.48
C ARG A 61 -1.53 3.07 -4.46
N PHE A 62 -0.36 3.71 -4.56
CA PHE A 62 -0.27 5.17 -4.55
C PHE A 62 0.07 5.70 -5.94
N HIS A 63 -0.16 6.99 -6.14
CA HIS A 63 0.14 7.62 -7.43
C HIS A 63 1.50 8.30 -7.41
N ASP A 64 1.94 8.70 -6.22
CA ASP A 64 3.23 9.37 -6.07
C ASP A 64 4.09 8.64 -5.04
N ARG A 65 5.32 9.13 -4.86
CA ARG A 65 6.25 8.51 -3.91
C ARG A 65 6.36 9.36 -2.64
N ARG A 66 6.51 10.66 -2.81
CA ARG A 66 6.63 11.57 -1.68
C ARG A 66 5.43 11.45 -0.76
N ASP A 67 4.31 11.00 -1.31
CA ASP A 67 3.08 10.83 -0.53
C ASP A 67 3.11 9.53 0.26
N ALA A 68 3.49 8.44 -0.41
CA ALA A 68 3.56 7.14 0.23
C ALA A 68 4.59 7.14 1.37
N GLN A 69 5.51 8.09 1.32
CA GLN A 69 6.55 8.20 2.34
C GLN A 69 6.03 8.96 3.56
N ASP A 70 5.08 9.85 3.32
CA ASP A 70 4.50 10.65 4.41
C ASP A 70 3.40 9.86 5.13
N ALA A 71 2.47 9.31 4.36
CA ALA A 71 1.38 8.54 4.92
C ALA A 71 1.90 7.43 5.83
N GLU A 72 2.96 6.77 5.38
CA GLU A 72 3.56 5.67 6.15
C GLU A 72 4.02 6.16 7.52
N ALA A 73 5.07 6.97 7.54
CA ALA A 73 5.60 7.51 8.78
C ALA A 73 4.49 8.02 9.69
N ALA A 74 3.43 8.56 9.07
CA ALA A 74 2.30 9.08 9.83
C ALA A 74 1.51 7.96 10.48
N MET A 75 1.06 7.00 9.68
CA MET A 75 0.30 5.87 10.18
C MET A 75 1.21 4.88 10.91
N ASP A 76 2.04 4.18 10.14
CA ASP A 76 2.96 3.21 10.70
C ASP A 76 3.44 3.65 12.08
N GLY A 77 2.84 3.10 13.12
CA GLY A 77 3.22 3.44 14.48
C GLY A 77 2.21 4.35 15.15
N ALA A 78 0.96 4.27 14.71
CA ALA A 78 -0.10 5.09 15.27
C ALA A 78 -0.98 4.28 16.21
N GLU A 79 -2.00 4.92 16.78
CA GLU A 79 -2.92 4.26 17.69
C GLU A 79 -4.35 4.26 17.14
N LEU A 80 -4.85 3.07 16.82
CA LEU A 80 -6.21 2.94 16.28
C LEU A 80 -6.81 1.59 16.65
N ASP A 81 -8.11 1.57 16.88
CA ASP A 81 -8.81 0.35 17.24
C ASP A 81 -8.07 -0.40 18.34
N GLY A 82 -7.62 0.34 19.35
CA GLY A 82 -6.90 -0.26 20.45
C GLY A 82 -5.76 -1.14 19.99
N ARG A 83 -5.20 -0.81 18.84
CA ARG A 83 -4.09 -1.59 18.28
C ARG A 83 -3.14 -0.69 17.51
N GLU A 84 -2.11 -1.30 16.92
CA GLU A 84 -1.12 -0.55 16.15
C GLU A 84 -1.09 -1.02 14.69
N LEU A 85 -1.93 -0.40 13.87
CA LEU A 85 -2.01 -0.74 12.46
C LEU A 85 -0.62 -0.73 11.82
N ARG A 86 -0.34 -1.73 10.99
CA ARG A 86 0.94 -1.83 10.31
C ARG A 86 0.84 -1.35 8.87
N VAL A 87 0.98 -0.04 8.67
CA VAL A 87 0.89 0.55 7.35
C VAL A 87 2.29 0.75 6.75
N GLN A 88 2.78 -0.27 6.05
CA GLN A 88 4.10 -0.20 5.44
C GLN A 88 4.10 -0.87 4.06
N VAL A 89 5.15 -0.65 3.30
CA VAL A 89 5.27 -1.22 1.97
C VAL A 89 5.13 -2.74 2.01
N ALA A 90 4.62 -3.32 0.94
CA ALA A 90 4.44 -4.76 0.85
C ALA A 90 5.79 -5.49 0.89
N ARG A 91 6.51 -5.41 -0.22
CA ARG A 91 7.82 -6.06 -0.32
C ARG A 91 8.93 -5.11 0.13
N TYR A 92 9.82 -5.61 0.98
CA TYR A 92 10.93 -4.82 1.49
C TYR A 92 12.26 -5.53 1.29
N GLY A 93 13.33 -4.76 1.19
CA GLY A 93 14.65 -5.35 1.01
C GLY A 93 15.70 -4.32 0.63
N ARG A 94 16.93 -4.77 0.45
CA ARG A 94 18.03 -3.87 0.08
C ARG A 94 17.62 -2.96 -1.07
N ARG A 95 17.67 -1.66 -0.83
CA ARG A 95 17.31 -0.67 -1.84
C ARG A 95 18.49 0.22 -2.19
N ASP A 96 19.26 -0.18 -3.21
CA ASP A 96 20.42 0.59 -3.63
C ASP A 96 20.25 1.05 -5.08
N LEU A 97 20.71 2.28 -5.35
CA LEU A 97 20.62 2.84 -6.69
C LEU A 97 21.04 1.82 -7.74
N SER A 98 22.30 1.43 -7.70
CA SER A 98 22.84 0.45 -8.65
C SER A 98 22.82 1.02 -10.07
N GLY A 99 23.19 2.28 -10.21
CA GLY A 99 23.21 2.92 -11.51
C GLY A 99 24.48 3.72 -11.74
N PRO A 100 24.57 4.35 -12.93
CA PRO A 100 25.73 5.16 -13.30
C PRO A 100 25.72 6.53 -12.63
N SER A 101 25.35 6.56 -11.36
CA SER A 101 25.28 7.81 -10.61
C SER A 101 26.52 8.67 -10.88
N SER A 102 26.36 9.68 -11.72
CA SER A 102 27.47 10.57 -12.06
C SER A 102 28.03 11.24 -10.82
N GLY A 103 27.15 11.83 -10.01
CA GLY A 103 27.58 12.50 -8.80
C GLY A 103 26.61 12.30 -7.65
N GLY A 1 15.73 4.74 -12.25
CA GLY A 1 14.38 5.11 -11.88
C GLY A 1 14.06 6.55 -12.21
N SER A 2 13.33 6.76 -13.29
CA SER A 2 12.96 8.11 -13.72
C SER A 2 11.48 8.19 -14.03
N SER A 3 10.81 9.19 -13.47
CA SER A 3 9.38 9.39 -13.68
C SER A 3 8.98 8.98 -15.10
N GLY A 4 7.74 8.55 -15.25
CA GLY A 4 7.25 8.14 -16.56
C GLY A 4 6.04 7.24 -16.47
N SER A 5 4.88 7.84 -16.20
CA SER A 5 3.64 7.10 -16.08
C SER A 5 2.43 8.00 -16.32
N SER A 6 1.51 7.53 -17.16
CA SER A 6 0.31 8.30 -17.47
C SER A 6 -0.81 7.39 -17.98
N GLY A 7 -2.04 7.86 -17.88
CA GLY A 7 -3.17 7.08 -18.33
C GLY A 7 -4.28 7.01 -17.30
N PRO A 8 -5.43 6.44 -17.70
CA PRO A 8 -6.59 6.30 -16.81
C PRO A 8 -6.42 5.16 -15.80
N ASP A 9 -6.07 3.99 -16.30
CA ASP A 9 -5.87 2.82 -15.44
C ASP A 9 -4.43 2.76 -14.93
N VAL A 10 -4.28 2.35 -13.68
CA VAL A 10 -2.96 2.24 -13.07
C VAL A 10 -2.45 0.81 -13.11
N ASP A 11 -1.17 0.65 -13.42
CA ASP A 11 -0.56 -0.67 -13.50
C ASP A 11 0.10 -1.04 -12.17
N GLY A 12 0.80 -0.09 -11.58
CA GLY A 12 1.47 -0.33 -10.31
C GLY A 12 2.81 0.36 -10.22
N MET A 13 2.88 1.42 -9.42
CA MET A 13 4.12 2.17 -9.25
C MET A 13 4.57 2.16 -7.79
N ILE A 14 3.62 2.38 -6.89
CA ILE A 14 3.91 2.39 -5.46
C ILE A 14 2.73 1.85 -4.65
N THR A 15 2.88 0.63 -4.15
CA THR A 15 1.83 0.01 -3.35
C THR A 15 2.18 0.01 -1.88
N LEU A 16 1.17 0.08 -1.02
CA LEU A 16 1.38 0.08 0.42
C LEU A 16 0.71 -1.13 1.07
N LYS A 17 1.37 -1.69 2.08
CA LYS A 17 0.83 -2.85 2.79
C LYS A 17 0.16 -2.43 4.09
N VAL A 18 -1.02 -3.01 4.35
CA VAL A 18 -1.77 -2.69 5.56
C VAL A 18 -2.20 -3.97 6.29
N ASP A 19 -1.97 -3.99 7.60
CA ASP A 19 -2.34 -5.15 8.41
C ASP A 19 -3.26 -4.74 9.55
N ASN A 20 -3.64 -5.71 10.38
CA ASN A 20 -4.51 -5.45 11.52
C ASN A 20 -5.75 -4.67 11.09
N LEU A 21 -6.41 -5.16 10.04
CA LEU A 21 -7.61 -4.51 9.51
C LEU A 21 -8.86 -5.31 9.87
N THR A 22 -9.56 -4.87 10.90
CA THR A 22 -10.77 -5.55 11.34
C THR A 22 -11.83 -5.57 10.24
N TYR A 23 -12.65 -6.60 10.24
CA TYR A 23 -13.70 -6.74 9.23
C TYR A 23 -14.32 -5.38 8.91
N ARG A 24 -14.52 -4.57 9.93
CA ARG A 24 -15.11 -3.24 9.76
C ARG A 24 -14.41 -2.48 8.63
N THR A 25 -13.08 -2.51 8.63
CA THR A 25 -12.29 -1.83 7.62
C THR A 25 -12.90 -2.03 6.23
N SER A 26 -13.21 -0.92 5.56
CA SER A 26 -13.79 -0.98 4.22
C SER A 26 -12.97 -0.15 3.24
N PRO A 27 -13.07 -0.51 1.95
CA PRO A 27 -12.34 0.18 0.88
C PRO A 27 -12.40 1.70 1.01
N ASP A 28 -13.62 2.22 1.13
CA ASP A 28 -13.83 3.65 1.27
C ASP A 28 -12.95 4.22 2.37
N SER A 29 -12.90 3.53 3.51
CA SER A 29 -12.10 3.97 4.64
C SER A 29 -10.60 3.83 4.34
N LEU A 30 -10.17 2.60 4.11
CA LEU A 30 -8.76 2.33 3.81
C LEU A 30 -8.21 3.36 2.83
N ARG A 31 -9.06 3.82 1.91
CA ARG A 31 -8.66 4.80 0.92
C ARG A 31 -8.57 6.18 1.53
N ARG A 32 -9.59 6.57 2.29
CA ARG A 32 -9.61 7.87 2.94
C ARG A 32 -8.51 7.99 3.98
N VAL A 33 -7.86 6.87 4.28
CA VAL A 33 -6.77 6.85 5.25
C VAL A 33 -5.49 7.43 4.66
N PHE A 34 -5.22 7.11 3.40
CA PHE A 34 -4.03 7.61 2.73
C PHE A 34 -4.36 8.80 1.84
N GLU A 35 -5.58 8.80 1.28
CA GLU A 35 -6.02 9.89 0.42
C GLU A 35 -5.71 11.24 1.05
N LYS A 36 -5.75 11.29 2.37
CA LYS A 36 -5.48 12.53 3.10
C LYS A 36 -4.18 13.17 2.61
N TYR A 37 -3.20 12.35 2.25
CA TYR A 37 -1.92 12.84 1.76
C TYR A 37 -1.83 12.71 0.25
N GLY A 38 -1.95 11.48 -0.25
CA GLY A 38 -1.88 11.25 -1.68
C GLY A 38 -3.04 10.41 -2.18
N ARG A 39 -3.55 10.75 -3.36
CA ARG A 39 -4.66 10.03 -3.96
C ARG A 39 -4.33 8.54 -4.10
N VAL A 40 -5.27 7.70 -3.69
CA VAL A 40 -5.08 6.25 -3.77
C VAL A 40 -5.42 5.73 -5.16
N GLY A 41 -4.38 5.33 -5.90
CA GLY A 41 -4.59 4.81 -7.24
C GLY A 41 -5.64 3.72 -7.29
N ASP A 42 -5.61 2.82 -6.31
CA ASP A 42 -6.56 1.72 -6.25
C ASP A 42 -6.52 1.04 -4.88
N VAL A 43 -7.65 0.48 -4.47
CA VAL A 43 -7.74 -0.20 -3.19
C VAL A 43 -8.15 -1.65 -3.36
N TYR A 44 -7.34 -2.56 -2.84
CA TYR A 44 -7.63 -3.99 -2.94
C TYR A 44 -7.48 -4.67 -1.58
N ILE A 45 -8.40 -5.59 -1.29
CA ILE A 45 -8.37 -6.32 -0.02
C ILE A 45 -8.56 -7.82 -0.25
N PRO A 46 -7.44 -8.55 -0.37
CA PRO A 46 -7.45 -9.99 -0.58
C PRO A 46 -8.39 -10.71 0.38
N ARG A 47 -9.24 -11.58 -0.16
CA ARG A 47 -10.19 -12.34 0.64
C ARG A 47 -9.89 -13.83 0.58
N GLU A 48 -10.14 -14.52 1.68
CA GLU A 48 -9.90 -15.96 1.75
C GLU A 48 -10.37 -16.65 0.47
N PRO A 49 -9.58 -17.64 0.01
CA PRO A 49 -9.89 -18.39 -1.21
C PRO A 49 -11.33 -18.89 -1.23
N HIS A 50 -11.81 -19.37 -0.09
CA HIS A 50 -13.18 -19.87 0.03
C HIS A 50 -14.14 -18.74 0.34
N THR A 51 -13.92 -18.06 1.46
CA THR A 51 -14.77 -16.96 1.88
C THR A 51 -14.27 -15.63 1.31
N LYS A 52 -15.19 -14.84 0.76
CA LYS A 52 -14.85 -13.55 0.19
C LYS A 52 -14.76 -12.48 1.27
N ALA A 53 -13.96 -12.74 2.30
CA ALA A 53 -13.79 -11.80 3.39
C ALA A 53 -12.32 -11.41 3.57
N PRO A 54 -12.07 -10.14 3.91
CA PRO A 54 -10.72 -9.62 4.10
C PRO A 54 -9.87 -10.54 4.98
N ARG A 55 -9.04 -11.36 4.34
CA ARG A 55 -8.18 -12.29 5.06
C ARG A 55 -7.62 -11.64 6.32
N GLY A 56 -6.93 -10.53 6.15
CA GLY A 56 -6.35 -9.83 7.30
C GLY A 56 -5.57 -8.59 6.88
N PHE A 57 -4.96 -8.64 5.71
CA PHE A 57 -4.19 -7.51 5.21
C PHE A 57 -4.81 -6.94 3.93
N ALA A 58 -4.27 -5.83 3.46
CA ALA A 58 -4.77 -5.18 2.25
C ALA A 58 -3.66 -4.43 1.54
N PHE A 59 -3.91 -4.07 0.28
CA PHE A 59 -2.93 -3.33 -0.52
C PHE A 59 -3.52 -2.03 -1.04
N VAL A 60 -2.67 -1.02 -1.22
CA VAL A 60 -3.11 0.27 -1.72
C VAL A 60 -2.06 0.89 -2.65
N ARG A 61 -2.44 1.08 -3.91
CA ARG A 61 -1.54 1.66 -4.89
C ARG A 61 -1.51 3.19 -4.78
N PHE A 62 -0.49 3.80 -5.37
CA PHE A 62 -0.35 5.25 -5.34
C PHE A 62 0.24 5.77 -6.65
N HIS A 63 0.36 7.09 -6.75
CA HIS A 63 0.89 7.72 -7.95
C HIS A 63 2.35 8.12 -7.74
N ASP A 64 2.62 8.82 -6.65
CA ASP A 64 3.98 9.26 -6.34
C ASP A 64 4.42 8.74 -4.97
N ARG A 65 5.46 7.91 -4.98
CA ARG A 65 5.97 7.33 -3.74
C ARG A 65 6.05 8.38 -2.64
N ARG A 66 6.42 9.60 -3.03
CA ARG A 66 6.53 10.70 -2.07
C ARG A 66 5.33 10.75 -1.15
N ASP A 67 4.16 11.06 -1.71
CA ASP A 67 2.93 11.13 -0.94
C ASP A 67 2.64 9.80 -0.24
N ALA A 68 3.08 8.71 -0.86
CA ALA A 68 2.87 7.38 -0.31
C ALA A 68 3.88 7.07 0.78
N GLN A 69 4.87 7.95 0.93
CA GLN A 69 5.91 7.77 1.93
C GLN A 69 5.53 8.46 3.24
N ASP A 70 4.87 9.61 3.13
CA ASP A 70 4.45 10.36 4.30
C ASP A 70 3.28 9.67 5.00
N ALA A 71 2.37 9.11 4.21
CA ALA A 71 1.21 8.42 4.75
C ALA A 71 1.63 7.24 5.62
N GLU A 72 2.69 6.54 5.18
CA GLU A 72 3.19 5.38 5.90
C GLU A 72 3.70 5.79 7.29
N ALA A 73 4.86 6.43 7.32
CA ALA A 73 5.46 6.86 8.57
C ALA A 73 4.41 7.45 9.50
N ALA A 74 3.55 8.32 8.96
CA ALA A 74 2.49 8.94 9.75
C ALA A 74 1.69 7.90 10.52
N MET A 75 0.88 7.13 9.80
CA MET A 75 0.06 6.10 10.41
C MET A 75 0.92 5.10 11.19
N ASP A 76 1.75 4.36 10.47
CA ASP A 76 2.63 3.38 11.08
C ASP A 76 3.10 3.85 12.46
N GLY A 77 2.74 3.11 13.48
CA GLY A 77 3.13 3.47 14.84
C GLY A 77 2.15 4.41 15.49
N ALA A 78 0.86 4.19 15.25
CA ALA A 78 -0.18 5.02 15.83
C ALA A 78 -1.12 4.21 16.72
N GLU A 79 -2.04 4.89 17.39
CA GLU A 79 -2.99 4.23 18.28
C GLU A 79 -4.40 4.27 17.69
N LEU A 80 -4.77 3.20 17.00
CA LEU A 80 -6.10 3.11 16.39
C LEU A 80 -6.74 1.76 16.68
N ASP A 81 -8.06 1.73 16.69
CA ASP A 81 -8.81 0.50 16.95
C ASP A 81 -8.22 -0.24 18.15
N GLY A 82 -7.73 0.52 19.13
CA GLY A 82 -7.16 -0.07 20.32
C GLY A 82 -5.98 -0.98 20.00
N ARG A 83 -5.18 -0.59 19.02
CA ARG A 83 -4.02 -1.38 18.61
C ARG A 83 -3.08 -0.55 17.74
N GLU A 84 -1.99 -1.17 17.31
CA GLU A 84 -1.01 -0.49 16.47
C GLU A 84 -1.11 -0.97 15.03
N LEU A 85 -1.98 -0.34 14.25
CA LEU A 85 -2.17 -0.70 12.85
C LEU A 85 -0.84 -0.75 12.12
N ARG A 86 -0.57 -1.88 11.47
CA ARG A 86 0.68 -2.05 10.72
C ARG A 86 0.54 -1.50 9.31
N VAL A 87 0.81 -0.21 9.15
CA VAL A 87 0.72 0.44 7.85
C VAL A 87 2.11 0.74 7.29
N GLN A 88 2.65 -0.20 6.52
CA GLN A 88 3.96 -0.04 5.93
C GLN A 88 3.92 -0.27 4.42
N VAL A 89 5.08 -0.23 3.78
CA VAL A 89 5.17 -0.43 2.34
C VAL A 89 5.41 -1.90 2.01
N ALA A 90 4.58 -2.44 1.12
CA ALA A 90 4.70 -3.84 0.71
C ALA A 90 6.12 -4.14 0.22
N ARG A 91 6.48 -3.55 -0.92
CA ARG A 91 7.80 -3.77 -1.49
C ARG A 91 8.29 -2.51 -2.21
N TYR A 92 9.61 -2.35 -2.28
CA TYR A 92 10.20 -1.19 -2.93
C TYR A 92 11.71 -1.36 -3.07
N GLY A 93 12.32 -0.50 -3.88
CA GLY A 93 13.76 -0.57 -4.09
C GLY A 93 14.19 -1.85 -4.76
N ARG A 94 13.48 -2.22 -5.83
CA ARG A 94 13.80 -3.44 -6.57
C ARG A 94 15.13 -3.30 -7.30
N ARG A 95 16.11 -4.13 -6.91
CA ARG A 95 17.43 -4.11 -7.52
C ARG A 95 17.39 -4.75 -8.91
N ASP A 96 17.69 -3.94 -9.92
CA ASP A 96 17.69 -4.42 -11.30
C ASP A 96 18.86 -5.37 -11.54
N LEU A 97 18.68 -6.63 -11.17
CA LEU A 97 19.73 -7.64 -11.34
C LEU A 97 19.42 -8.56 -12.52
N SER A 98 20.07 -8.30 -13.64
CA SER A 98 19.86 -9.11 -14.84
C SER A 98 19.86 -10.59 -14.51
N GLY A 99 18.69 -11.22 -14.59
CA GLY A 99 18.58 -12.63 -14.28
C GLY A 99 19.64 -13.46 -15.00
N PRO A 100 19.69 -14.76 -14.68
CA PRO A 100 20.66 -15.69 -15.28
C PRO A 100 20.27 -16.09 -16.69
N SER A 101 21.10 -15.71 -17.67
CA SER A 101 20.83 -16.04 -19.05
C SER A 101 21.92 -16.94 -19.62
N SER A 102 21.81 -18.24 -19.35
CA SER A 102 22.79 -19.21 -19.82
C SER A 102 22.18 -20.60 -19.92
N GLY A 103 22.22 -21.19 -21.11
CA GLY A 103 21.66 -22.52 -21.32
C GLY A 103 21.83 -23.00 -22.74
N GLY A 1 19.86 10.12 -1.86
CA GLY A 1 20.13 9.72 -3.23
C GLY A 1 18.88 9.73 -4.09
N SER A 2 18.54 10.89 -4.64
CA SER A 2 17.36 11.02 -5.49
C SER A 2 17.35 12.38 -6.20
N SER A 3 16.53 12.49 -7.23
CA SER A 3 16.43 13.72 -8.00
C SER A 3 14.99 14.23 -8.03
N GLY A 4 14.08 13.38 -8.48
CA GLY A 4 12.67 13.76 -8.54
C GLY A 4 11.84 12.76 -9.32
N SER A 5 10.98 13.27 -10.19
CA SER A 5 10.11 12.42 -10.99
C SER A 5 9.48 13.20 -12.15
N SER A 6 8.86 12.48 -13.07
CA SER A 6 8.22 13.11 -14.22
C SER A 6 6.75 12.72 -14.31
N GLY A 7 6.50 11.43 -14.47
CA GLY A 7 5.13 10.94 -14.56
C GLY A 7 4.96 9.89 -15.64
N PRO A 8 5.32 8.64 -15.31
CA PRO A 8 5.22 7.52 -16.24
C PRO A 8 3.79 7.01 -16.39
N ASP A 9 3.57 6.13 -17.36
CA ASP A 9 2.25 5.57 -17.60
C ASP A 9 1.64 5.02 -16.32
N VAL A 10 0.34 4.74 -16.35
CA VAL A 10 -0.36 4.22 -15.18
C VAL A 10 -0.25 2.69 -15.12
N ASP A 11 0.86 2.20 -14.58
CA ASP A 11 1.08 0.77 -14.47
C ASP A 11 2.34 0.48 -13.64
N GLY A 12 2.18 -0.31 -12.59
CA GLY A 12 3.30 -0.65 -11.74
C GLY A 12 3.76 0.52 -10.89
N MET A 13 2.95 0.89 -9.91
CA MET A 13 3.28 2.00 -9.03
C MET A 13 3.42 1.52 -7.58
N ILE A 14 4.11 2.32 -6.77
CA ILE A 14 4.32 1.97 -5.37
C ILE A 14 3.12 1.24 -4.79
N THR A 15 3.39 0.17 -4.04
CA THR A 15 2.33 -0.62 -3.43
C THR A 15 2.50 -0.70 -1.92
N LEU A 16 1.64 0.02 -1.20
CA LEU A 16 1.69 0.03 0.26
C LEU A 16 0.81 -1.07 0.85
N LYS A 17 1.38 -1.84 1.77
CA LYS A 17 0.64 -2.92 2.42
C LYS A 17 0.06 -2.47 3.75
N VAL A 18 -1.10 -3.01 4.09
CA VAL A 18 -1.78 -2.66 5.34
C VAL A 18 -2.23 -3.91 6.08
N ASP A 19 -1.96 -3.95 7.39
CA ASP A 19 -2.35 -5.09 8.21
C ASP A 19 -3.13 -4.62 9.43
N ASN A 20 -3.79 -5.57 10.10
CA ASN A 20 -4.57 -5.27 11.29
C ASN A 20 -5.82 -4.46 10.92
N LEU A 21 -6.54 -4.92 9.90
CA LEU A 21 -7.74 -4.25 9.45
C LEU A 21 -8.99 -5.02 9.89
N THR A 22 -9.64 -4.53 10.94
CA THR A 22 -10.84 -5.17 11.46
C THR A 22 -11.89 -5.33 10.37
N TYR A 23 -12.71 -6.37 10.49
CA TYR A 23 -13.76 -6.65 9.51
C TYR A 23 -14.44 -5.36 9.07
N ARG A 24 -14.76 -4.50 10.03
CA ARG A 24 -15.41 -3.23 9.74
C ARG A 24 -14.71 -2.52 8.58
N THR A 25 -13.39 -2.55 8.59
CA THR A 25 -12.61 -1.90 7.54
C THR A 25 -13.19 -2.18 6.16
N SER A 26 -13.18 -1.17 5.30
CA SER A 26 -13.71 -1.31 3.95
C SER A 26 -12.95 -0.41 2.97
N PRO A 27 -13.06 -0.72 1.68
CA PRO A 27 -12.40 0.03 0.62
C PRO A 27 -12.54 1.54 0.80
N ASP A 28 -13.69 1.96 1.31
CA ASP A 28 -13.95 3.38 1.55
C ASP A 28 -12.99 3.95 2.58
N SER A 29 -13.14 3.51 3.83
CA SER A 29 -12.28 3.97 4.91
C SER A 29 -10.81 3.81 4.55
N LEU A 30 -10.44 2.60 4.12
CA LEU A 30 -9.07 2.31 3.75
C LEU A 30 -8.53 3.35 2.77
N ARG A 31 -9.37 3.72 1.79
CA ARG A 31 -8.98 4.71 0.80
C ARG A 31 -8.84 6.09 1.42
N ARG A 32 -9.81 6.46 2.25
CA ARG A 32 -9.80 7.77 2.91
C ARG A 32 -8.57 7.91 3.81
N VAL A 33 -8.14 6.79 4.39
CA VAL A 33 -6.98 6.78 5.27
C VAL A 33 -5.78 7.46 4.61
N PHE A 34 -5.56 7.15 3.34
CA PHE A 34 -4.45 7.74 2.60
C PHE A 34 -4.93 8.94 1.78
N GLU A 35 -6.24 9.02 1.55
CA GLU A 35 -6.81 10.12 0.78
C GLU A 35 -6.55 11.46 1.48
N LYS A 36 -6.12 11.39 2.74
CA LYS A 36 -5.83 12.59 3.51
C LYS A 36 -4.53 13.23 3.07
N TYR A 37 -3.66 12.44 2.48
CA TYR A 37 -2.36 12.92 2.01
C TYR A 37 -2.30 12.93 0.48
N GLY A 38 -2.89 11.91 -0.13
CA GLY A 38 -2.89 11.81 -1.58
C GLY A 38 -3.91 10.84 -2.09
N ARG A 39 -4.24 10.94 -3.38
CA ARG A 39 -5.22 10.05 -3.99
C ARG A 39 -4.79 8.59 -3.87
N VAL A 40 -5.76 7.69 -3.95
CA VAL A 40 -5.47 6.26 -3.85
C VAL A 40 -5.61 5.57 -5.21
N GLY A 41 -4.47 5.19 -5.79
CA GLY A 41 -4.48 4.53 -7.08
C GLY A 41 -5.51 3.42 -7.15
N ASP A 42 -5.40 2.46 -6.24
CA ASP A 42 -6.33 1.33 -6.21
C ASP A 42 -6.38 0.71 -4.81
N VAL A 43 -7.55 0.28 -4.40
CA VAL A 43 -7.74 -0.34 -3.09
C VAL A 43 -8.18 -1.80 -3.22
N TYR A 44 -7.25 -2.71 -2.97
CA TYR A 44 -7.54 -4.14 -3.06
C TYR A 44 -7.67 -4.76 -1.67
N ILE A 45 -8.67 -5.60 -1.50
CA ILE A 45 -8.90 -6.26 -0.22
C ILE A 45 -9.15 -7.75 -0.41
N PRO A 46 -8.08 -8.55 -0.30
CA PRO A 46 -8.16 -10.01 -0.45
C PRO A 46 -9.28 -10.62 0.38
N ARG A 47 -10.00 -11.56 -0.22
CA ARG A 47 -11.11 -12.23 0.46
C ARG A 47 -10.81 -13.71 0.65
N GLU A 48 -11.43 -14.31 1.66
CA GLU A 48 -11.23 -15.73 1.95
C GLU A 48 -11.80 -16.59 0.82
N PRO A 49 -11.06 -17.64 0.46
CA PRO A 49 -11.48 -18.57 -0.60
C PRO A 49 -12.92 -19.03 -0.44
N HIS A 50 -13.45 -18.90 0.77
CA HIS A 50 -14.82 -19.30 1.06
C HIS A 50 -15.74 -18.09 1.14
N THR A 51 -15.58 -17.31 2.20
CA THR A 51 -16.39 -16.11 2.40
C THR A 51 -15.76 -14.90 1.74
N LYS A 52 -16.40 -13.74 1.89
CA LYS A 52 -15.90 -12.50 1.30
C LYS A 52 -15.23 -11.63 2.36
N ALA A 53 -14.85 -12.25 3.48
CA ALA A 53 -14.19 -11.53 4.56
C ALA A 53 -12.73 -11.26 4.24
N PRO A 54 -12.23 -10.09 4.67
CA PRO A 54 -10.84 -9.68 4.44
C PRO A 54 -9.87 -10.38 5.39
N ARG A 55 -9.02 -11.23 4.82
CA ARG A 55 -8.04 -11.97 5.60
C ARG A 55 -7.49 -11.10 6.73
N GLY A 56 -7.47 -9.79 6.51
CA GLY A 56 -6.96 -8.88 7.51
C GLY A 56 -5.99 -7.86 6.95
N PHE A 57 -5.40 -8.20 5.80
CA PHE A 57 -4.45 -7.30 5.15
C PHE A 57 -5.03 -6.72 3.87
N ALA A 58 -4.39 -5.67 3.35
CA ALA A 58 -4.85 -5.02 2.14
C ALA A 58 -3.67 -4.52 1.30
N PHE A 59 -3.93 -4.23 0.03
CA PHE A 59 -2.89 -3.74 -0.86
C PHE A 59 -3.34 -2.48 -1.58
N VAL A 60 -2.79 -1.34 -1.18
CA VAL A 60 -3.14 -0.05 -1.77
C VAL A 60 -1.99 0.47 -2.62
N ARG A 61 -2.32 0.97 -3.81
CA ARG A 61 -1.31 1.51 -4.72
C ARG A 61 -1.26 3.03 -4.62
N PHE A 62 -0.06 3.58 -4.73
CA PHE A 62 0.13 5.03 -4.65
C PHE A 62 0.67 5.58 -5.98
N HIS A 63 0.19 6.76 -6.36
CA HIS A 63 0.61 7.39 -7.61
C HIS A 63 2.03 7.93 -7.47
N ASP A 64 2.35 8.44 -6.29
CA ASP A 64 3.68 9.01 -6.03
C ASP A 64 4.37 8.27 -4.89
N ARG A 65 5.64 8.57 -4.69
CA ARG A 65 6.42 7.93 -3.62
C ARG A 65 6.41 8.79 -2.36
N ARG A 66 6.88 10.02 -2.49
CA ARG A 66 6.93 10.94 -1.35
C ARG A 66 5.63 10.89 -0.56
N ASP A 67 4.51 11.07 -1.26
CA ASP A 67 3.20 11.05 -0.61
C ASP A 67 3.05 9.82 0.27
N ALA A 68 3.49 8.67 -0.24
CA ALA A 68 3.41 7.43 0.51
C ALA A 68 4.29 7.47 1.76
N GLN A 69 5.53 7.91 1.58
CA GLN A 69 6.47 8.00 2.69
C GLN A 69 5.86 8.76 3.86
N ASP A 70 5.16 9.84 3.54
CA ASP A 70 4.52 10.66 4.57
C ASP A 70 3.43 9.88 5.30
N ALA A 71 2.50 9.33 4.53
CA ALA A 71 1.39 8.56 5.10
C ALA A 71 1.91 7.45 6.00
N GLU A 72 2.92 6.72 5.53
CA GLU A 72 3.51 5.63 6.30
C GLU A 72 3.95 6.11 7.67
N ALA A 73 5.05 6.87 7.71
CA ALA A 73 5.57 7.40 8.96
C ALA A 73 4.45 7.96 9.83
N ALA A 74 3.47 8.58 9.19
CA ALA A 74 2.34 9.17 9.91
C ALA A 74 1.45 8.08 10.50
N MET A 75 1.34 6.96 9.80
CA MET A 75 0.52 5.85 10.26
C MET A 75 1.38 4.78 10.93
N ASP A 76 2.13 4.04 10.13
CA ASP A 76 3.00 2.98 10.65
C ASP A 76 3.57 3.37 12.01
N GLY A 77 2.96 2.86 13.06
CA GLY A 77 3.43 3.16 14.41
C GLY A 77 2.50 4.11 15.14
N ALA A 78 1.27 4.24 14.65
CA ALA A 78 0.30 5.12 15.27
C ALA A 78 -0.63 4.35 16.21
N GLU A 79 -1.54 5.07 16.84
CA GLU A 79 -2.48 4.45 17.78
C GLU A 79 -3.92 4.62 17.29
N LEU A 80 -4.51 3.52 16.82
CA LEU A 80 -5.88 3.54 16.33
C LEU A 80 -6.53 2.17 16.46
N ASP A 81 -7.85 2.15 16.57
CA ASP A 81 -8.60 0.91 16.71
C ASP A 81 -8.10 0.10 17.90
N GLY A 82 -7.58 0.81 18.91
CA GLY A 82 -7.07 0.14 20.10
C GLY A 82 -5.89 -0.76 19.79
N ARG A 83 -5.13 -0.42 18.75
CA ARG A 83 -3.97 -1.21 18.36
C ARG A 83 -3.08 -0.43 17.40
N GLU A 84 -1.93 -1.00 17.07
CA GLU A 84 -0.99 -0.36 16.16
C GLU A 84 -1.20 -0.84 14.73
N LEU A 85 -1.83 -0.01 13.91
CA LEU A 85 -2.10 -0.35 12.52
C LEU A 85 -0.79 -0.47 11.74
N ARG A 86 -0.62 -1.60 11.04
CA ARG A 86 0.58 -1.83 10.24
C ARG A 86 0.41 -1.30 8.83
N VAL A 87 0.86 -0.07 8.60
CA VAL A 87 0.76 0.55 7.29
C VAL A 87 2.14 0.83 6.70
N GLN A 88 2.68 -0.16 6.00
CA GLN A 88 4.00 -0.02 5.38
C GLN A 88 4.04 -0.73 4.04
N VAL A 89 5.11 -0.50 3.29
CA VAL A 89 5.29 -1.11 1.97
C VAL A 89 5.28 -2.62 2.07
N ALA A 90 4.75 -3.28 1.04
CA ALA A 90 4.68 -4.73 1.01
C ALA A 90 6.08 -5.33 0.87
N ARG A 91 6.17 -6.65 1.02
CA ARG A 91 7.44 -7.35 0.91
C ARG A 91 7.32 -8.58 0.01
N TYR A 92 7.87 -8.49 -1.19
CA TYR A 92 7.82 -9.59 -2.14
C TYR A 92 9.12 -10.38 -2.13
N GLY A 93 9.57 -10.75 -0.94
CA GLY A 93 10.79 -11.52 -0.80
C GLY A 93 11.92 -10.96 -1.65
N ARG A 94 12.61 -11.85 -2.35
CA ARG A 94 13.73 -11.43 -3.21
C ARG A 94 13.42 -11.73 -4.67
N ARG A 95 13.82 -10.82 -5.55
CA ARG A 95 13.58 -10.98 -6.99
C ARG A 95 14.84 -11.50 -7.68
N ASP A 96 14.67 -12.50 -8.54
CA ASP A 96 15.78 -13.08 -9.27
C ASP A 96 16.22 -12.17 -10.41
N LEU A 97 17.30 -11.42 -10.18
CA LEU A 97 17.82 -10.51 -11.18
C LEU A 97 18.00 -11.21 -12.52
N SER A 98 18.28 -10.43 -13.56
CA SER A 98 18.47 -10.98 -14.90
C SER A 98 19.77 -10.48 -15.51
N GLY A 99 20.12 -11.02 -16.68
CA GLY A 99 21.34 -10.61 -17.35
C GLY A 99 21.22 -10.69 -18.86
N PRO A 100 21.90 -9.76 -19.55
CA PRO A 100 21.88 -9.69 -21.01
C PRO A 100 22.78 -10.75 -21.66
N SER A 101 22.86 -10.73 -22.99
CA SER A 101 23.67 -11.69 -23.71
C SER A 101 24.27 -11.05 -24.96
N SER A 102 25.49 -11.45 -25.29
CA SER A 102 26.18 -10.91 -26.47
C SER A 102 27.16 -11.94 -27.04
N GLY A 103 27.67 -11.65 -28.23
CA GLY A 103 28.61 -12.55 -28.87
C GLY A 103 29.16 -12.00 -30.17
N GLY A 1 14.02 -5.33 -17.62
CA GLY A 1 14.51 -6.21 -18.66
C GLY A 1 13.93 -5.85 -20.02
N SER A 2 12.82 -6.48 -20.38
CA SER A 2 12.18 -6.22 -21.66
C SER A 2 11.29 -4.99 -21.59
N SER A 3 11.13 -4.32 -22.73
CA SER A 3 10.32 -3.11 -22.80
C SER A 3 9.16 -3.29 -23.79
N GLY A 4 7.96 -2.90 -23.36
CA GLY A 4 6.80 -3.03 -24.22
C GLY A 4 5.79 -4.03 -23.69
N SER A 5 5.03 -3.61 -22.68
CA SER A 5 4.02 -4.47 -22.08
C SER A 5 2.61 -4.05 -22.50
N SER A 6 1.75 -5.03 -22.75
CA SER A 6 0.38 -4.77 -23.17
C SER A 6 -0.56 -4.77 -21.97
N GLY A 7 -0.87 -3.57 -21.46
CA GLY A 7 -1.75 -3.45 -20.33
C GLY A 7 -2.09 -2.02 -19.99
N PRO A 8 -3.07 -1.82 -19.09
CA PRO A 8 -3.51 -0.49 -18.68
C PRO A 8 -2.34 0.45 -18.39
N ASP A 9 -2.61 1.75 -18.43
CA ASP A 9 -1.57 2.74 -18.17
C ASP A 9 -0.83 2.42 -16.87
N VAL A 10 -1.59 2.20 -15.81
CA VAL A 10 -1.01 1.89 -14.51
C VAL A 10 -0.54 0.44 -14.45
N ASP A 11 0.62 0.23 -13.84
CA ASP A 11 1.19 -1.11 -13.72
C ASP A 11 1.52 -1.44 -12.26
N GLY A 12 2.20 -0.51 -11.60
CA GLY A 12 2.57 -0.71 -10.21
C GLY A 12 3.61 0.29 -9.74
N MET A 13 3.18 1.52 -9.48
CA MET A 13 4.08 2.56 -9.01
C MET A 13 4.54 2.29 -7.58
N ILE A 14 3.60 2.37 -6.65
CA ILE A 14 3.91 2.14 -5.24
C ILE A 14 2.77 1.39 -4.55
N THR A 15 3.11 0.30 -3.86
CA THR A 15 2.12 -0.49 -3.15
C THR A 15 2.39 -0.50 -1.65
N LEU A 16 1.34 -0.23 -0.87
CA LEU A 16 1.46 -0.21 0.58
C LEU A 16 0.66 -1.33 1.22
N LYS A 17 1.31 -2.10 2.10
CA LYS A 17 0.65 -3.20 2.77
C LYS A 17 0.12 -2.78 4.14
N VAL A 18 -1.13 -3.09 4.41
CA VAL A 18 -1.76 -2.73 5.68
C VAL A 18 -2.32 -3.97 6.38
N ASP A 19 -1.74 -4.32 7.52
CA ASP A 19 -2.18 -5.48 8.28
C ASP A 19 -3.02 -5.05 9.48
N ASN A 20 -3.60 -6.02 10.17
CA ASN A 20 -4.42 -5.75 11.34
C ASN A 20 -5.59 -4.83 10.97
N LEU A 21 -6.35 -5.22 9.96
CA LEU A 21 -7.49 -4.44 9.51
C LEU A 21 -8.81 -5.12 9.90
N THR A 22 -9.48 -4.56 10.89
CA THR A 22 -10.75 -5.10 11.37
C THR A 22 -11.73 -5.31 10.21
N TYR A 23 -12.39 -6.46 10.19
CA TYR A 23 -13.34 -6.78 9.14
C TYR A 23 -14.17 -5.55 8.78
N ARG A 24 -14.62 -4.82 9.79
CA ARG A 24 -15.43 -3.62 9.57
C ARG A 24 -14.83 -2.76 8.47
N THR A 25 -13.50 -2.59 8.52
CA THR A 25 -12.80 -1.78 7.52
C THR A 25 -13.42 -1.96 6.15
N SER A 26 -13.29 -0.93 5.31
CA SER A 26 -13.83 -0.98 3.96
C SER A 26 -12.99 -0.13 3.00
N PRO A 27 -13.07 -0.45 1.70
CA PRO A 27 -12.32 0.27 0.67
C PRO A 27 -12.39 1.79 0.85
N ASP A 28 -13.58 2.28 1.16
CA ASP A 28 -13.80 3.71 1.37
C ASP A 28 -12.85 4.26 2.43
N SER A 29 -13.06 3.83 3.68
CA SER A 29 -12.23 4.27 4.79
C SER A 29 -10.75 4.07 4.48
N LEU A 30 -10.37 2.82 4.24
CA LEU A 30 -8.98 2.49 3.93
C LEU A 30 -8.39 3.50 2.96
N ARG A 31 -9.21 3.99 2.04
CA ARG A 31 -8.77 4.96 1.05
C ARG A 31 -8.64 6.36 1.68
N ARG A 32 -9.63 6.73 2.48
CA ARG A 32 -9.63 8.03 3.14
C ARG A 32 -8.49 8.13 4.15
N VAL A 33 -7.86 6.99 4.43
CA VAL A 33 -6.75 6.95 5.38
C VAL A 33 -5.49 7.57 4.78
N PHE A 34 -5.28 7.33 3.50
CA PHE A 34 -4.11 7.86 2.81
C PHE A 34 -4.48 9.11 2.00
N GLU A 35 -5.69 9.10 1.44
CA GLU A 35 -6.15 10.23 0.65
C GLU A 35 -5.83 11.56 1.33
N LYS A 36 -5.89 11.57 2.66
CA LYS A 36 -5.59 12.76 3.43
C LYS A 36 -4.28 13.40 2.97
N TYR A 37 -3.30 12.58 2.66
CA TYR A 37 -2.00 13.05 2.20
C TYR A 37 -1.82 12.81 0.71
N GLY A 38 -2.09 11.59 0.28
CA GLY A 38 -1.95 11.24 -1.12
C GLY A 38 -3.06 10.32 -1.60
N ARG A 39 -3.50 10.53 -2.84
CA ARG A 39 -4.57 9.72 -3.42
C ARG A 39 -4.13 8.24 -3.51
N VAL A 40 -5.11 7.35 -3.50
CA VAL A 40 -4.84 5.92 -3.59
C VAL A 40 -5.10 5.39 -4.99
N GLY A 41 -4.04 5.01 -5.70
CA GLY A 41 -4.19 4.49 -7.04
C GLY A 41 -5.26 3.43 -7.15
N ASP A 42 -5.25 2.49 -6.21
CA ASP A 42 -6.23 1.40 -6.20
C ASP A 42 -6.25 0.70 -4.85
N VAL A 43 -7.44 0.54 -4.29
CA VAL A 43 -7.60 -0.12 -2.99
C VAL A 43 -8.05 -1.57 -3.17
N TYR A 44 -7.21 -2.50 -2.71
CA TYR A 44 -7.52 -3.92 -2.81
C TYR A 44 -7.62 -4.55 -1.43
N ILE A 45 -8.67 -5.34 -1.22
CA ILE A 45 -8.88 -6.01 0.05
C ILE A 45 -9.19 -7.49 -0.15
N PRO A 46 -8.16 -8.34 -0.03
CA PRO A 46 -8.29 -9.79 -0.19
C PRO A 46 -9.52 -10.34 0.53
N ARG A 47 -10.20 -11.28 -0.11
CA ARG A 47 -11.39 -11.89 0.47
C ARG A 47 -11.25 -13.40 0.55
N GLU A 48 -11.95 -14.02 1.49
CA GLU A 48 -11.90 -15.47 1.67
C GLU A 48 -12.67 -16.18 0.55
N PRO A 49 -12.07 -17.25 0.01
CA PRO A 49 -12.68 -18.04 -1.06
C PRO A 49 -14.12 -18.39 -0.78
N HIS A 50 -14.45 -18.63 0.49
CA HIS A 50 -15.80 -18.97 0.88
C HIS A 50 -16.58 -17.72 1.30
N THR A 51 -16.15 -17.10 2.38
CA THR A 51 -16.82 -15.89 2.88
C THR A 51 -16.24 -14.64 2.23
N LYS A 52 -17.11 -13.69 1.93
CA LYS A 52 -16.69 -12.44 1.30
C LYS A 52 -16.18 -11.45 2.34
N ALA A 53 -15.22 -11.89 3.15
CA ALA A 53 -14.64 -11.05 4.19
C ALA A 53 -13.12 -11.02 4.09
N PRO A 54 -12.51 -9.99 4.68
CA PRO A 54 -11.05 -9.82 4.67
C PRO A 54 -10.36 -10.74 5.67
N ARG A 55 -9.05 -10.93 5.49
CA ARG A 55 -8.28 -11.78 6.38
C ARG A 55 -7.53 -10.95 7.42
N GLY A 56 -6.97 -9.83 6.99
CA GLY A 56 -6.23 -8.97 7.89
C GLY A 56 -5.33 -7.99 7.17
N PHE A 57 -4.74 -8.44 6.07
CA PHE A 57 -3.85 -7.59 5.28
C PHE A 57 -4.56 -7.05 4.05
N ALA A 58 -4.06 -5.93 3.52
CA ALA A 58 -4.64 -5.31 2.35
C ALA A 58 -3.58 -4.65 1.48
N PHE A 59 -3.96 -4.27 0.27
CA PHE A 59 -3.03 -3.63 -0.65
C PHE A 59 -3.56 -2.26 -1.09
N VAL A 60 -2.65 -1.29 -1.15
CA VAL A 60 -3.02 0.07 -1.56
C VAL A 60 -2.02 0.63 -2.56
N ARG A 61 -2.51 0.99 -3.73
CA ARG A 61 -1.67 1.55 -4.78
C ARG A 61 -1.59 3.07 -4.68
N PHE A 62 -0.45 3.63 -5.07
CA PHE A 62 -0.25 5.08 -5.01
C PHE A 62 0.31 5.60 -6.33
N HIS A 63 -0.01 6.84 -6.66
CA HIS A 63 0.47 7.45 -7.89
C HIS A 63 1.89 7.96 -7.73
N ASP A 64 2.15 8.66 -6.63
CA ASP A 64 3.47 9.21 -6.36
C ASP A 64 4.17 8.41 -5.26
N ARG A 65 5.42 8.77 -4.97
CA ARG A 65 6.19 8.09 -3.94
C ARG A 65 6.30 8.94 -2.68
N ARG A 66 6.51 10.24 -2.87
CA ARG A 66 6.63 11.17 -1.75
C ARG A 66 5.34 11.21 -0.93
N ASP A 67 4.23 11.40 -1.62
CA ASP A 67 2.92 11.46 -0.96
C ASP A 67 2.65 10.18 -0.18
N ALA A 68 3.18 9.07 -0.67
CA ALA A 68 2.99 7.77 -0.02
C ALA A 68 3.87 7.66 1.21
N GLN A 69 5.07 8.23 1.14
CA GLN A 69 6.01 8.18 2.25
C GLN A 69 5.41 8.81 3.50
N ASP A 70 4.76 9.96 3.32
CA ASP A 70 4.14 10.67 4.44
C ASP A 70 3.06 9.81 5.08
N ALA A 71 2.15 9.28 4.26
CA ALA A 71 1.07 8.45 4.74
C ALA A 71 1.60 7.25 5.54
N GLU A 72 2.57 6.54 4.97
CA GLU A 72 3.16 5.39 5.62
C GLU A 72 3.69 5.76 7.00
N ALA A 73 4.69 6.65 7.03
CA ALA A 73 5.29 7.08 8.28
C ALA A 73 4.23 7.58 9.26
N ALA A 74 3.38 8.48 8.79
CA ALA A 74 2.32 9.04 9.61
C ALA A 74 1.45 7.94 10.21
N MET A 75 1.19 6.90 9.42
CA MET A 75 0.39 5.78 9.88
C MET A 75 1.23 4.80 10.70
N ASP A 76 2.06 4.03 10.02
CA ASP A 76 2.92 3.05 10.69
C ASP A 76 3.38 3.57 12.05
N GLY A 77 2.76 3.05 13.11
CA GLY A 77 3.13 3.47 14.45
C GLY A 77 2.10 4.41 15.05
N ALA A 78 0.83 4.19 14.73
CA ALA A 78 -0.25 5.02 15.24
C ALA A 78 -1.16 4.22 16.17
N GLU A 79 -2.06 4.92 16.85
CA GLU A 79 -3.00 4.28 17.77
C GLU A 79 -4.43 4.38 17.24
N LEU A 80 -4.88 3.32 16.57
CA LEU A 80 -6.22 3.28 16.02
C LEU A 80 -6.94 2.00 16.42
N ASP A 81 -8.15 2.14 16.97
CA ASP A 81 -8.94 0.99 17.38
C ASP A 81 -8.22 0.22 18.49
N GLY A 82 -7.38 0.92 19.24
CA GLY A 82 -6.65 0.29 20.32
C GLY A 82 -5.52 -0.61 19.82
N ARG A 83 -5.35 -0.64 18.51
CA ARG A 83 -4.31 -1.47 17.90
C ARG A 83 -3.32 -0.60 17.13
N GLU A 84 -2.20 -1.21 16.72
CA GLU A 84 -1.17 -0.49 15.96
C GLU A 84 -1.18 -0.91 14.50
N LEU A 85 -2.14 -0.37 13.75
CA LEU A 85 -2.25 -0.69 12.33
C LEU A 85 -0.89 -0.71 11.65
N ARG A 86 -0.55 -1.85 11.06
CA ARG A 86 0.73 -1.99 10.38
C ARG A 86 0.66 -1.47 8.95
N VAL A 87 0.77 -0.16 8.80
CA VAL A 87 0.72 0.48 7.49
C VAL A 87 2.12 0.73 6.94
N GLN A 88 2.68 -0.28 6.28
CA GLN A 88 4.02 -0.17 5.71
C GLN A 88 4.07 -0.79 4.32
N VAL A 89 5.12 -0.47 3.57
CA VAL A 89 5.28 -1.01 2.23
C VAL A 89 5.57 -2.50 2.26
N ALA A 90 4.90 -3.25 1.38
CA ALA A 90 5.09 -4.69 1.31
C ALA A 90 6.55 -5.06 1.54
N ARG A 91 7.42 -4.65 0.63
CA ARG A 91 8.84 -4.95 0.76
C ARG A 91 9.69 -3.74 0.38
N TYR A 92 10.95 -3.75 0.79
CA TYR A 92 11.86 -2.66 0.51
C TYR A 92 12.28 -2.66 -0.97
N GLY A 93 12.99 -1.62 -1.37
CA GLY A 93 13.44 -1.52 -2.75
C GLY A 93 14.77 -0.81 -2.88
N ARG A 94 15.81 -1.56 -3.23
CA ARG A 94 17.14 -0.98 -3.38
C ARG A 94 17.21 -0.08 -4.61
N ARG A 95 17.60 1.18 -4.40
CA ARG A 95 17.69 2.14 -5.49
C ARG A 95 19.07 2.09 -6.13
N ASP A 96 19.12 1.69 -7.39
CA ASP A 96 20.38 1.59 -8.13
C ASP A 96 20.35 2.50 -9.35
N LEU A 97 21.51 3.10 -9.65
CA LEU A 97 21.62 3.99 -10.81
C LEU A 97 22.98 3.84 -11.48
N SER A 98 23.04 4.19 -12.76
CA SER A 98 24.29 4.09 -13.52
C SER A 98 24.51 5.34 -14.36
N GLY A 99 25.69 5.96 -14.19
CA GLY A 99 26.00 7.15 -14.95
C GLY A 99 26.67 8.21 -14.09
N PRO A 100 27.53 9.03 -14.71
CA PRO A 100 28.25 10.11 -14.02
C PRO A 100 27.37 11.32 -13.74
N SER A 101 26.83 11.40 -12.54
CA SER A 101 25.97 12.50 -12.15
C SER A 101 26.64 13.84 -12.42
N SER A 102 26.15 14.55 -13.43
CA SER A 102 26.71 15.85 -13.80
C SER A 102 25.82 16.99 -13.31
N GLY A 103 26.40 17.90 -12.54
CA GLY A 103 25.64 19.03 -12.02
C GLY A 103 26.48 20.28 -11.89
N GLY A 1 15.27 1.40 -19.51
CA GLY A 1 13.90 1.87 -19.47
C GLY A 1 13.36 2.19 -20.86
N SER A 2 13.43 1.22 -21.76
CA SER A 2 12.96 1.40 -23.12
C SER A 2 11.50 1.87 -23.14
N SER A 3 10.62 1.04 -22.59
CA SER A 3 9.20 1.36 -22.54
C SER A 3 8.96 2.64 -21.73
N GLY A 4 8.16 3.54 -22.28
CA GLY A 4 7.86 4.78 -21.59
C GLY A 4 6.53 5.38 -22.02
N SER A 5 5.55 5.32 -21.12
CA SER A 5 4.23 5.85 -21.41
C SER A 5 3.50 6.23 -20.12
N SER A 6 2.30 6.78 -20.27
CA SER A 6 1.50 7.19 -19.12
C SER A 6 0.51 6.09 -18.73
N GLY A 7 -0.24 5.61 -19.71
CA GLY A 7 -1.22 4.57 -19.46
C GLY A 7 -2.28 5.00 -18.45
N PRO A 8 -3.42 5.49 -18.96
CA PRO A 8 -4.53 5.95 -18.11
C PRO A 8 -4.82 4.98 -16.98
N ASP A 9 -4.78 3.69 -17.28
CA ASP A 9 -5.03 2.66 -16.28
C ASP A 9 -3.80 2.38 -15.45
N VAL A 10 -3.87 2.67 -14.16
CA VAL A 10 -2.75 2.45 -13.25
C VAL A 10 -2.32 0.99 -13.25
N ASP A 11 -1.08 0.74 -13.68
CA ASP A 11 -0.55 -0.61 -13.73
C ASP A 11 0.08 -1.00 -12.40
N GLY A 12 0.96 -0.14 -11.89
CA GLY A 12 1.63 -0.40 -10.63
C GLY A 12 2.95 0.33 -10.50
N MET A 13 2.99 1.30 -9.58
CA MET A 13 4.20 2.08 -9.36
C MET A 13 4.51 2.20 -7.87
N ILE A 14 3.46 2.36 -7.08
CA ILE A 14 3.62 2.49 -5.63
C ILE A 14 2.47 1.82 -4.90
N THR A 15 2.77 0.69 -4.25
CA THR A 15 1.76 -0.05 -3.50
C THR A 15 2.16 -0.21 -2.04
N LEU A 16 1.25 0.12 -1.13
CA LEU A 16 1.51 0.01 0.30
C LEU A 16 0.82 -1.21 0.89
N LYS A 17 1.41 -1.78 1.93
CA LYS A 17 0.85 -2.95 2.59
C LYS A 17 0.31 -2.59 3.97
N VAL A 18 -0.99 -2.79 4.17
CA VAL A 18 -1.61 -2.49 5.45
C VAL A 18 -1.98 -3.78 6.19
N ASP A 19 -1.79 -3.77 7.50
CA ASP A 19 -2.09 -4.93 8.33
C ASP A 19 -2.96 -4.53 9.53
N ASN A 20 -3.58 -5.51 10.16
CA ASN A 20 -4.43 -5.27 11.31
C ASN A 20 -5.70 -4.51 10.91
N LEU A 21 -6.34 -4.98 9.84
CA LEU A 21 -7.55 -4.35 9.34
C LEU A 21 -8.79 -5.12 9.81
N THR A 22 -9.54 -4.51 10.72
CA THR A 22 -10.75 -5.13 11.25
C THR A 22 -11.80 -5.31 10.16
N TYR A 23 -12.63 -6.33 10.31
CA TYR A 23 -13.67 -6.62 9.33
C TYR A 23 -14.35 -5.33 8.88
N ARG A 24 -14.84 -4.56 9.85
CA ARG A 24 -15.52 -3.30 9.55
C ARG A 24 -14.81 -2.55 8.43
N THR A 25 -13.48 -2.62 8.43
CA THR A 25 -12.69 -1.95 7.41
C THR A 25 -13.30 -2.14 6.02
N SER A 26 -13.39 -1.05 5.27
CA SER A 26 -13.95 -1.09 3.93
C SER A 26 -13.10 -0.28 2.95
N PRO A 27 -13.22 -0.60 1.66
CA PRO A 27 -12.47 0.09 0.59
C PRO A 27 -12.47 1.60 0.77
N ASP A 28 -13.65 2.17 0.96
CA ASP A 28 -13.80 3.61 1.14
C ASP A 28 -12.90 4.10 2.27
N SER A 29 -13.08 3.51 3.45
CA SER A 29 -12.28 3.89 4.62
C SER A 29 -10.80 3.69 4.36
N LEU A 30 -10.40 2.45 4.17
CA LEU A 30 -9.00 2.12 3.91
C LEU A 30 -8.37 3.14 2.97
N ARG A 31 -9.15 3.65 2.03
CA ARG A 31 -8.68 4.64 1.07
C ARG A 31 -8.43 5.98 1.75
N ARG A 32 -9.47 6.51 2.41
CA ARG A 32 -9.37 7.79 3.09
C ARG A 32 -8.17 7.80 4.04
N VAL A 33 -7.73 6.61 4.44
CA VAL A 33 -6.59 6.48 5.34
C VAL A 33 -5.36 7.21 4.79
N PHE A 34 -5.01 6.91 3.55
CA PHE A 34 -3.85 7.54 2.91
C PHE A 34 -4.29 8.69 2.01
N GLU A 35 -5.50 8.58 1.47
CA GLU A 35 -6.04 9.60 0.59
C GLU A 35 -5.80 11.00 1.16
N LYS A 36 -6.04 11.14 2.46
CA LYS A 36 -5.85 12.42 3.14
C LYS A 36 -4.57 13.10 2.66
N TYR A 37 -3.56 12.31 2.34
CA TYR A 37 -2.28 12.83 1.87
C TYR A 37 -2.17 12.71 0.35
N GLY A 38 -2.05 11.47 -0.13
CA GLY A 38 -1.94 11.24 -1.56
C GLY A 38 -3.08 10.40 -2.11
N ARG A 39 -3.52 10.72 -3.32
CA ARG A 39 -4.61 9.98 -3.95
C ARG A 39 -4.27 8.50 -4.07
N VAL A 40 -5.25 7.66 -3.77
CA VAL A 40 -5.06 6.21 -3.86
C VAL A 40 -5.38 5.69 -5.26
N GLY A 41 -4.34 5.19 -5.93
CA GLY A 41 -4.51 4.66 -7.27
C GLY A 41 -5.53 3.54 -7.32
N ASP A 42 -5.51 2.67 -6.33
CA ASP A 42 -6.43 1.54 -6.26
C ASP A 42 -6.37 0.86 -4.90
N VAL A 43 -7.53 0.46 -4.39
CA VAL A 43 -7.61 -0.20 -3.10
C VAL A 43 -7.96 -1.68 -3.25
N TYR A 44 -7.14 -2.54 -2.64
CA TYR A 44 -7.37 -3.99 -2.72
C TYR A 44 -7.49 -4.59 -1.32
N ILE A 45 -8.55 -5.36 -1.11
CA ILE A 45 -8.77 -6.00 0.18
C ILE A 45 -9.10 -7.48 0.01
N PRO A 46 -8.07 -8.33 0.07
CA PRO A 46 -8.21 -9.78 -0.07
C PRO A 46 -8.79 -10.43 1.19
N ARG A 47 -9.40 -11.60 1.02
CA ARG A 47 -10.00 -12.32 2.13
C ARG A 47 -9.79 -13.82 1.98
N GLU A 48 -10.09 -14.57 3.04
CA GLU A 48 -9.94 -16.01 3.02
C GLU A 48 -10.88 -16.64 1.99
N PRO A 49 -10.49 -17.84 1.48
CA PRO A 49 -11.28 -18.55 0.49
C PRO A 49 -12.52 -19.20 1.09
N HIS A 50 -12.35 -19.88 2.21
CA HIS A 50 -13.46 -20.54 2.89
C HIS A 50 -14.43 -19.51 3.48
N THR A 51 -13.88 -18.53 4.18
CA THR A 51 -14.68 -17.49 4.81
C THR A 51 -14.44 -16.14 4.14
N LYS A 52 -15.47 -15.29 4.15
CA LYS A 52 -15.37 -13.97 3.55
C LYS A 52 -14.56 -13.02 4.45
N ALA A 53 -14.07 -13.55 5.57
CA ALA A 53 -13.30 -12.75 6.50
C ALA A 53 -11.94 -12.38 5.92
N PRO A 54 -11.47 -11.16 6.23
CA PRO A 54 -10.18 -10.67 5.74
C PRO A 54 -8.99 -11.27 6.49
N ARG A 55 -8.17 -12.02 5.77
CA ARG A 55 -6.99 -12.65 6.37
C ARG A 55 -6.37 -11.75 7.42
N GLY A 56 -6.15 -10.49 7.06
CA GLY A 56 -5.56 -9.54 7.99
C GLY A 56 -4.55 -8.62 7.31
N PHE A 57 -4.80 -8.30 6.05
CA PHE A 57 -3.91 -7.43 5.28
C PHE A 57 -4.59 -6.95 4.00
N ALA A 58 -3.99 -5.94 3.38
CA ALA A 58 -4.54 -5.39 2.14
C ALA A 58 -3.47 -4.61 1.38
N PHE A 59 -3.81 -4.21 0.16
CA PHE A 59 -2.87 -3.46 -0.68
C PHE A 59 -3.50 -2.15 -1.15
N VAL A 60 -2.70 -1.09 -1.20
CA VAL A 60 -3.17 0.21 -1.64
C VAL A 60 -2.18 0.88 -2.58
N ARG A 61 -2.58 1.06 -3.84
CA ARG A 61 -1.72 1.68 -4.83
C ARG A 61 -1.70 3.19 -4.67
N PHE A 62 -0.76 3.85 -5.33
CA PHE A 62 -0.64 5.29 -5.27
C PHE A 62 -0.12 5.86 -6.58
N HIS A 63 -0.28 7.17 -6.76
CA HIS A 63 0.16 7.84 -7.98
C HIS A 63 1.55 8.44 -7.78
N ASP A 64 1.75 9.10 -6.64
CA ASP A 64 3.03 9.72 -6.33
C ASP A 64 3.93 8.77 -5.55
N ARG A 65 5.10 9.24 -5.16
CA ARG A 65 6.05 8.43 -4.42
C ARG A 65 6.33 9.03 -3.04
N ARG A 66 6.75 10.29 -3.02
CA ARG A 66 7.05 10.98 -1.78
C ARG A 66 5.84 10.98 -0.85
N ASP A 67 4.66 10.76 -1.42
CA ASP A 67 3.42 10.74 -0.65
C ASP A 67 3.31 9.43 0.13
N ALA A 68 3.48 8.31 -0.56
CA ALA A 68 3.40 7.00 0.07
C ALA A 68 4.38 6.89 1.24
N GLN A 69 5.52 7.56 1.11
CA GLN A 69 6.54 7.53 2.15
C GLN A 69 6.06 8.27 3.40
N ASP A 70 5.24 9.29 3.20
CA ASP A 70 4.71 10.08 4.31
C ASP A 70 3.55 9.36 4.99
N ALA A 71 2.54 8.99 4.19
CA ALA A 71 1.38 8.29 4.72
C ALA A 71 1.80 7.17 5.67
N GLU A 72 2.80 6.41 5.26
CA GLU A 72 3.29 5.30 6.08
C GLU A 72 3.83 5.80 7.41
N ALA A 73 5.02 6.41 7.38
CA ALA A 73 5.64 6.93 8.59
C ALA A 73 4.60 7.58 9.51
N ALA A 74 3.69 8.33 8.91
CA ALA A 74 2.65 9.00 9.68
C ALA A 74 1.79 7.99 10.44
N MET A 75 1.20 7.06 9.72
CA MET A 75 0.36 6.03 10.32
C MET A 75 1.18 5.07 11.16
N ASP A 76 2.06 4.31 10.50
CA ASP A 76 2.91 3.35 11.19
C ASP A 76 3.31 3.88 12.57
N GLY A 77 2.81 3.22 13.61
CA GLY A 77 3.13 3.64 14.97
C GLY A 77 2.11 4.61 15.53
N ALA A 78 0.85 4.38 15.21
CA ALA A 78 -0.23 5.24 15.69
C ALA A 78 -1.19 4.47 16.59
N GLU A 79 -2.18 5.18 17.14
CA GLU A 79 -3.16 4.55 18.02
C GLU A 79 -4.54 4.55 17.37
N LEU A 80 -5.01 3.36 17.00
CA LEU A 80 -6.31 3.21 16.37
C LEU A 80 -6.90 1.83 16.65
N ASP A 81 -8.23 1.77 16.74
CA ASP A 81 -8.92 0.51 17.00
C ASP A 81 -8.31 -0.20 18.20
N GLY A 82 -7.95 0.58 19.22
CA GLY A 82 -7.36 0.01 20.42
C GLY A 82 -6.17 -0.88 20.11
N ARG A 83 -5.46 -0.56 19.03
CA ARG A 83 -4.30 -1.35 18.62
C ARG A 83 -3.37 -0.51 17.74
N GLU A 84 -2.17 -1.02 17.52
CA GLU A 84 -1.19 -0.32 16.69
C GLU A 84 -1.24 -0.83 15.24
N LEU A 85 -2.10 -0.20 14.44
CA LEU A 85 -2.25 -0.59 13.04
C LEU A 85 -0.89 -0.60 12.34
N ARG A 86 -0.51 -1.76 11.82
CA ARG A 86 0.75 -1.91 11.12
C ARG A 86 0.63 -1.50 9.66
N VAL A 87 1.08 -0.29 9.34
CA VAL A 87 1.02 0.23 7.99
C VAL A 87 2.41 0.45 7.41
N GLN A 88 2.79 -0.39 6.45
CA GLN A 88 4.11 -0.28 5.83
C GLN A 88 4.01 -0.50 4.32
N VAL A 89 5.16 -0.51 3.66
CA VAL A 89 5.20 -0.73 2.21
C VAL A 89 5.16 -2.21 1.87
N ALA A 90 4.61 -2.53 0.71
CA ALA A 90 4.50 -3.92 0.26
C ALA A 90 5.81 -4.40 -0.35
N ARG A 91 6.54 -5.23 0.39
CA ARG A 91 7.81 -5.76 -0.08
C ARG A 91 7.60 -6.75 -1.22
N TYR A 92 8.23 -6.48 -2.36
CA TYR A 92 8.11 -7.35 -3.52
C TYR A 92 9.48 -7.68 -4.10
N GLY A 93 9.81 -8.97 -4.14
CA GLY A 93 11.09 -9.39 -4.67
C GLY A 93 11.72 -10.51 -3.87
N ARG A 94 12.36 -11.44 -4.55
CA ARG A 94 13.00 -12.58 -3.89
C ARG A 94 14.39 -12.83 -4.47
N ARG A 95 15.38 -13.00 -3.59
CA ARG A 95 16.75 -13.25 -4.01
C ARG A 95 17.11 -14.72 -3.83
N ASP A 96 17.28 -15.43 -4.93
CA ASP A 96 17.64 -16.84 -4.89
C ASP A 96 19.15 -17.03 -5.08
N LEU A 97 19.69 -18.05 -4.43
CA LEU A 97 21.11 -18.34 -4.52
C LEU A 97 21.43 -19.13 -5.78
N SER A 98 22.69 -19.11 -6.20
CA SER A 98 23.13 -19.82 -7.38
C SER A 98 24.11 -20.93 -7.03
N GLY A 99 25.11 -20.60 -6.22
CA GLY A 99 26.10 -21.57 -5.81
C GLY A 99 27.48 -21.26 -6.35
N PRO A 100 28.47 -22.06 -5.95
CA PRO A 100 29.86 -21.89 -6.39
C PRO A 100 29.97 -21.64 -7.89
N SER A 101 31.05 -20.99 -8.30
CA SER A 101 31.27 -20.68 -9.70
C SER A 101 31.29 -21.95 -10.55
N SER A 102 30.25 -22.12 -11.36
CA SER A 102 30.14 -23.30 -12.22
C SER A 102 29.07 -23.10 -13.28
N GLY A 103 29.31 -23.67 -14.46
CA GLY A 103 28.35 -23.53 -15.55
C GLY A 103 28.30 -22.13 -16.11
N GLY A 1 24.50 6.36 -3.58
CA GLY A 1 23.37 6.12 -4.46
C GLY A 1 22.40 7.29 -4.50
N SER A 2 22.40 8.03 -5.60
CA SER A 2 21.52 9.19 -5.75
C SER A 2 20.69 9.07 -7.03
N SER A 3 19.37 9.05 -6.87
CA SER A 3 18.47 8.94 -8.01
C SER A 3 17.02 9.17 -7.58
N GLY A 4 16.22 9.70 -8.50
CA GLY A 4 14.82 9.96 -8.19
C GLY A 4 13.95 9.99 -9.44
N SER A 5 13.96 8.89 -10.19
CA SER A 5 13.19 8.80 -11.41
C SER A 5 11.70 8.69 -11.10
N SER A 6 10.92 9.69 -11.51
CA SER A 6 9.49 9.70 -11.26
C SER A 6 8.76 8.80 -12.26
N GLY A 7 8.98 9.06 -13.55
CA GLY A 7 8.33 8.27 -14.59
C GLY A 7 6.83 8.49 -14.63
N PRO A 8 6.38 9.38 -15.52
CA PRO A 8 4.96 9.70 -15.68
C PRO A 8 4.20 8.59 -16.41
N ASP A 9 4.43 7.35 -15.99
CA ASP A 9 3.77 6.21 -16.60
C ASP A 9 3.10 5.34 -15.53
N VAL A 10 1.80 5.10 -15.71
CA VAL A 10 1.05 4.28 -14.76
C VAL A 10 1.49 2.82 -14.83
N ASP A 11 2.45 2.45 -14.00
CA ASP A 11 2.96 1.09 -13.97
C ASP A 11 3.67 0.80 -12.64
N GLY A 12 3.44 -0.37 -12.09
CA GLY A 12 4.07 -0.74 -10.83
C GLY A 12 4.17 0.42 -9.87
N MET A 13 3.04 1.09 -9.63
CA MET A 13 3.02 2.23 -8.72
C MET A 13 3.19 1.78 -7.27
N ILE A 14 3.91 2.57 -6.49
CA ILE A 14 4.15 2.26 -5.09
C ILE A 14 2.94 1.57 -4.47
N THR A 15 3.19 0.48 -3.75
CA THR A 15 2.11 -0.27 -3.11
C THR A 15 2.34 -0.37 -1.60
N LEU A 16 1.43 0.21 -0.82
CA LEU A 16 1.54 0.19 0.63
C LEU A 16 0.67 -0.94 1.22
N LYS A 17 1.25 -1.68 2.16
CA LYS A 17 0.54 -2.77 2.81
C LYS A 17 -0.05 -2.33 4.14
N VAL A 18 -1.35 -2.54 4.32
CA VAL A 18 -2.03 -2.16 5.55
C VAL A 18 -2.55 -3.39 6.28
N ASP A 19 -2.19 -3.51 7.56
CA ASP A 19 -2.63 -4.63 8.37
C ASP A 19 -3.50 -4.16 9.53
N ASN A 20 -3.94 -5.11 10.36
CA ASN A 20 -4.77 -4.79 11.51
C ASN A 20 -6.10 -4.18 11.06
N LEU A 21 -6.73 -4.79 10.07
CA LEU A 21 -8.00 -4.30 9.56
C LEU A 21 -9.14 -5.22 9.98
N THR A 22 -10.03 -4.69 10.83
CA THR A 22 -11.17 -5.46 11.31
C THR A 22 -12.27 -5.53 10.25
N TYR A 23 -13.13 -6.54 10.38
CA TYR A 23 -14.22 -6.72 9.43
C TYR A 23 -14.79 -5.36 8.98
N ARG A 24 -15.14 -4.52 9.94
CA ARG A 24 -15.68 -3.21 9.64
C ARG A 24 -14.96 -2.57 8.46
N THR A 25 -13.63 -2.64 8.49
CA THR A 25 -12.81 -2.08 7.43
C THR A 25 -13.47 -2.28 6.06
N SER A 26 -13.26 -1.32 5.16
CA SER A 26 -13.83 -1.39 3.82
C SER A 26 -13.04 -0.54 2.84
N PRO A 27 -13.12 -0.89 1.55
CA PRO A 27 -12.42 -0.16 0.48
C PRO A 27 -12.53 1.35 0.64
N ASP A 28 -13.69 1.81 1.11
CA ASP A 28 -13.92 3.24 1.30
C ASP A 28 -13.06 3.78 2.44
N SER A 29 -13.33 3.30 3.66
CA SER A 29 -12.58 3.74 4.83
C SER A 29 -11.08 3.60 4.60
N LEU A 30 -10.68 2.48 4.02
CA LEU A 30 -9.26 2.21 3.75
C LEU A 30 -8.72 3.20 2.72
N ARG A 31 -9.56 3.59 1.77
CA ARG A 31 -9.15 4.53 0.73
C ARG A 31 -8.90 5.91 1.33
N ARG A 32 -9.72 6.30 2.29
CA ARG A 32 -9.58 7.60 2.95
C ARG A 32 -8.36 7.61 3.88
N VAL A 33 -8.03 6.45 4.43
CA VAL A 33 -6.90 6.32 5.34
C VAL A 33 -5.67 7.03 4.77
N PHE A 34 -5.44 6.87 3.48
CA PHE A 34 -4.31 7.50 2.82
C PHE A 34 -4.73 8.76 2.08
N GLU A 35 -6.00 8.81 1.69
CA GLU A 35 -6.54 9.96 0.97
C GLU A 35 -6.23 11.26 1.72
N LYS A 36 -6.18 11.18 3.04
CA LYS A 36 -5.91 12.34 3.88
C LYS A 36 -4.58 12.99 3.48
N TYR A 37 -3.71 12.21 2.86
CA TYR A 37 -2.41 12.71 2.43
C TYR A 37 -2.29 12.68 0.90
N GLY A 38 -2.50 11.50 0.32
CA GLY A 38 -2.42 11.36 -1.12
C GLY A 38 -3.49 10.46 -1.69
N ARG A 39 -4.13 10.90 -2.76
CA ARG A 39 -5.19 10.12 -3.39
C ARG A 39 -4.79 8.66 -3.52
N VAL A 40 -5.77 7.78 -3.47
CA VAL A 40 -5.53 6.34 -3.58
C VAL A 40 -5.82 5.84 -4.99
N GLY A 41 -4.76 5.46 -5.70
CA GLY A 41 -4.92 4.96 -7.06
C GLY A 41 -5.86 3.78 -7.14
N ASP A 42 -5.69 2.83 -6.22
CA ASP A 42 -6.53 1.64 -6.19
C ASP A 42 -6.45 0.96 -4.82
N VAL A 43 -7.58 0.43 -4.37
CA VAL A 43 -7.66 -0.24 -3.08
C VAL A 43 -8.02 -1.72 -3.25
N TYR A 44 -7.16 -2.59 -2.74
CA TYR A 44 -7.39 -4.03 -2.84
C TYR A 44 -7.38 -4.67 -1.45
N ILE A 45 -8.40 -5.49 -1.17
CA ILE A 45 -8.50 -6.16 0.11
C ILE A 45 -8.71 -7.66 -0.08
N PRO A 46 -7.62 -8.44 0.08
CA PRO A 46 -7.65 -9.89 -0.07
C PRO A 46 -8.76 -10.53 0.78
N ARG A 47 -9.63 -11.29 0.13
CA ARG A 47 -10.73 -11.95 0.82
C ARG A 47 -10.30 -13.32 1.34
N GLU A 48 -11.21 -14.01 2.00
CA GLU A 48 -10.92 -15.33 2.56
C GLU A 48 -11.00 -16.40 1.48
N PRO A 49 -10.41 -17.57 1.75
CA PRO A 49 -10.40 -18.70 0.83
C PRO A 49 -11.76 -18.94 0.18
N HIS A 50 -12.82 -18.75 0.96
CA HIS A 50 -14.17 -18.95 0.46
C HIS A 50 -15.08 -17.79 0.89
N THR A 51 -15.16 -17.57 2.20
CA THR A 51 -15.99 -16.51 2.75
C THR A 51 -15.62 -15.15 2.13
N LYS A 52 -16.62 -14.29 1.99
CA LYS A 52 -16.41 -12.97 1.42
C LYS A 52 -15.91 -11.99 2.47
N ALA A 53 -15.09 -12.48 3.39
CA ALA A 53 -14.53 -11.65 4.45
C ALA A 53 -13.02 -11.52 4.32
N PRO A 54 -12.50 -10.33 4.66
CA PRO A 54 -11.06 -10.05 4.58
C PRO A 54 -10.29 -10.67 5.73
N ARG A 55 -9.03 -11.01 5.48
CA ARG A 55 -8.18 -11.61 6.50
C ARG A 55 -7.69 -10.56 7.49
N GLY A 56 -7.22 -9.44 6.97
CA GLY A 56 -6.73 -8.37 7.82
C GLY A 56 -5.76 -7.45 7.09
N PHE A 57 -4.90 -8.03 6.26
CA PHE A 57 -3.92 -7.25 5.51
C PHE A 57 -4.48 -6.85 4.15
N ALA A 58 -3.98 -5.74 3.61
CA ALA A 58 -4.42 -5.25 2.30
C ALA A 58 -3.29 -4.54 1.58
N PHE A 59 -3.60 -3.98 0.41
CA PHE A 59 -2.62 -3.26 -0.38
C PHE A 59 -3.25 -2.06 -1.08
N VAL A 60 -2.65 -0.89 -0.88
CA VAL A 60 -3.15 0.34 -1.49
C VAL A 60 -2.14 0.93 -2.46
N ARG A 61 -2.58 1.15 -3.70
CA ARG A 61 -1.70 1.72 -4.72
C ARG A 61 -1.70 3.24 -4.66
N PHE A 62 -0.56 3.84 -4.98
CA PHE A 62 -0.43 5.29 -4.96
C PHE A 62 -0.05 5.82 -6.33
N HIS A 63 0.20 7.13 -6.41
CA HIS A 63 0.58 7.76 -7.67
C HIS A 63 2.05 8.15 -7.67
N ASP A 64 2.53 8.66 -6.54
CA ASP A 64 3.91 9.07 -6.41
C ASP A 64 4.56 8.42 -5.18
N ARG A 65 5.87 8.57 -5.07
CA ARG A 65 6.61 8.00 -3.95
C ARG A 65 6.56 8.93 -2.74
N ARG A 66 7.04 10.16 -2.91
CA ARG A 66 7.05 11.14 -1.84
C ARG A 66 5.83 10.98 -0.94
N ASP A 67 4.65 10.87 -1.56
CA ASP A 67 3.42 10.71 -0.82
C ASP A 67 3.45 9.46 0.05
N ALA A 68 3.65 8.30 -0.60
CA ALA A 68 3.71 7.03 0.11
C ALA A 68 4.64 7.12 1.31
N GLN A 69 5.85 7.62 1.09
CA GLN A 69 6.83 7.75 2.16
C GLN A 69 6.25 8.50 3.34
N ASP A 70 5.61 9.64 3.06
CA ASP A 70 5.00 10.45 4.10
C ASP A 70 3.86 9.71 4.79
N ALA A 71 2.85 9.34 4.00
CA ALA A 71 1.70 8.61 4.53
C ALA A 71 2.13 7.44 5.38
N GLU A 72 3.18 6.73 4.94
CA GLU A 72 3.68 5.58 5.66
C GLU A 72 4.09 5.97 7.09
N ALA A 73 5.21 6.66 7.22
CA ALA A 73 5.70 7.08 8.52
C ALA A 73 4.57 7.61 9.39
N ALA A 74 3.81 8.56 8.85
CA ALA A 74 2.69 9.15 9.57
C ALA A 74 1.83 8.08 10.22
N MET A 75 1.46 7.07 9.45
CA MET A 75 0.64 5.97 9.95
C MET A 75 1.47 5.00 10.77
N ASP A 76 2.33 4.25 10.08
CA ASP A 76 3.19 3.27 10.74
C ASP A 76 3.62 3.77 12.12
N GLY A 77 2.97 3.27 13.16
CA GLY A 77 3.29 3.67 14.52
C GLY A 77 2.26 4.63 15.10
N ALA A 78 0.99 4.35 14.85
CA ALA A 78 -0.10 5.18 15.34
C ALA A 78 -1.04 4.37 16.23
N GLU A 79 -2.04 5.06 16.80
CA GLU A 79 -3.01 4.40 17.66
C GLU A 79 -4.40 4.43 17.02
N LEU A 80 -4.85 3.26 16.57
CA LEU A 80 -6.16 3.14 15.95
C LEU A 80 -6.74 1.73 16.14
N ASP A 81 -8.06 1.65 16.24
CA ASP A 81 -8.72 0.36 16.42
C ASP A 81 -8.17 -0.37 17.64
N GLY A 82 -7.69 0.40 18.62
CA GLY A 82 -7.15 -0.20 19.82
C GLY A 82 -5.90 -1.01 19.56
N ARG A 83 -5.22 -0.69 18.46
CA ARG A 83 -3.99 -1.40 18.09
C ARG A 83 -3.12 -0.54 17.17
N GLU A 84 -1.89 -0.97 16.96
CA GLU A 84 -0.96 -0.24 16.10
C GLU A 84 -1.06 -0.72 14.65
N LEU A 85 -1.87 -0.02 13.87
CA LEU A 85 -2.06 -0.37 12.46
C LEU A 85 -0.72 -0.40 11.72
N ARG A 86 -0.38 -1.57 11.19
CA ARG A 86 0.87 -1.72 10.45
C ARG A 86 0.73 -1.23 9.02
N VAL A 87 1.14 0.01 8.78
CA VAL A 87 1.06 0.60 7.45
C VAL A 87 2.45 0.81 6.86
N GLN A 88 2.94 -0.19 6.14
CA GLN A 88 4.26 -0.11 5.53
C GLN A 88 4.27 -0.80 4.17
N VAL A 89 5.32 -0.56 3.40
CA VAL A 89 5.45 -1.16 2.07
C VAL A 89 5.47 -2.68 2.16
N ALA A 90 4.50 -3.31 1.48
CA ALA A 90 4.42 -4.77 1.48
C ALA A 90 5.80 -5.42 1.49
N ARG A 91 5.97 -6.42 2.33
CA ARG A 91 7.24 -7.13 2.44
C ARG A 91 7.18 -8.49 1.76
N TYR A 92 7.30 -8.49 0.44
CA TYR A 92 7.26 -9.73 -0.33
C TYR A 92 8.51 -9.90 -1.18
N GLY A 93 9.40 -10.77 -0.74
CA GLY A 93 10.64 -11.02 -1.47
C GLY A 93 11.73 -10.03 -1.09
N ARG A 94 12.44 -10.32 -0.01
CA ARG A 94 13.52 -9.45 0.45
C ARG A 94 14.47 -9.11 -0.69
N ARG A 95 14.90 -10.13 -1.42
CA ARG A 95 15.82 -9.94 -2.53
C ARG A 95 15.05 -9.81 -3.85
N ASP A 96 14.99 -8.59 -4.38
CA ASP A 96 14.30 -8.33 -5.63
C ASP A 96 15.28 -7.89 -6.72
N LEU A 97 14.98 -8.27 -7.96
CA LEU A 97 15.83 -7.92 -9.09
C LEU A 97 15.65 -6.46 -9.48
N SER A 98 16.72 -5.85 -9.98
CA SER A 98 16.68 -4.45 -10.39
C SER A 98 17.42 -4.25 -11.71
N GLY A 99 17.06 -3.18 -12.42
CA GLY A 99 17.71 -2.90 -13.69
C GLY A 99 18.43 -1.57 -13.68
N PRO A 100 19.48 -1.46 -14.51
CA PRO A 100 20.30 -0.24 -14.61
C PRO A 100 19.60 0.84 -15.44
N SER A 101 19.57 2.05 -14.90
CA SER A 101 18.93 3.18 -15.59
C SER A 101 19.96 4.25 -15.95
N SER A 102 19.88 4.75 -17.18
CA SER A 102 20.81 5.78 -17.64
C SER A 102 21.17 6.74 -16.51
N GLY A 103 20.16 7.26 -15.85
CA GLY A 103 20.38 8.19 -14.75
C GLY A 103 20.10 9.63 -15.13
N GLY A 1 16.51 15.68 -11.70
CA GLY A 1 15.14 16.11 -11.73
C GLY A 1 14.21 15.08 -12.34
N SER A 2 13.32 15.52 -13.22
CA SER A 2 12.36 14.62 -13.86
C SER A 2 11.91 15.19 -15.20
N SER A 3 11.71 14.29 -16.17
CA SER A 3 11.27 14.71 -17.50
C SER A 3 10.32 13.68 -18.09
N GLY A 4 9.38 14.15 -18.90
CA GLY A 4 8.42 13.26 -19.53
C GLY A 4 7.49 13.98 -20.48
N SER A 5 7.06 13.29 -21.53
CA SER A 5 6.17 13.87 -22.53
C SER A 5 4.71 13.51 -22.23
N SER A 6 4.40 12.22 -22.32
CA SER A 6 3.05 11.75 -22.06
C SER A 6 2.98 10.99 -20.74
N GLY A 7 3.64 9.83 -20.70
CA GLY A 7 3.64 9.02 -19.49
C GLY A 7 3.23 7.59 -19.75
N PRO A 8 4.23 6.71 -19.93
CA PRO A 8 3.99 5.29 -20.20
C PRO A 8 2.92 4.70 -19.29
N ASP A 9 2.28 3.63 -19.75
CA ASP A 9 1.23 2.98 -18.97
C ASP A 9 1.53 3.04 -17.48
N VAL A 10 0.51 3.32 -16.69
CA VAL A 10 0.67 3.42 -15.24
C VAL A 10 0.21 2.13 -14.55
N ASP A 11 1.15 1.46 -13.89
CA ASP A 11 0.84 0.22 -13.19
C ASP A 11 2.00 -0.21 -12.31
N GLY A 12 1.70 -0.52 -11.05
CA GLY A 12 2.74 -0.94 -10.12
C GLY A 12 3.84 0.10 -9.97
N MET A 13 3.55 1.15 -9.20
CA MET A 13 4.51 2.22 -8.98
C MET A 13 4.81 2.37 -7.49
N ILE A 14 3.78 2.32 -6.67
CA ILE A 14 3.93 2.44 -5.22
C ILE A 14 2.82 1.70 -4.48
N THR A 15 3.20 0.62 -3.82
CA THR A 15 2.25 -0.19 -3.06
C THR A 15 2.51 -0.09 -1.56
N LEU A 16 1.44 -0.17 -0.77
CA LEU A 16 1.56 -0.10 0.68
C LEU A 16 0.76 -1.21 1.35
N LYS A 17 1.43 -1.97 2.22
CA LYS A 17 0.78 -3.07 2.92
C LYS A 17 0.15 -2.59 4.23
N VAL A 18 -1.07 -3.02 4.48
CA VAL A 18 -1.78 -2.63 5.70
C VAL A 18 -2.21 -3.85 6.50
N ASP A 19 -2.10 -3.77 7.82
CA ASP A 19 -2.48 -4.87 8.70
C ASP A 19 -3.36 -4.36 9.84
N ASN A 20 -3.70 -5.27 10.75
CA ASN A 20 -4.54 -4.92 11.90
C ASN A 20 -5.83 -4.25 11.43
N LEU A 21 -6.34 -4.69 10.28
CA LEU A 21 -7.56 -4.12 9.73
C LEU A 21 -8.78 -4.87 10.26
N THR A 22 -9.53 -4.21 11.15
CA THR A 22 -10.73 -4.81 11.73
C THR A 22 -11.79 -5.09 10.67
N TYR A 23 -12.65 -6.06 10.93
CA TYR A 23 -13.70 -6.42 9.99
C TYR A 23 -14.40 -5.17 9.46
N ARG A 24 -14.63 -4.20 10.34
CA ARG A 24 -15.30 -2.96 9.96
C ARG A 24 -14.57 -2.29 8.81
N THR A 25 -13.23 -2.40 8.80
CA THR A 25 -12.41 -1.80 7.77
C THR A 25 -13.03 -2.02 6.38
N SER A 26 -13.33 -0.92 5.71
CA SER A 26 -13.94 -0.98 4.37
C SER A 26 -13.11 -0.19 3.36
N PRO A 27 -13.30 -0.49 2.08
CA PRO A 27 -12.57 0.17 0.99
C PRO A 27 -12.54 1.69 1.17
N ASP A 28 -13.71 2.28 1.34
CA ASP A 28 -13.81 3.73 1.52
C ASP A 28 -12.83 4.22 2.58
N SER A 29 -12.88 3.60 3.76
CA SER A 29 -12.00 3.97 4.86
C SER A 29 -10.54 3.79 4.47
N LEU A 30 -10.15 2.54 4.21
CA LEU A 30 -8.78 2.22 3.83
C LEU A 30 -8.25 3.25 2.84
N ARG A 31 -9.14 3.79 2.02
CA ARG A 31 -8.75 4.79 1.02
C ARG A 31 -8.53 6.15 1.67
N ARG A 32 -9.55 6.63 2.39
CA ARG A 32 -9.46 7.92 3.07
C ARG A 32 -8.26 7.97 4.01
N VAL A 33 -7.74 6.80 4.35
CA VAL A 33 -6.59 6.70 5.24
C VAL A 33 -5.38 7.43 4.65
N PHE A 34 -5.06 7.13 3.40
CA PHE A 34 -3.93 7.74 2.72
C PHE A 34 -4.39 8.90 1.83
N GLU A 35 -5.61 8.77 1.29
CA GLU A 35 -6.17 9.80 0.42
C GLU A 35 -5.93 11.19 1.00
N LYS A 36 -6.00 11.29 2.32
CA LYS A 36 -5.79 12.56 3.00
C LYS A 36 -4.48 13.21 2.57
N TYR A 37 -3.45 12.38 2.39
CA TYR A 37 -2.14 12.86 1.98
C TYR A 37 -1.89 12.57 0.50
N GLY A 38 -2.02 11.30 0.13
CA GLY A 38 -1.80 10.91 -1.26
C GLY A 38 -2.97 10.13 -1.83
N ARG A 39 -3.27 10.37 -3.10
CA ARG A 39 -4.38 9.68 -3.76
C ARG A 39 -4.12 8.18 -3.84
N VAL A 40 -5.17 7.39 -3.68
CA VAL A 40 -5.05 5.94 -3.74
C VAL A 40 -5.31 5.42 -5.15
N GLY A 41 -4.26 4.92 -5.80
CA GLY A 41 -4.39 4.41 -7.14
C GLY A 41 -5.39 3.27 -7.23
N ASP A 42 -5.47 2.47 -6.17
CA ASP A 42 -6.39 1.34 -6.13
C ASP A 42 -6.40 0.70 -4.75
N VAL A 43 -7.58 0.28 -4.31
CA VAL A 43 -7.73 -0.35 -3.00
C VAL A 43 -8.02 -1.84 -3.15
N TYR A 44 -7.11 -2.67 -2.65
CA TYR A 44 -7.27 -4.12 -2.72
C TYR A 44 -7.52 -4.71 -1.34
N ILE A 45 -8.70 -5.28 -1.15
CA ILE A 45 -9.08 -5.89 0.12
C ILE A 45 -9.51 -7.34 -0.06
N PRO A 46 -8.57 -8.27 0.17
CA PRO A 46 -8.84 -9.70 0.04
C PRO A 46 -9.68 -10.25 1.19
N ARG A 47 -10.42 -11.32 0.93
CA ARG A 47 -11.26 -11.93 1.94
C ARG A 47 -10.73 -13.30 2.35
N GLU A 48 -11.12 -13.77 3.52
CA GLU A 48 -10.68 -15.05 4.03
C GLU A 48 -11.31 -16.20 3.24
N PRO A 49 -10.53 -17.26 2.99
CA PRO A 49 -11.01 -18.43 2.25
C PRO A 49 -11.90 -19.34 3.10
N HIS A 50 -12.28 -18.84 4.27
CA HIS A 50 -13.14 -19.61 5.17
C HIS A 50 -14.37 -18.79 5.57
N THR A 51 -14.16 -17.51 5.85
CA THR A 51 -15.25 -16.63 6.24
C THR A 51 -15.32 -15.41 5.34
N LYS A 52 -16.48 -14.75 5.32
CA LYS A 52 -16.67 -13.56 4.50
C LYS A 52 -15.94 -12.36 5.10
N ALA A 53 -15.29 -12.59 6.24
CA ALA A 53 -14.54 -11.52 6.92
C ALA A 53 -13.15 -11.36 6.32
N PRO A 54 -12.74 -10.10 6.11
CA PRO A 54 -11.42 -9.79 5.54
C PRO A 54 -10.29 -10.57 6.22
N ARG A 55 -9.41 -11.13 5.41
CA ARG A 55 -8.29 -11.92 5.93
C ARG A 55 -7.64 -11.21 7.12
N GLY A 56 -6.97 -10.10 6.86
CA GLY A 56 -6.32 -9.36 7.92
C GLY A 56 -5.46 -8.23 7.40
N PHE A 57 -4.99 -8.37 6.16
CA PHE A 57 -4.14 -7.35 5.54
C PHE A 57 -4.68 -6.95 4.17
N ALA A 58 -4.40 -5.73 3.76
CA ALA A 58 -4.86 -5.22 2.47
C ALA A 58 -3.70 -4.62 1.68
N PHE A 59 -3.97 -4.26 0.43
CA PHE A 59 -2.96 -3.67 -0.44
C PHE A 59 -3.47 -2.39 -1.09
N VAL A 60 -2.68 -1.33 -1.00
CA VAL A 60 -3.05 -0.05 -1.59
C VAL A 60 -1.95 0.47 -2.51
N ARG A 61 -2.35 1.01 -3.66
CA ARG A 61 -1.41 1.55 -4.62
C ARG A 61 -1.45 3.07 -4.64
N PHE A 62 -0.44 3.69 -5.23
CA PHE A 62 -0.37 5.14 -5.32
C PHE A 62 0.23 5.58 -6.66
N HIS A 63 0.28 6.89 -6.88
CA HIS A 63 0.83 7.43 -8.11
C HIS A 63 2.19 8.09 -7.86
N ASP A 64 2.35 8.66 -6.67
CA ASP A 64 3.61 9.31 -6.32
C ASP A 64 4.31 8.56 -5.19
N ARG A 65 5.58 8.88 -4.96
CA ARG A 65 6.36 8.23 -3.92
C ARG A 65 6.31 9.03 -2.63
N ARG A 66 6.71 10.30 -2.70
CA ARG A 66 6.72 11.17 -1.54
C ARG A 66 5.40 11.06 -0.77
N ASP A 67 4.31 11.46 -1.41
CA ASP A 67 2.99 11.41 -0.79
C ASP A 67 2.81 10.12 0.01
N ALA A 68 3.29 9.01 -0.56
CA ALA A 68 3.20 7.72 0.10
C ALA A 68 4.04 7.68 1.37
N GLN A 69 5.25 8.22 1.29
CA GLN A 69 6.16 8.24 2.42
C GLN A 69 5.46 8.81 3.66
N ASP A 70 4.85 9.98 3.50
CA ASP A 70 4.15 10.64 4.61
C ASP A 70 3.13 9.69 5.24
N ALA A 71 2.15 9.29 4.45
CA ALA A 71 1.10 8.38 4.94
C ALA A 71 1.72 7.22 5.72
N GLU A 72 2.78 6.64 5.18
CA GLU A 72 3.46 5.52 5.82
C GLU A 72 3.83 5.86 7.26
N ALA A 73 4.85 6.70 7.41
CA ALA A 73 5.31 7.11 8.74
C ALA A 73 4.13 7.45 9.64
N ALA A 74 3.32 8.41 9.21
CA ALA A 74 2.16 8.83 9.99
C ALA A 74 1.37 7.63 10.48
N MET A 75 0.89 6.80 9.54
CA MET A 75 0.13 5.61 9.88
C MET A 75 0.98 4.61 10.65
N ASP A 76 1.95 4.02 9.95
CA ASP A 76 2.83 3.04 10.57
C ASP A 76 3.10 3.39 12.04
N GLY A 77 2.68 2.52 12.93
CA GLY A 77 2.87 2.75 14.35
C GLY A 77 1.80 3.63 14.95
N ALA A 78 0.70 3.82 14.22
CA ALA A 78 -0.40 4.63 14.69
C ALA A 78 -1.27 3.87 15.67
N GLU A 79 -2.20 4.59 16.32
CA GLU A 79 -3.09 3.98 17.29
C GLU A 79 -4.54 4.12 16.86
N LEU A 80 -5.09 3.05 16.29
CA LEU A 80 -6.47 3.05 15.83
C LEU A 80 -7.17 1.74 16.19
N ASP A 81 -8.28 1.84 16.91
CA ASP A 81 -9.04 0.66 17.31
C ASP A 81 -8.23 -0.21 18.27
N GLY A 82 -7.44 0.44 19.11
CA GLY A 82 -6.61 -0.29 20.07
C GLY A 82 -5.61 -1.19 19.39
N ARG A 83 -5.39 -0.99 18.10
CA ARG A 83 -4.45 -1.79 17.34
C ARG A 83 -3.54 -0.90 16.48
N GLU A 84 -2.27 -1.30 16.38
CA GLU A 84 -1.31 -0.53 15.59
C GLU A 84 -1.39 -0.91 14.11
N LEU A 85 -2.27 -0.23 13.39
CA LEU A 85 -2.46 -0.50 11.96
C LEU A 85 -1.10 -0.55 11.25
N ARG A 86 -0.58 -1.76 11.08
CA ARG A 86 0.70 -1.94 10.40
C ARG A 86 0.63 -1.46 8.96
N VAL A 87 0.99 -0.20 8.75
CA VAL A 87 0.97 0.38 7.41
C VAL A 87 2.38 0.66 6.91
N GLN A 88 2.97 -0.32 6.23
CA GLN A 88 4.31 -0.19 5.70
C GLN A 88 4.31 -0.30 4.17
N VAL A 89 5.49 -0.25 3.58
CA VAL A 89 5.64 -0.34 2.13
C VAL A 89 5.75 -1.79 1.68
N ALA A 90 4.93 -2.16 0.71
CA ALA A 90 4.95 -3.53 0.19
C ALA A 90 6.15 -3.76 -0.72
N ARG A 91 7.14 -4.49 -0.22
CA ARG A 91 8.35 -4.78 -0.97
C ARG A 91 8.76 -6.24 -0.79
N TYR A 92 9.50 -6.76 -1.76
CA TYR A 92 9.96 -8.14 -1.71
C TYR A 92 11.49 -8.21 -1.75
N GLY A 93 12.09 -8.64 -0.64
CA GLY A 93 13.53 -8.74 -0.57
C GLY A 93 14.21 -7.38 -0.44
N ARG A 94 15.47 -7.39 -0.06
CA ARG A 94 16.23 -6.16 0.10
C ARG A 94 17.72 -6.41 -0.05
N ARG A 95 18.50 -5.33 -0.12
CA ARG A 95 19.94 -5.44 -0.27
C ARG A 95 20.66 -4.51 0.70
N ASP A 96 21.71 -5.03 1.34
CA ASP A 96 22.48 -4.26 2.31
C ASP A 96 23.29 -3.17 1.60
N LEU A 97 23.54 -3.38 0.31
CA LEU A 97 24.30 -2.40 -0.48
C LEU A 97 23.45 -1.84 -1.60
N SER A 98 23.76 -0.61 -2.02
CA SER A 98 23.03 0.05 -3.09
C SER A 98 23.86 0.12 -4.36
N GLY A 99 23.19 0.11 -5.51
CA GLY A 99 23.89 0.17 -6.78
C GLY A 99 24.78 1.38 -6.88
N PRO A 100 25.83 1.28 -7.72
CA PRO A 100 26.80 2.37 -7.92
C PRO A 100 26.25 3.46 -8.82
N SER A 101 26.35 4.71 -8.38
CA SER A 101 25.86 5.85 -9.15
C SER A 101 26.89 6.97 -9.17
N SER A 102 26.76 7.87 -10.14
CA SER A 102 27.67 9.00 -10.27
C SER A 102 26.95 10.31 -10.03
N GLY A 103 27.66 11.25 -9.40
CA GLY A 103 27.07 12.55 -9.11
C GLY A 103 25.70 12.44 -8.48
N GLY A 1 16.96 -1.18 -16.41
CA GLY A 1 16.45 -0.70 -17.69
C GLY A 1 16.90 0.71 -18.00
N SER A 2 16.93 1.05 -19.28
CA SER A 2 17.36 2.38 -19.72
C SER A 2 16.72 3.46 -18.85
N SER A 3 15.40 3.38 -18.71
CA SER A 3 14.65 4.36 -17.92
C SER A 3 14.93 5.78 -18.41
N GLY A 4 14.97 5.95 -19.73
CA GLY A 4 15.22 7.25 -20.31
C GLY A 4 14.13 7.68 -21.27
N SER A 5 12.89 7.55 -20.84
CA SER A 5 11.75 7.92 -21.67
C SER A 5 10.92 9.02 -21.01
N SER A 6 10.04 9.65 -21.79
CA SER A 6 9.20 10.72 -21.29
C SER A 6 8.62 10.35 -19.92
N GLY A 7 7.91 9.23 -19.87
CA GLY A 7 7.31 8.78 -18.64
C GLY A 7 6.08 7.93 -18.86
N PRO A 8 6.26 6.60 -18.86
CA PRO A 8 5.16 5.64 -19.07
C PRO A 8 3.92 6.02 -18.27
N ASP A 9 2.80 5.39 -18.61
CA ASP A 9 1.53 5.66 -17.93
C ASP A 9 1.51 4.98 -16.56
N VAL A 10 0.41 5.17 -15.84
CA VAL A 10 0.26 4.58 -14.51
C VAL A 10 0.15 3.06 -14.60
N ASP A 11 0.99 2.37 -13.84
CA ASP A 11 0.99 0.91 -13.82
C ASP A 11 1.78 0.38 -12.65
N GLY A 12 1.18 -0.55 -11.89
CA GLY A 12 1.85 -1.12 -10.75
C GLY A 12 2.62 -0.10 -9.95
N MET A 13 1.97 1.02 -9.63
CA MET A 13 2.60 2.09 -8.87
C MET A 13 2.84 1.65 -7.42
N ILE A 14 3.58 2.47 -6.68
CA ILE A 14 3.88 2.18 -5.29
C ILE A 14 2.67 1.58 -4.58
N THR A 15 2.90 0.52 -3.81
CA THR A 15 1.83 -0.14 -3.08
C THR A 15 2.16 -0.25 -1.59
N LEU A 16 1.21 0.16 -0.75
CA LEU A 16 1.41 0.12 0.69
C LEU A 16 0.55 -0.98 1.32
N LYS A 17 1.17 -1.83 2.13
CA LYS A 17 0.48 -2.91 2.80
C LYS A 17 -0.05 -2.47 4.16
N VAL A 18 -1.35 -2.67 4.38
CA VAL A 18 -1.98 -2.28 5.64
C VAL A 18 -2.54 -3.51 6.36
N ASP A 19 -1.94 -3.85 7.49
CA ASP A 19 -2.37 -4.99 8.27
C ASP A 19 -3.22 -4.54 9.46
N ASN A 20 -3.62 -5.50 10.29
CA ASN A 20 -4.43 -5.21 11.46
C ASN A 20 -5.70 -4.46 11.06
N LEU A 21 -6.39 -4.96 10.04
CA LEU A 21 -7.61 -4.33 9.56
C LEU A 21 -8.83 -5.19 9.90
N THR A 22 -9.47 -4.89 11.02
CA THR A 22 -10.65 -5.64 11.46
C THR A 22 -11.65 -5.78 10.33
N TYR A 23 -12.54 -6.76 10.46
CA TYR A 23 -13.56 -7.01 9.44
C TYR A 23 -14.23 -5.71 9.02
N ARG A 24 -14.59 -4.89 10.00
CA ARG A 24 -15.25 -3.61 9.73
C ARG A 24 -14.55 -2.88 8.59
N THR A 25 -13.23 -2.97 8.55
CA THR A 25 -12.44 -2.30 7.52
C THR A 25 -13.10 -2.46 6.15
N SER A 26 -13.03 -1.41 5.34
CA SER A 26 -13.63 -1.43 4.01
C SER A 26 -12.84 -0.54 3.05
N PRO A 27 -12.92 -0.84 1.75
CA PRO A 27 -12.23 -0.08 0.70
C PRO A 27 -12.34 1.42 0.91
N ASP A 28 -13.58 1.91 1.02
CA ASP A 28 -13.82 3.33 1.22
C ASP A 28 -12.91 3.89 2.30
N SER A 29 -12.98 3.31 3.50
CA SER A 29 -12.16 3.76 4.61
C SER A 29 -10.67 3.65 4.28
N LEU A 30 -10.22 2.42 4.04
CA LEU A 30 -8.83 2.17 3.70
C LEU A 30 -8.30 3.24 2.75
N ARG A 31 -9.19 3.83 1.96
CA ARG A 31 -8.82 4.86 1.00
C ARG A 31 -8.70 6.22 1.71
N ARG A 32 -9.71 6.56 2.51
CA ARG A 32 -9.71 7.83 3.22
C ARG A 32 -8.45 7.99 4.06
N VAL A 33 -7.86 6.85 4.45
CA VAL A 33 -6.65 6.87 5.26
C VAL A 33 -5.50 7.54 4.52
N PHE A 34 -5.23 7.09 3.31
CA PHE A 34 -4.16 7.64 2.49
C PHE A 34 -4.71 8.66 1.49
N GLU A 35 -5.82 9.29 1.85
CA GLU A 35 -6.44 10.29 0.98
C GLU A 35 -5.97 11.69 1.34
N LYS A 36 -5.77 11.94 2.63
CA LYS A 36 -5.31 13.24 3.11
C LYS A 36 -3.83 13.44 2.81
N TYR A 37 -3.15 12.34 2.49
CA TYR A 37 -1.72 12.40 2.19
C TYR A 37 -1.48 12.27 0.69
N GLY A 38 -2.08 11.26 0.09
CA GLY A 38 -1.92 11.03 -1.34
C GLY A 38 -3.21 10.63 -2.02
N ARG A 39 -3.16 10.44 -3.33
CA ARG A 39 -4.34 10.05 -4.09
C ARG A 39 -4.34 8.56 -4.37
N VAL A 40 -5.05 7.80 -3.54
CA VAL A 40 -5.14 6.35 -3.69
C VAL A 40 -5.58 5.97 -5.10
N GLY A 41 -4.64 5.48 -5.90
CA GLY A 41 -4.96 5.09 -7.26
C GLY A 41 -5.94 3.94 -7.31
N ASP A 42 -5.80 2.99 -6.40
CA ASP A 42 -6.68 1.83 -6.35
C ASP A 42 -6.60 1.15 -4.99
N VAL A 43 -7.68 0.48 -4.60
CA VAL A 43 -7.73 -0.21 -3.33
C VAL A 43 -8.17 -1.66 -3.51
N TYR A 44 -7.41 -2.59 -2.94
CA TYR A 44 -7.71 -4.00 -3.03
C TYR A 44 -7.73 -4.66 -1.66
N ILE A 45 -8.56 -5.68 -1.51
CA ILE A 45 -8.68 -6.40 -0.24
C ILE A 45 -8.67 -7.91 -0.46
N PRO A 46 -7.52 -8.55 -0.17
CA PRO A 46 -7.36 -10.00 -0.33
C PRO A 46 -8.06 -10.77 0.77
N ARG A 47 -8.75 -11.84 0.39
CA ARG A 47 -9.47 -12.67 1.34
C ARG A 47 -8.80 -14.03 1.49
N GLU A 48 -9.19 -14.78 2.53
CA GLU A 48 -8.62 -16.10 2.79
C GLU A 48 -8.83 -17.01 1.58
N PRO A 49 -8.04 -18.10 1.52
CA PRO A 49 -8.12 -19.07 0.44
C PRO A 49 -9.35 -19.97 0.56
N HIS A 50 -9.63 -20.43 1.77
CA HIS A 50 -10.78 -21.30 2.01
C HIS A 50 -12.04 -20.47 2.27
N THR A 51 -12.04 -19.74 3.38
CA THR A 51 -13.18 -18.91 3.75
C THR A 51 -13.20 -17.61 2.93
N LYS A 52 -14.39 -17.06 2.74
CA LYS A 52 -14.54 -15.82 1.99
C LYS A 52 -14.58 -14.62 2.92
N ALA A 53 -13.46 -14.36 3.59
CA ALA A 53 -13.36 -13.24 4.51
C ALA A 53 -11.97 -12.60 4.46
N PRO A 54 -11.93 -11.27 4.56
CA PRO A 54 -10.67 -10.52 4.52
C PRO A 54 -9.61 -11.11 5.44
N ARG A 55 -8.54 -11.65 4.84
CA ARG A 55 -7.46 -12.26 5.59
C ARG A 55 -7.05 -11.38 6.77
N GLY A 56 -6.51 -10.21 6.47
CA GLY A 56 -6.08 -9.29 7.51
C GLY A 56 -5.28 -8.11 6.97
N PHE A 57 -4.63 -8.32 5.83
CA PHE A 57 -3.82 -7.28 5.21
C PHE A 57 -4.49 -6.78 3.93
N ALA A 58 -4.24 -5.51 3.59
CA ALA A 58 -4.81 -4.91 2.40
C ALA A 58 -3.71 -4.30 1.52
N PHE A 59 -4.07 -4.01 0.27
CA PHE A 59 -3.12 -3.44 -0.68
C PHE A 59 -3.66 -2.15 -1.27
N VAL A 60 -3.00 -1.03 -0.96
CA VAL A 60 -3.42 0.28 -1.46
C VAL A 60 -2.38 0.86 -2.40
N ARG A 61 -2.80 1.14 -3.63
CA ARG A 61 -1.89 1.71 -4.64
C ARG A 61 -1.81 3.22 -4.49
N PHE A 62 -0.76 3.81 -5.07
CA PHE A 62 -0.56 5.25 -5.01
C PHE A 62 -0.13 5.80 -6.36
N HIS A 63 0.09 7.10 -6.42
CA HIS A 63 0.51 7.76 -7.66
C HIS A 63 1.91 8.35 -7.52
N ASP A 64 2.22 8.83 -6.33
CA ASP A 64 3.53 9.43 -6.06
C ASP A 64 4.19 8.78 -4.84
N ARG A 65 5.43 8.36 -4.99
CA ARG A 65 6.16 7.73 -3.91
C ARG A 65 6.12 8.58 -2.65
N ARG A 66 6.58 9.83 -2.76
CA ARG A 66 6.59 10.74 -1.63
C ARG A 66 5.37 10.52 -0.74
N ASP A 67 4.19 10.65 -1.33
CA ASP A 67 2.94 10.46 -0.59
C ASP A 67 2.99 9.19 0.24
N ALA A 68 3.45 8.11 -0.37
CA ALA A 68 3.55 6.83 0.31
C ALA A 68 4.49 6.91 1.51
N GLN A 69 5.49 7.77 1.41
CA GLN A 69 6.46 7.94 2.49
C GLN A 69 5.86 8.73 3.64
N ASP A 70 5.23 9.85 3.32
CA ASP A 70 4.60 10.69 4.34
C ASP A 70 3.45 9.95 5.03
N ALA A 71 2.62 9.29 4.23
CA ALA A 71 1.49 8.55 4.75
C ALA A 71 1.95 7.46 5.72
N GLU A 72 2.86 6.61 5.25
CA GLU A 72 3.38 5.52 6.07
C GLU A 72 3.93 6.05 7.40
N ALA A 73 5.03 6.79 7.31
CA ALA A 73 5.65 7.37 8.51
C ALA A 73 4.59 7.87 9.49
N ALA A 74 3.53 8.47 8.96
CA ALA A 74 2.46 8.99 9.80
C ALA A 74 1.67 7.86 10.44
N MET A 75 0.98 7.08 9.62
CA MET A 75 0.17 5.97 10.11
C MET A 75 1.04 4.99 10.91
N ASP A 76 1.94 4.30 10.22
CA ASP A 76 2.82 3.34 10.85
C ASP A 76 3.20 3.80 12.26
N GLY A 77 2.75 3.06 13.26
CA GLY A 77 3.05 3.41 14.64
C GLY A 77 2.03 4.37 15.23
N ALA A 78 0.80 4.29 14.75
CA ALA A 78 -0.27 5.16 15.22
C ALA A 78 -1.18 4.42 16.19
N GLU A 79 -2.12 5.14 16.79
CA GLU A 79 -3.06 4.55 17.74
C GLU A 79 -4.48 4.57 17.19
N LEU A 80 -4.87 3.49 16.52
CA LEU A 80 -6.20 3.39 15.95
C LEU A 80 -6.79 1.99 16.18
N ASP A 81 -8.08 1.95 16.46
CA ASP A 81 -8.77 0.69 16.71
C ASP A 81 -8.18 -0.03 17.92
N GLY A 82 -7.61 0.75 18.83
CA GLY A 82 -7.02 0.18 20.03
C GLY A 82 -5.80 -0.68 19.71
N ARG A 83 -5.16 -0.40 18.59
CA ARG A 83 -3.98 -1.16 18.18
C ARG A 83 -3.12 -0.33 17.22
N GLU A 84 -1.92 -0.84 16.93
CA GLU A 84 -1.00 -0.16 16.03
C GLU A 84 -1.12 -0.70 14.61
N LEU A 85 -1.98 -0.08 13.81
CA LEU A 85 -2.19 -0.50 12.44
C LEU A 85 -0.86 -0.59 11.69
N ARG A 86 -0.53 -1.78 11.22
CA ARG A 86 0.71 -1.99 10.48
C ARG A 86 0.62 -1.41 9.07
N VAL A 87 1.03 -0.15 8.93
CA VAL A 87 0.99 0.52 7.64
C VAL A 87 2.40 0.70 7.07
N GLN A 88 2.82 -0.24 6.24
CA GLN A 88 4.15 -0.19 5.63
C GLN A 88 4.13 -0.80 4.24
N VAL A 89 5.26 -0.71 3.55
CA VAL A 89 5.38 -1.26 2.20
C VAL A 89 5.23 -2.78 2.22
N ALA A 90 4.74 -3.32 1.10
CA ALA A 90 4.56 -4.76 0.98
C ALA A 90 5.85 -5.51 1.23
N ARG A 91 6.89 -5.15 0.50
CA ARG A 91 8.20 -5.78 0.63
C ARG A 91 9.33 -4.78 0.43
N TYR A 92 10.39 -4.93 1.21
CA TYR A 92 11.54 -4.04 1.10
C TYR A 92 12.44 -4.42 -0.06
N GLY A 93 13.22 -3.46 -0.54
CA GLY A 93 14.13 -3.72 -1.65
C GLY A 93 14.92 -2.49 -2.05
N ARG A 94 15.89 -2.13 -1.22
CA ARG A 94 16.73 -0.97 -1.48
C ARG A 94 17.76 -1.27 -2.57
N ARG A 95 17.56 -0.68 -3.74
CA ARG A 95 18.47 -0.90 -4.87
C ARG A 95 18.49 0.32 -5.79
N ASP A 96 19.64 0.58 -6.40
CA ASP A 96 19.80 1.71 -7.31
C ASP A 96 20.38 1.26 -8.64
N LEU A 97 19.93 1.87 -9.72
CA LEU A 97 20.41 1.53 -11.06
C LEU A 97 20.18 2.68 -12.03
N SER A 98 21.26 3.37 -12.39
CA SER A 98 21.17 4.50 -13.32
C SER A 98 22.18 4.35 -14.45
N GLY A 99 21.69 4.25 -15.68
CA GLY A 99 22.56 4.12 -16.82
C GLY A 99 22.17 5.04 -17.96
N PRO A 100 22.95 5.00 -19.05
CA PRO A 100 22.71 5.82 -20.24
C PRO A 100 21.24 5.82 -20.65
N SER A 101 20.90 6.68 -21.61
CA SER A 101 19.52 6.79 -22.08
C SER A 101 19.48 6.78 -23.61
N SER A 102 18.26 6.79 -24.16
CA SER A 102 18.08 6.77 -25.61
C SER A 102 18.98 5.73 -26.26
N GLY A 103 19.05 4.55 -25.64
CA GLY A 103 19.87 3.48 -26.18
C GLY A 103 21.35 3.76 -26.03
N GLY A 1 3.68 -10.34 -20.39
CA GLY A 1 4.31 -9.56 -21.44
C GLY A 1 4.32 -8.07 -21.14
N SER A 2 4.06 -7.26 -22.15
CA SER A 2 4.03 -5.81 -21.99
C SER A 2 2.97 -5.18 -22.89
N SER A 3 2.51 -4.00 -22.50
CA SER A 3 1.49 -3.29 -23.26
C SER A 3 1.72 -1.79 -23.22
N GLY A 4 2.03 -1.21 -24.38
CA GLY A 4 2.28 0.22 -24.47
C GLY A 4 1.12 0.98 -25.09
N SER A 5 0.12 1.29 -24.27
CA SER A 5 -1.05 2.02 -24.75
C SER A 5 -1.36 3.21 -23.85
N SER A 6 -2.13 4.16 -24.38
CA SER A 6 -2.49 5.36 -23.63
C SER A 6 -3.70 5.09 -22.74
N GLY A 7 -3.44 4.72 -21.49
CA GLY A 7 -4.53 4.44 -20.56
C GLY A 7 -4.08 4.50 -19.12
N PRO A 8 -5.02 4.81 -18.21
CA PRO A 8 -4.75 4.92 -16.78
C PRO A 8 -4.64 3.56 -16.11
N ASP A 9 -4.01 2.61 -16.80
CA ASP A 9 -3.85 1.26 -16.26
C ASP A 9 -2.75 1.23 -15.21
N VAL A 10 -3.11 0.80 -14.00
CA VAL A 10 -2.15 0.72 -12.90
C VAL A 10 -1.25 -0.50 -13.04
N ASP A 11 0.06 -0.26 -12.97
CA ASP A 11 1.03 -1.35 -13.09
C ASP A 11 1.64 -1.69 -11.73
N GLY A 12 2.04 -0.67 -10.99
CA GLY A 12 2.63 -0.87 -9.68
C GLY A 12 3.85 0.00 -9.43
N MET A 13 3.61 1.21 -8.93
CA MET A 13 4.69 2.14 -8.66
C MET A 13 4.98 2.22 -7.15
N ILE A 14 3.92 2.26 -6.35
CA ILE A 14 4.06 2.31 -4.91
C ILE A 14 2.87 1.67 -4.20
N THR A 15 3.12 0.53 -3.56
CA THR A 15 2.07 -0.18 -2.84
C THR A 15 2.33 -0.19 -1.34
N LEU A 16 1.26 -0.09 -0.57
CA LEU A 16 1.37 -0.08 0.90
C LEU A 16 0.46 -1.14 1.51
N LYS A 17 1.06 -2.08 2.23
CA LYS A 17 0.31 -3.15 2.88
C LYS A 17 -0.20 -2.70 4.24
N VAL A 18 -1.48 -2.97 4.50
CA VAL A 18 -2.09 -2.60 5.78
C VAL A 18 -2.67 -3.82 6.48
N ASP A 19 -2.04 -4.20 7.59
CA ASP A 19 -2.50 -5.35 8.35
C ASP A 19 -3.35 -4.91 9.54
N ASN A 20 -3.94 -5.88 10.23
CA ASN A 20 -4.79 -5.59 11.39
C ASN A 20 -5.99 -4.73 10.97
N LEU A 21 -6.69 -5.16 9.94
CA LEU A 21 -7.86 -4.44 9.46
C LEU A 21 -9.15 -5.16 9.84
N THR A 22 -9.76 -4.73 10.94
CA THR A 22 -11.01 -5.33 11.41
C THR A 22 -12.04 -5.40 10.29
N TYR A 23 -12.93 -6.38 10.39
CA TYR A 23 -13.97 -6.56 9.38
C TYR A 23 -14.52 -5.22 8.92
N ARG A 24 -14.81 -4.35 9.87
CA ARG A 24 -15.34 -3.03 9.55
C ARG A 24 -14.60 -2.40 8.38
N THR A 25 -13.26 -2.52 8.40
CA THR A 25 -12.44 -1.97 7.34
C THR A 25 -13.11 -2.11 5.98
N SER A 26 -12.90 -1.14 5.11
CA SER A 26 -13.50 -1.16 3.77
C SER A 26 -12.68 -0.31 2.81
N PRO A 27 -12.81 -0.61 1.50
CA PRO A 27 -12.08 0.11 0.45
C PRO A 27 -12.13 1.62 0.65
N ASP A 28 -13.27 2.11 1.14
CA ASP A 28 -13.44 3.54 1.37
C ASP A 28 -12.54 4.02 2.51
N SER A 29 -12.89 3.62 3.73
CA SER A 29 -12.12 4.00 4.91
C SER A 29 -10.63 3.79 4.68
N LEU A 30 -10.28 2.61 4.19
CA LEU A 30 -8.88 2.27 3.93
C LEU A 30 -8.26 3.27 2.95
N ARG A 31 -9.02 3.63 1.92
CA ARG A 31 -8.55 4.57 0.92
C ARG A 31 -8.36 5.97 1.52
N ARG A 32 -9.39 6.44 2.23
CA ARG A 32 -9.33 7.76 2.85
C ARG A 32 -8.11 7.89 3.74
N VAL A 33 -7.80 6.82 4.48
CA VAL A 33 -6.65 6.82 5.38
C VAL A 33 -5.45 7.52 4.74
N PHE A 34 -5.18 7.18 3.49
CA PHE A 34 -4.06 7.77 2.76
C PHE A 34 -4.55 8.89 1.85
N GLU A 35 -5.81 8.84 1.46
CA GLU A 35 -6.39 9.86 0.60
C GLU A 35 -6.21 11.25 1.18
N LYS A 36 -6.41 11.37 2.49
CA LYS A 36 -6.27 12.64 3.18
C LYS A 36 -4.89 13.25 2.91
N TYR A 37 -3.96 12.42 2.48
CA TYR A 37 -2.60 12.87 2.18
C TYR A 37 -2.37 12.96 0.67
N GLY A 38 -2.43 11.83 0.00
CA GLY A 38 -2.22 11.81 -1.44
C GLY A 38 -3.32 11.06 -2.17
N ARG A 39 -2.98 10.51 -3.33
CA ARG A 39 -3.94 9.77 -4.13
C ARG A 39 -3.81 8.26 -3.90
N VAL A 40 -4.92 7.54 -4.03
CA VAL A 40 -4.93 6.11 -3.83
C VAL A 40 -5.23 5.37 -5.13
N GLY A 41 -4.18 5.06 -5.90
CA GLY A 41 -4.37 4.37 -7.15
C GLY A 41 -5.51 3.38 -7.12
N ASP A 42 -5.34 2.31 -6.35
CA ASP A 42 -6.37 1.28 -6.23
C ASP A 42 -6.35 0.66 -4.84
N VAL A 43 -7.51 0.16 -4.40
CA VAL A 43 -7.62 -0.46 -3.08
C VAL A 43 -8.25 -1.85 -3.19
N TYR A 44 -7.54 -2.85 -2.69
CA TYR A 44 -8.02 -4.22 -2.72
C TYR A 44 -7.89 -4.89 -1.35
N ILE A 45 -8.85 -5.76 -1.04
CA ILE A 45 -8.84 -6.46 0.25
C ILE A 45 -9.06 -7.95 0.05
N PRO A 46 -7.96 -8.72 -0.01
CA PRO A 46 -8.02 -10.16 -0.19
C PRO A 46 -9.07 -10.82 0.69
N ARG A 47 -9.46 -12.04 0.33
CA ARG A 47 -10.47 -12.77 1.10
C ARG A 47 -9.95 -14.17 1.46
N GLU A 48 -10.72 -14.88 2.28
CA GLU A 48 -10.35 -16.22 2.69
C GLU A 48 -10.93 -17.27 1.74
N PRO A 49 -10.11 -18.28 1.41
CA PRO A 49 -10.51 -19.36 0.50
C PRO A 49 -11.87 -19.95 0.87
N HIS A 50 -12.28 -19.74 2.12
CA HIS A 50 -13.56 -20.24 2.59
C HIS A 50 -14.57 -19.11 2.77
N THR A 51 -14.16 -18.07 3.49
CA THR A 51 -15.04 -16.93 3.73
C THR A 51 -14.58 -15.71 2.92
N LYS A 52 -15.51 -14.80 2.67
CA LYS A 52 -15.21 -13.59 1.91
C LYS A 52 -14.73 -12.47 2.83
N ALA A 53 -14.39 -12.84 4.06
CA ALA A 53 -13.91 -11.86 5.04
C ALA A 53 -12.44 -11.51 4.78
N PRO A 54 -12.10 -10.22 4.94
CA PRO A 54 -10.74 -9.74 4.75
C PRO A 54 -9.70 -10.60 5.45
N ARG A 55 -8.88 -11.28 4.67
CA ARG A 55 -7.84 -12.15 5.23
C ARG A 55 -7.12 -11.47 6.38
N GLY A 56 -6.96 -10.16 6.28
CA GLY A 56 -6.29 -9.40 7.32
C GLY A 56 -5.48 -8.24 6.77
N PHE A 57 -4.67 -8.51 5.76
CA PHE A 57 -3.85 -7.48 5.14
C PHE A 57 -4.50 -6.96 3.86
N ALA A 58 -4.18 -5.71 3.52
CA ALA A 58 -4.72 -5.08 2.32
C ALA A 58 -3.62 -4.51 1.46
N PHE A 59 -3.96 -4.18 0.21
CA PHE A 59 -2.99 -3.61 -0.73
C PHE A 59 -3.49 -2.28 -1.28
N VAL A 60 -2.73 -1.22 -1.04
CA VAL A 60 -3.09 0.11 -1.52
C VAL A 60 -2.03 0.66 -2.46
N ARG A 61 -2.46 1.03 -3.67
CA ARG A 61 -1.56 1.56 -4.68
C ARG A 61 -1.63 3.08 -4.72
N PHE A 62 -0.51 3.73 -5.02
CA PHE A 62 -0.45 5.18 -5.10
C PHE A 62 0.05 5.64 -6.46
N HIS A 63 0.15 6.95 -6.65
CA HIS A 63 0.63 7.51 -7.91
C HIS A 63 2.01 8.12 -7.75
N ASP A 64 2.26 8.71 -6.58
CA ASP A 64 3.55 9.32 -6.29
C ASP A 64 4.31 8.54 -5.23
N ARG A 65 5.55 8.94 -4.97
CA ARG A 65 6.37 8.27 -3.97
C ARG A 65 6.43 9.07 -2.67
N ARG A 66 6.81 10.34 -2.78
CA ARG A 66 6.90 11.21 -1.62
C ARG A 66 5.59 11.22 -0.84
N ASP A 67 4.48 11.16 -1.56
CA ASP A 67 3.16 11.16 -0.94
C ASP A 67 2.97 9.91 -0.08
N ALA A 68 3.40 8.77 -0.61
CA ALA A 68 3.27 7.50 0.10
C ALA A 68 4.10 7.51 1.38
N GLN A 69 5.20 8.26 1.36
CA GLN A 69 6.07 8.35 2.52
C GLN A 69 5.36 9.00 3.70
N ASP A 70 4.83 10.19 3.48
CA ASP A 70 4.11 10.91 4.53
C ASP A 70 3.09 10.01 5.22
N ALA A 71 2.24 9.38 4.42
CA ALA A 71 1.22 8.48 4.94
C ALA A 71 1.82 7.48 5.93
N GLU A 72 2.79 6.70 5.46
CA GLU A 72 3.45 5.71 6.30
C GLU A 72 4.03 6.36 7.55
N ALA A 73 4.96 7.29 7.35
CA ALA A 73 5.60 7.99 8.46
C ALA A 73 4.61 8.25 9.59
N ALA A 74 3.35 8.48 9.22
CA ALA A 74 2.30 8.74 10.21
C ALA A 74 1.63 7.45 10.65
N MET A 75 0.86 6.84 9.76
CA MET A 75 0.17 5.60 10.06
C MET A 75 1.08 4.63 10.78
N ASP A 76 2.00 4.03 10.04
CA ASP A 76 2.95 3.07 10.62
C ASP A 76 3.46 3.56 11.97
N GLY A 77 3.06 2.86 13.04
CA GLY A 77 3.49 3.25 14.37
C GLY A 77 2.54 4.24 15.02
N ALA A 78 1.25 4.08 14.76
CA ALA A 78 0.24 4.97 15.32
C ALA A 78 -0.75 4.21 16.18
N GLU A 79 -1.55 4.94 16.95
CA GLU A 79 -2.54 4.32 17.83
C GLU A 79 -3.95 4.48 17.25
N LEU A 80 -4.49 3.38 16.72
CA LEU A 80 -5.82 3.39 16.13
C LEU A 80 -6.55 2.09 16.43
N ASP A 81 -7.85 2.19 16.64
CA ASP A 81 -8.68 1.01 16.93
C ASP A 81 -8.08 0.21 18.07
N GLY A 82 -7.52 0.90 19.05
CA GLY A 82 -6.91 0.23 20.19
C GLY A 82 -5.84 -0.76 19.78
N ARG A 83 -5.06 -0.40 18.77
CA ARG A 83 -3.99 -1.27 18.28
C ARG A 83 -3.03 -0.50 17.38
N GLU A 84 -1.96 -1.16 16.97
CA GLU A 84 -0.96 -0.53 16.10
C GLU A 84 -1.13 -1.00 14.66
N LEU A 85 -1.94 -0.27 13.89
CA LEU A 85 -2.18 -0.61 12.49
C LEU A 85 -0.86 -0.72 11.73
N ARG A 86 -0.59 -1.92 11.20
CA ARG A 86 0.64 -2.16 10.45
C ARG A 86 0.52 -1.60 9.03
N VAL A 87 0.88 -0.34 8.87
CA VAL A 87 0.81 0.31 7.56
C VAL A 87 2.20 0.49 6.98
N GLN A 88 2.70 -0.55 6.32
CA GLN A 88 4.02 -0.51 5.71
C GLN A 88 3.94 -0.71 4.20
N VAL A 89 5.09 -0.76 3.54
CA VAL A 89 5.14 -0.95 2.10
C VAL A 89 4.90 -2.41 1.73
N ALA A 90 4.10 -2.63 0.69
CA ALA A 90 3.80 -3.98 0.24
C ALA A 90 4.95 -4.56 -0.56
N ARG A 91 5.33 -3.88 -1.64
CA ARG A 91 6.41 -4.33 -2.50
C ARG A 91 7.76 -4.17 -1.79
N TYR A 92 8.25 -5.27 -1.22
CA TYR A 92 9.53 -5.26 -0.51
C TYR A 92 10.59 -6.02 -1.29
N GLY A 93 11.57 -5.28 -1.81
CA GLY A 93 12.64 -5.90 -2.57
C GLY A 93 12.46 -5.73 -4.07
N ARG A 94 13.53 -5.35 -4.75
CA ARG A 94 13.48 -5.16 -6.20
C ARG A 94 14.67 -5.84 -6.87
N ARG A 95 14.50 -7.10 -7.24
CA ARG A 95 15.56 -7.86 -7.91
C ARG A 95 14.98 -8.79 -8.97
N ASP A 96 15.54 -8.73 -10.17
CA ASP A 96 15.08 -9.58 -11.27
C ASP A 96 16.17 -10.57 -11.69
N LEU A 97 15.85 -11.85 -11.61
CA LEU A 97 16.79 -12.90 -11.98
C LEU A 97 17.01 -12.94 -13.48
N SER A 98 18.26 -13.00 -13.90
CA SER A 98 18.60 -13.04 -15.32
C SER A 98 19.95 -13.74 -15.55
N GLY A 99 19.99 -14.64 -16.52
CA GLY A 99 21.21 -15.36 -16.81
C GLY A 99 21.40 -15.59 -18.30
N PRO A 100 22.67 -15.72 -18.72
CA PRO A 100 23.02 -15.95 -20.12
C PRO A 100 22.14 -17.01 -20.78
N SER A 101 21.95 -18.12 -20.08
CA SER A 101 21.14 -19.21 -20.60
C SER A 101 21.69 -19.73 -21.93
N SER A 102 23.01 -19.86 -22.00
CA SER A 102 23.65 -20.33 -23.22
C SER A 102 23.84 -21.85 -23.18
N GLY A 103 22.82 -22.55 -22.71
CA GLY A 103 22.89 -24.00 -22.63
C GLY A 103 22.84 -24.50 -21.20
N GLY A 1 17.41 0.28 -10.09
CA GLY A 1 17.58 0.70 -11.46
C GLY A 1 18.55 1.85 -11.61
N SER A 2 18.58 2.47 -12.79
CA SER A 2 19.47 3.59 -13.05
C SER A 2 18.91 4.87 -12.44
N SER A 3 19.68 5.95 -12.55
CA SER A 3 19.28 7.24 -12.02
C SER A 3 18.43 8.01 -13.01
N GLY A 4 17.16 8.21 -12.67
CA GLY A 4 16.25 8.92 -13.55
C GLY A 4 15.40 7.99 -14.39
N SER A 5 14.08 8.21 -14.34
CA SER A 5 13.15 7.37 -15.10
C SER A 5 11.75 7.98 -15.10
N SER A 6 11.32 8.44 -16.26
CA SER A 6 10.00 9.05 -16.40
C SER A 6 9.17 8.34 -17.47
N GLY A 7 7.88 8.19 -17.20
CA GLY A 7 7.00 7.52 -18.14
C GLY A 7 5.55 7.62 -17.75
N PRO A 8 4.67 7.71 -18.76
CA PRO A 8 3.22 7.82 -18.54
C PRO A 8 2.59 6.47 -18.19
N ASP A 9 3.18 5.39 -18.67
CA ASP A 9 2.68 4.04 -18.41
C ASP A 9 3.04 3.61 -16.99
N VAL A 10 2.04 3.17 -16.24
CA VAL A 10 2.24 2.71 -14.87
C VAL A 10 3.37 1.69 -14.80
N ASP A 11 4.59 2.17 -14.58
CA ASP A 11 5.75 1.29 -14.49
C ASP A 11 5.68 0.43 -13.23
N GLY A 12 5.70 1.08 -12.08
CA GLY A 12 5.64 0.35 -10.81
C GLY A 12 5.37 1.26 -9.63
N MET A 13 4.25 1.97 -9.68
CA MET A 13 3.86 2.88 -8.60
C MET A 13 4.10 2.25 -7.24
N ILE A 14 4.16 3.08 -6.20
CA ILE A 14 4.38 2.59 -4.85
C ILE A 14 3.17 1.83 -4.33
N THR A 15 3.40 0.64 -3.79
CA THR A 15 2.33 -0.19 -3.25
C THR A 15 2.47 -0.37 -1.75
N LEU A 16 1.60 0.30 -0.99
CA LEU A 16 1.63 0.21 0.46
C LEU A 16 0.67 -0.86 0.97
N LYS A 17 1.18 -1.80 1.75
CA LYS A 17 0.37 -2.88 2.31
C LYS A 17 -0.02 -2.58 3.75
N VAL A 18 -1.23 -2.95 4.12
CA VAL A 18 -1.73 -2.73 5.48
C VAL A 18 -1.99 -4.06 6.18
N ASP A 19 -1.82 -4.07 7.50
CA ASP A 19 -2.04 -5.26 8.30
C ASP A 19 -2.87 -4.95 9.53
N ASN A 20 -3.45 -5.99 10.13
CA ASN A 20 -4.27 -5.82 11.32
C ASN A 20 -5.52 -5.00 11.01
N LEU A 21 -6.24 -5.41 9.97
CA LEU A 21 -7.46 -4.72 9.57
C LEU A 21 -8.69 -5.47 10.04
N THR A 22 -9.50 -4.81 10.87
CA THR A 22 -10.71 -5.42 11.39
C THR A 22 -11.78 -5.53 10.32
N TYR A 23 -12.82 -6.31 10.60
CA TYR A 23 -13.91 -6.51 9.65
C TYR A 23 -14.45 -5.18 9.15
N ARG A 24 -14.60 -4.22 10.07
CA ARG A 24 -15.10 -2.90 9.73
C ARG A 24 -14.35 -2.32 8.54
N THR A 25 -13.03 -2.45 8.57
CA THR A 25 -12.19 -1.93 7.49
C THR A 25 -12.88 -2.07 6.14
N SER A 26 -13.02 -0.95 5.45
CA SER A 26 -13.67 -0.95 4.13
C SER A 26 -12.86 -0.13 3.14
N PRO A 27 -13.02 -0.45 1.84
CA PRO A 27 -12.32 0.24 0.76
C PRO A 27 -12.35 1.75 0.92
N ASP A 28 -13.53 2.29 1.22
CA ASP A 28 -13.70 3.73 1.41
C ASP A 28 -12.78 4.24 2.52
N SER A 29 -12.85 3.60 3.68
CA SER A 29 -12.04 4.00 4.82
C SER A 29 -10.55 3.81 4.51
N LEU A 30 -10.16 2.57 4.20
CA LEU A 30 -8.78 2.27 3.90
C LEU A 30 -8.20 3.29 2.92
N ARG A 31 -9.03 3.78 2.01
CA ARG A 31 -8.62 4.75 1.01
C ARG A 31 -8.35 6.10 1.67
N ARG A 32 -9.35 6.62 2.38
CA ARG A 32 -9.23 7.91 3.04
C ARG A 32 -7.99 7.95 3.94
N VAL A 33 -7.63 6.79 4.48
CA VAL A 33 -6.46 6.69 5.35
C VAL A 33 -5.25 7.37 4.72
N PHE A 34 -5.00 7.06 3.45
CA PHE A 34 -3.86 7.65 2.74
C PHE A 34 -4.32 8.80 1.85
N GLU A 35 -5.62 8.84 1.56
CA GLU A 35 -6.17 9.88 0.71
C GLU A 35 -5.91 11.26 1.31
N LYS A 36 -5.88 11.33 2.64
CA LYS A 36 -5.63 12.59 3.33
C LYS A 36 -4.24 13.12 3.01
N TYR A 37 -3.44 12.31 2.33
CA TYR A 37 -2.08 12.70 1.97
C TYR A 37 -1.89 12.64 0.46
N GLY A 38 -1.95 11.45 -0.10
CA GLY A 38 -1.77 11.28 -1.54
C GLY A 38 -3.00 10.70 -2.20
N ARG A 39 -2.90 10.42 -3.49
CA ARG A 39 -4.02 9.85 -4.25
C ARG A 39 -4.00 8.33 -4.20
N VAL A 40 -5.12 7.74 -3.79
CA VAL A 40 -5.24 6.30 -3.69
C VAL A 40 -5.60 5.68 -5.04
N GLY A 41 -4.59 5.21 -5.76
CA GLY A 41 -4.82 4.60 -7.06
C GLY A 41 -5.90 3.54 -7.01
N ASP A 42 -5.61 2.43 -6.37
CA ASP A 42 -6.56 1.32 -6.25
C ASP A 42 -6.58 0.76 -4.83
N VAL A 43 -7.69 0.13 -4.47
CA VAL A 43 -7.85 -0.45 -3.14
C VAL A 43 -8.41 -1.87 -3.23
N TYR A 44 -7.64 -2.84 -2.75
CA TYR A 44 -8.07 -4.24 -2.79
C TYR A 44 -7.95 -4.86 -1.39
N ILE A 45 -9.03 -5.51 -0.95
CA ILE A 45 -9.04 -6.15 0.35
C ILE A 45 -9.49 -7.60 0.24
N PRO A 46 -8.52 -8.52 0.11
CA PRO A 46 -8.79 -9.95 0.00
C PRO A 46 -9.78 -10.44 1.05
N ARG A 47 -10.84 -11.09 0.59
CA ARG A 47 -11.87 -11.60 1.49
C ARG A 47 -11.70 -13.10 1.70
N GLU A 48 -12.42 -13.64 2.69
CA GLU A 48 -12.34 -15.06 2.99
C GLU A 48 -13.17 -15.89 1.99
N PRO A 49 -12.87 -17.19 1.92
CA PRO A 49 -13.57 -18.10 1.01
C PRO A 49 -15.08 -17.92 1.04
N HIS A 50 -15.65 -18.00 2.25
CA HIS A 50 -17.09 -17.83 2.41
C HIS A 50 -17.43 -16.42 2.86
N THR A 51 -16.99 -16.06 4.07
CA THR A 51 -17.26 -14.74 4.62
C THR A 51 -16.60 -13.66 3.77
N LYS A 52 -17.38 -12.63 3.44
CA LYS A 52 -16.87 -11.53 2.63
C LYS A 52 -16.12 -10.51 3.49
N ALA A 53 -15.33 -11.02 4.43
CA ALA A 53 -14.55 -10.16 5.32
C ALA A 53 -13.07 -10.24 4.99
N PRO A 54 -12.35 -9.14 5.27
CA PRO A 54 -10.91 -9.06 5.01
C PRO A 54 -10.15 -10.30 5.49
N ARG A 55 -8.95 -10.50 4.96
CA ARG A 55 -8.14 -11.65 5.32
C ARG A 55 -7.09 -11.26 6.36
N GLY A 56 -7.19 -10.04 6.87
CA GLY A 56 -6.25 -9.57 7.87
C GLY A 56 -5.41 -8.41 7.36
N PHE A 57 -5.22 -8.36 6.05
CA PHE A 57 -4.41 -7.30 5.44
C PHE A 57 -5.08 -6.78 4.16
N ALA A 58 -4.47 -5.77 3.56
CA ALA A 58 -5.00 -5.19 2.33
C ALA A 58 -3.88 -4.64 1.45
N PHE A 59 -4.18 -4.43 0.18
CA PHE A 59 -3.20 -3.91 -0.77
C PHE A 59 -3.65 -2.57 -1.34
N VAL A 60 -2.90 -1.52 -1.03
CA VAL A 60 -3.22 -0.18 -1.51
C VAL A 60 -2.12 0.36 -2.41
N ARG A 61 -2.53 1.01 -3.50
CA ARG A 61 -1.58 1.57 -4.45
C ARG A 61 -1.60 3.10 -4.40
N PHE A 62 -0.47 3.72 -4.73
CA PHE A 62 -0.37 5.17 -4.72
C PHE A 62 -0.03 5.69 -6.12
N HIS A 63 0.01 7.01 -6.26
CA HIS A 63 0.31 7.64 -7.55
C HIS A 63 1.65 8.36 -7.49
N ASP A 64 2.24 8.42 -6.30
CA ASP A 64 3.53 9.08 -6.11
C ASP A 64 4.30 8.44 -4.96
N ARG A 65 5.57 8.82 -4.83
CA ARG A 65 6.42 8.29 -3.76
C ARG A 65 6.45 9.23 -2.56
N ARG A 66 6.83 10.48 -2.80
CA ARG A 66 6.89 11.47 -1.75
C ARG A 66 5.60 11.51 -0.93
N ASP A 67 4.47 11.33 -1.62
CA ASP A 67 3.17 11.34 -0.97
C ASP A 67 2.96 10.06 -0.17
N ALA A 68 3.50 8.95 -0.67
CA ALA A 68 3.37 7.67 0.00
C ALA A 68 4.27 7.60 1.24
N GLN A 69 5.39 8.30 1.19
CA GLN A 69 6.33 8.33 2.30
C GLN A 69 5.71 8.99 3.52
N ASP A 70 4.78 9.91 3.28
CA ASP A 70 4.11 10.63 4.36
C ASP A 70 3.03 9.75 5.00
N ALA A 71 2.12 9.25 4.17
CA ALA A 71 1.03 8.40 4.64
C ALA A 71 1.57 7.28 5.54
N GLU A 72 2.63 6.62 5.07
CA GLU A 72 3.23 5.52 5.82
C GLU A 72 3.64 5.98 7.22
N ALA A 73 4.67 6.83 7.28
CA ALA A 73 5.16 7.34 8.54
C ALA A 73 4.01 7.76 9.46
N ALA A 74 3.11 8.58 8.91
CA ALA A 74 1.95 9.05 9.68
C ALA A 74 1.20 7.89 10.31
N MET A 75 0.98 6.84 9.52
CA MET A 75 0.27 5.66 10.01
C MET A 75 1.20 4.75 10.80
N ASP A 76 2.13 4.11 10.11
CA ASP A 76 3.08 3.22 10.75
C ASP A 76 3.44 3.71 12.15
N GLY A 77 2.75 3.19 13.15
CA GLY A 77 3.01 3.60 14.52
C GLY A 77 1.96 4.54 15.06
N ALA A 78 0.70 4.31 14.67
CA ALA A 78 -0.40 5.15 15.11
C ALA A 78 -1.31 4.38 16.08
N GLU A 79 -2.34 5.07 16.58
CA GLU A 79 -3.27 4.45 17.51
C GLU A 79 -4.68 4.42 16.91
N LEU A 80 -5.14 3.22 16.58
CA LEU A 80 -6.46 3.04 15.99
C LEU A 80 -7.07 1.71 16.42
N ASP A 81 -8.35 1.74 16.80
CA ASP A 81 -9.05 0.54 17.23
C ASP A 81 -8.36 -0.09 18.43
N GLY A 82 -7.63 0.72 19.19
CA GLY A 82 -6.92 0.22 20.35
C GLY A 82 -5.68 -0.57 19.97
N ARG A 83 -5.49 -0.80 18.68
CA ARG A 83 -4.34 -1.54 18.20
C ARG A 83 -3.41 -0.65 17.39
N GLU A 84 -2.24 -1.18 17.03
CA GLU A 84 -1.27 -0.43 16.24
C GLU A 84 -1.28 -0.87 14.78
N LEU A 85 -2.19 -0.30 14.00
CA LEU A 85 -2.31 -0.64 12.59
C LEU A 85 -0.94 -0.57 11.90
N ARG A 86 -0.51 -1.69 11.35
CA ARG A 86 0.78 -1.75 10.66
C ARG A 86 0.62 -1.35 9.19
N VAL A 87 1.14 -0.17 8.85
CA VAL A 87 1.06 0.33 7.49
C VAL A 87 2.45 0.57 6.92
N GLN A 88 2.87 -0.32 6.02
CA GLN A 88 4.19 -0.20 5.40
C GLN A 88 4.16 -0.74 3.97
N VAL A 89 5.30 -0.68 3.29
CA VAL A 89 5.42 -1.16 1.92
C VAL A 89 5.39 -2.69 1.88
N ALA A 90 4.94 -3.23 0.75
CA ALA A 90 4.87 -4.68 0.58
C ALA A 90 6.25 -5.26 0.28
N ARG A 91 6.33 -6.60 0.29
CA ARG A 91 7.59 -7.28 0.02
C ARG A 91 7.33 -8.66 -0.56
N TYR A 92 7.65 -8.84 -1.84
CA TYR A 92 7.45 -10.11 -2.52
C TYR A 92 8.75 -10.59 -3.16
N GLY A 93 8.92 -11.91 -3.23
CA GLY A 93 10.11 -12.47 -3.82
C GLY A 93 11.28 -12.52 -2.84
N ARG A 94 12.28 -13.33 -3.16
CA ARG A 94 13.44 -13.47 -2.29
C ARG A 94 14.73 -13.20 -3.08
N ARG A 95 14.68 -13.42 -4.39
CA ARG A 95 15.83 -13.19 -5.25
C ARG A 95 15.39 -12.82 -6.67
N ASP A 96 16.13 -11.90 -7.28
CA ASP A 96 15.82 -11.46 -8.63
C ASP A 96 17.01 -11.68 -9.57
N LEU A 97 16.71 -11.95 -10.84
CA LEU A 97 17.75 -12.19 -11.84
C LEU A 97 17.46 -11.42 -13.12
N SER A 98 18.51 -10.93 -13.77
CA SER A 98 18.37 -10.18 -15.00
C SER A 98 18.65 -11.07 -16.21
N GLY A 99 17.60 -11.36 -16.98
CA GLY A 99 17.75 -12.20 -18.15
C GLY A 99 18.36 -11.45 -19.32
N PRO A 100 18.61 -12.18 -20.43
CA PRO A 100 19.19 -11.60 -21.64
C PRO A 100 18.18 -10.78 -22.45
N SER A 101 18.59 -10.35 -23.63
CA SER A 101 17.72 -9.57 -24.50
C SER A 101 18.15 -9.69 -25.96
N SER A 102 17.28 -9.27 -26.87
CA SER A 102 17.57 -9.34 -28.29
C SER A 102 17.25 -8.01 -28.97
N GLY A 103 17.56 -7.93 -30.27
CA GLY A 103 17.30 -6.71 -31.01
C GLY A 103 18.42 -6.38 -31.98
N GLY A 1 11.99 0.31 -29.68
CA GLY A 1 11.95 -1.04 -30.20
C GLY A 1 10.84 -1.87 -29.58
N SER A 2 10.96 -2.12 -28.28
CA SER A 2 9.97 -2.91 -27.56
C SER A 2 8.65 -2.15 -27.45
N SER A 3 7.61 -2.84 -26.98
CA SER A 3 6.30 -2.24 -26.82
C SER A 3 6.28 -1.24 -25.67
N GLY A 4 6.89 -1.63 -24.56
CA GLY A 4 6.94 -0.76 -23.39
C GLY A 4 6.19 -1.33 -22.21
N SER A 5 6.12 -0.56 -21.12
CA SER A 5 5.43 -0.99 -19.92
C SER A 5 4.43 0.06 -19.45
N SER A 6 4.89 1.30 -19.35
CA SER A 6 4.04 2.40 -18.92
C SER A 6 2.98 2.72 -19.97
N GLY A 7 1.73 2.82 -19.53
CA GLY A 7 0.64 3.12 -20.44
C GLY A 7 -0.09 4.39 -20.08
N PRO A 8 -0.76 5.00 -21.07
CA PRO A 8 -1.51 6.24 -20.87
C PRO A 8 -2.38 6.20 -19.62
N ASP A 9 -2.76 4.99 -19.21
CA ASP A 9 -3.59 4.81 -18.02
C ASP A 9 -2.74 4.83 -16.76
N VAL A 10 -3.21 5.54 -15.74
CA VAL A 10 -2.49 5.64 -14.47
C VAL A 10 -2.77 4.42 -13.59
N ASP A 11 -1.97 3.38 -13.75
CA ASP A 11 -2.12 2.16 -12.97
C ASP A 11 -0.80 1.42 -12.84
N GLY A 12 -0.64 0.67 -11.75
CA GLY A 12 0.58 -0.07 -11.53
C GLY A 12 1.68 0.79 -10.93
N MET A 13 1.37 1.48 -9.83
CA MET A 13 2.33 2.34 -9.17
C MET A 13 2.66 1.82 -7.77
N ILE A 14 3.45 2.59 -7.03
CA ILE A 14 3.85 2.20 -5.68
C ILE A 14 2.66 1.64 -4.90
N THR A 15 2.88 0.51 -4.23
CA THR A 15 1.82 -0.13 -3.45
C THR A 15 2.26 -0.33 -2.01
N LEU A 16 1.39 0.05 -1.07
CA LEU A 16 1.68 -0.09 0.34
C LEU A 16 0.96 -1.30 0.94
N LYS A 17 1.53 -1.85 2.00
CA LYS A 17 0.95 -3.02 2.66
C LYS A 17 0.37 -2.64 4.02
N VAL A 18 -0.93 -2.86 4.19
CA VAL A 18 -1.59 -2.54 5.45
C VAL A 18 -1.94 -3.81 6.23
N ASP A 19 -1.59 -3.83 7.50
CA ASP A 19 -1.86 -4.98 8.36
C ASP A 19 -2.77 -4.58 9.52
N ASN A 20 -3.38 -5.59 10.15
CA ASN A 20 -4.27 -5.35 11.28
C ASN A 20 -5.54 -4.63 10.83
N LEU A 21 -6.16 -5.15 9.78
CA LEU A 21 -7.39 -4.56 9.25
C LEU A 21 -8.59 -5.44 9.57
N THR A 22 -9.16 -5.25 10.76
CA THR A 22 -10.31 -6.03 11.19
C THR A 22 -11.41 -6.00 10.13
N TYR A 23 -12.42 -6.84 10.31
CA TYR A 23 -13.53 -6.93 9.37
C TYR A 23 -14.10 -5.55 9.08
N ARG A 24 -14.45 -4.82 10.14
CA ARG A 24 -15.00 -3.48 9.99
C ARG A 24 -14.34 -2.73 8.84
N THR A 25 -13.03 -2.93 8.69
CA THR A 25 -12.28 -2.28 7.62
C THR A 25 -12.98 -2.41 6.28
N SER A 26 -12.91 -1.36 5.47
CA SER A 26 -13.56 -1.36 4.16
C SER A 26 -12.80 -0.46 3.19
N PRO A 27 -12.95 -0.75 1.88
CA PRO A 27 -12.29 0.02 0.83
C PRO A 27 -12.37 1.53 1.08
N ASP A 28 -13.56 2.01 1.40
CA ASP A 28 -13.77 3.43 1.66
C ASP A 28 -12.86 3.92 2.79
N SER A 29 -12.84 3.17 3.89
CA SER A 29 -12.02 3.52 5.04
C SER A 29 -10.53 3.41 4.70
N LEU A 30 -10.09 2.19 4.38
CA LEU A 30 -8.70 1.96 4.03
C LEU A 30 -8.14 3.08 3.17
N ARG A 31 -8.98 3.60 2.27
CA ARG A 31 -8.57 4.67 1.39
C ARG A 31 -8.42 5.99 2.16
N ARG A 32 -9.50 6.39 2.82
CA ARG A 32 -9.49 7.63 3.60
C ARG A 32 -8.21 7.75 4.42
N VAL A 33 -7.65 6.60 4.80
CA VAL A 33 -6.42 6.57 5.58
C VAL A 33 -5.31 7.33 4.89
N PHE A 34 -5.01 6.95 3.65
CA PHE A 34 -3.96 7.59 2.87
C PHE A 34 -4.55 8.60 1.88
N GLU A 35 -5.71 9.14 2.23
CA GLU A 35 -6.38 10.11 1.38
C GLU A 35 -5.84 11.52 1.61
N LYS A 36 -5.82 11.94 2.87
CA LYS A 36 -5.32 13.27 3.21
C LYS A 36 -3.88 13.44 2.76
N TYR A 37 -3.22 12.33 2.45
CA TYR A 37 -1.83 12.36 2.00
C TYR A 37 -1.74 12.17 0.49
N GLY A 38 -2.21 11.02 0.02
CA GLY A 38 -2.17 10.74 -1.40
C GLY A 38 -3.43 10.03 -1.88
N ARG A 39 -4.29 10.77 -2.56
CA ARG A 39 -5.54 10.21 -3.08
C ARG A 39 -5.31 8.82 -3.64
N VAL A 40 -5.52 7.80 -2.82
CA VAL A 40 -5.35 6.42 -3.24
C VAL A 40 -5.79 6.23 -4.70
N GLY A 41 -4.89 5.70 -5.52
CA GLY A 41 -5.19 5.48 -6.91
C GLY A 41 -5.99 4.21 -7.13
N ASP A 42 -5.77 3.22 -6.28
CA ASP A 42 -6.47 1.94 -6.38
C ASP A 42 -6.40 1.18 -5.06
N VAL A 43 -7.56 0.78 -4.55
CA VAL A 43 -7.64 0.04 -3.30
C VAL A 43 -7.91 -1.44 -3.55
N TYR A 44 -7.09 -2.30 -2.95
CA TYR A 44 -7.24 -3.74 -3.12
C TYR A 44 -7.44 -4.43 -1.76
N ILE A 45 -8.52 -5.18 -1.65
CA ILE A 45 -8.82 -5.89 -0.41
C ILE A 45 -9.28 -7.33 -0.69
N PRO A 46 -8.39 -8.29 -0.43
CA PRO A 46 -8.68 -9.71 -0.64
C PRO A 46 -9.62 -10.27 0.41
N ARG A 47 -10.49 -11.19 0.00
CA ARG A 47 -11.45 -11.81 0.91
C ARG A 47 -11.03 -13.24 1.25
N GLU A 48 -11.62 -13.79 2.31
CA GLU A 48 -11.30 -15.15 2.73
C GLU A 48 -12.06 -16.17 1.89
N PRO A 49 -11.55 -17.40 1.86
CA PRO A 49 -12.17 -18.50 1.10
C PRO A 49 -13.44 -19.02 1.75
N HIS A 50 -13.37 -19.23 3.07
CA HIS A 50 -14.52 -19.73 3.81
C HIS A 50 -15.52 -18.60 4.10
N THR A 51 -15.00 -17.44 4.47
CA THR A 51 -15.84 -16.29 4.77
C THR A 51 -15.54 -15.12 3.83
N LYS A 52 -16.50 -14.21 3.70
CA LYS A 52 -16.33 -13.05 2.83
C LYS A 52 -15.65 -11.90 3.57
N ALA A 53 -15.06 -12.22 4.73
CA ALA A 53 -14.37 -11.22 5.53
C ALA A 53 -12.90 -11.11 5.13
N PRO A 54 -12.37 -9.88 5.17
CA PRO A 54 -10.97 -9.61 4.82
C PRO A 54 -10.02 -10.59 5.48
N ARG A 55 -9.05 -11.08 4.71
CA ARG A 55 -8.06 -12.03 5.23
C ARG A 55 -7.32 -11.43 6.43
N GLY A 56 -6.76 -10.24 6.25
CA GLY A 56 -6.04 -9.60 7.33
C GLY A 56 -5.33 -8.33 6.87
N PHE A 57 -4.67 -8.41 5.72
CA PHE A 57 -3.95 -7.27 5.18
C PHE A 57 -4.60 -6.77 3.89
N ALA A 58 -4.00 -5.75 3.29
CA ALA A 58 -4.52 -5.19 2.05
C ALA A 58 -3.42 -4.47 1.27
N PHE A 59 -3.76 -4.01 0.07
CA PHE A 59 -2.81 -3.31 -0.79
C PHE A 59 -3.40 -2.00 -1.30
N VAL A 60 -2.63 -0.93 -1.18
CA VAL A 60 -3.08 0.38 -1.63
C VAL A 60 -2.06 1.01 -2.57
N ARG A 61 -2.50 1.36 -3.78
CA ARG A 61 -1.61 1.97 -4.77
C ARG A 61 -1.57 3.49 -4.59
N PHE A 62 -0.50 4.10 -5.08
CA PHE A 62 -0.34 5.55 -4.97
C PHE A 62 0.19 6.12 -6.28
N HIS A 63 -0.24 7.35 -6.58
CA HIS A 63 0.18 8.02 -7.81
C HIS A 63 1.69 8.29 -7.79
N ASP A 64 2.14 8.98 -6.75
CA ASP A 64 3.56 9.29 -6.61
C ASP A 64 4.24 8.35 -5.62
N ARG A 65 5.55 8.51 -5.47
CA ARG A 65 6.32 7.66 -4.56
C ARG A 65 6.35 8.27 -3.16
N ARG A 66 6.81 9.51 -3.07
CA ARG A 66 6.90 10.21 -1.79
C ARG A 66 5.57 10.12 -1.03
N ASP A 67 4.50 10.54 -1.68
CA ASP A 67 3.18 10.50 -1.08
C ASP A 67 2.98 9.25 -0.25
N ALA A 68 3.30 8.10 -0.84
CA ALA A 68 3.18 6.81 -0.16
C ALA A 68 3.99 6.80 1.13
N GLN A 69 5.28 7.11 1.01
CA GLN A 69 6.16 7.13 2.17
C GLN A 69 5.59 8.01 3.28
N ASP A 70 5.43 9.30 2.97
CA ASP A 70 4.89 10.24 3.95
C ASP A 70 3.69 9.65 4.68
N ALA A 71 2.79 9.04 3.92
CA ALA A 71 1.59 8.44 4.50
C ALA A 71 1.96 7.39 5.55
N GLU A 72 2.67 6.35 5.12
CA GLU A 72 3.08 5.28 6.02
C GLU A 72 3.96 5.82 7.13
N ALA A 73 5.12 6.36 6.75
CA ALA A 73 6.06 6.91 7.72
C ALA A 73 5.33 7.62 8.86
N ALA A 74 4.14 8.13 8.56
CA ALA A 74 3.34 8.83 9.56
C ALA A 74 2.38 7.88 10.25
N MET A 75 1.35 7.44 9.53
CA MET A 75 0.36 6.53 10.08
C MET A 75 1.02 5.43 10.91
N ASP A 76 1.80 4.59 10.24
CA ASP A 76 2.50 3.50 10.91
C ASP A 76 2.92 3.91 12.32
N GLY A 77 2.33 3.27 13.32
CA GLY A 77 2.65 3.58 14.70
C GLY A 77 1.72 4.62 15.30
N ALA A 78 0.42 4.44 15.08
CA ALA A 78 -0.59 5.37 15.60
C ALA A 78 -1.61 4.64 16.47
N GLU A 79 -2.61 5.37 16.93
CA GLU A 79 -3.64 4.80 17.77
C GLU A 79 -5.00 4.80 17.06
N LEU A 80 -5.37 3.66 16.50
CA LEU A 80 -6.64 3.53 15.79
C LEU A 80 -7.29 2.18 16.06
N ASP A 81 -8.60 2.17 16.21
CA ASP A 81 -9.35 0.94 16.47
C ASP A 81 -8.89 0.30 17.78
N GLY A 82 -8.39 1.14 18.69
CA GLY A 82 -7.94 0.63 19.97
C GLY A 82 -6.69 -0.22 19.85
N ARG A 83 -6.13 -0.29 18.64
CA ARG A 83 -4.93 -1.07 18.39
C ARG A 83 -3.94 -0.29 17.53
N GLU A 84 -2.75 -0.84 17.35
CA GLU A 84 -1.71 -0.20 16.56
C GLU A 84 -1.71 -0.73 15.13
N LEU A 85 -2.35 0.01 14.22
CA LEU A 85 -2.43 -0.38 12.83
C LEU A 85 -1.03 -0.59 12.24
N ARG A 86 -0.79 -1.78 11.70
CA ARG A 86 0.50 -2.10 11.10
C ARG A 86 0.57 -1.63 9.66
N VAL A 87 0.91 -0.36 9.47
CA VAL A 87 1.01 0.21 8.14
C VAL A 87 2.47 0.29 7.67
N GLN A 88 2.80 -0.50 6.67
CA GLN A 88 4.16 -0.53 6.14
C GLN A 88 4.15 -0.68 4.62
N VAL A 89 5.33 -0.74 4.03
CA VAL A 89 5.46 -0.89 2.58
C VAL A 89 5.53 -2.35 2.18
N ALA A 90 4.92 -2.69 1.05
CA ALA A 90 4.91 -4.06 0.55
C ALA A 90 6.15 -4.34 -0.29
N ARG A 91 6.67 -5.56 -0.18
CA ARG A 91 7.85 -5.96 -0.93
C ARG A 91 7.91 -7.46 -1.11
N TYR A 92 8.68 -7.92 -2.09
CA TYR A 92 8.83 -9.34 -2.36
C TYR A 92 10.27 -9.80 -2.18
N GLY A 93 11.19 -9.06 -2.78
CA GLY A 93 12.60 -9.40 -2.68
C GLY A 93 13.40 -8.92 -3.88
N ARG A 94 14.11 -7.81 -3.71
CA ARG A 94 14.92 -7.25 -4.78
C ARG A 94 15.80 -8.32 -5.41
N ARG A 95 16.63 -8.96 -4.60
CA ARG A 95 17.52 -10.00 -5.08
C ARG A 95 17.22 -11.34 -4.40
N ASP A 96 17.03 -12.38 -5.20
CA ASP A 96 16.74 -13.70 -4.68
C ASP A 96 18.00 -14.55 -4.61
N LEU A 97 18.46 -15.02 -5.76
CA LEU A 97 19.66 -15.84 -5.83
C LEU A 97 20.92 -14.97 -5.86
N SER A 98 21.83 -15.22 -4.92
CA SER A 98 23.07 -14.46 -4.84
C SER A 98 23.77 -14.42 -6.19
N GLY A 99 24.16 -15.60 -6.68
CA GLY A 99 24.85 -15.67 -7.96
C GLY A 99 26.07 -16.56 -7.91
N PRO A 100 26.42 -17.16 -9.06
CA PRO A 100 27.58 -18.05 -9.17
C PRO A 100 28.90 -17.27 -9.24
N SER A 101 28.94 -16.29 -10.12
CA SER A 101 30.14 -15.47 -10.29
C SER A 101 30.52 -14.78 -8.99
N SER A 102 29.59 -13.98 -8.48
CA SER A 102 29.82 -13.24 -7.23
C SER A 102 31.18 -12.53 -7.27
N GLY A 103 31.49 -11.94 -8.41
CA GLY A 103 32.75 -11.23 -8.56
C GLY A 103 33.18 -11.10 -10.01
N GLY A 1 14.27 -0.67 -9.15
CA GLY A 1 13.27 0.37 -9.37
C GLY A 1 12.92 0.52 -10.83
N SER A 2 11.67 0.94 -11.09
CA SER A 2 11.20 1.12 -12.46
C SER A 2 11.36 2.58 -12.90
N SER A 3 12.56 2.95 -13.29
CA SER A 3 12.84 4.31 -13.73
C SER A 3 11.91 4.71 -14.87
N GLY A 4 11.95 6.00 -15.22
CA GLY A 4 11.10 6.49 -16.30
C GLY A 4 10.84 7.98 -16.19
N SER A 5 11.36 8.74 -17.15
CA SER A 5 11.19 10.19 -17.15
C SER A 5 10.00 10.58 -18.05
N SER A 6 9.35 11.67 -17.68
CA SER A 6 8.20 12.16 -18.44
C SER A 6 7.40 11.00 -19.02
N GLY A 7 7.11 10.01 -18.19
CA GLY A 7 6.36 8.85 -18.63
C GLY A 7 5.12 8.61 -17.80
N PRO A 8 3.97 9.10 -18.29
CA PRO A 8 2.68 8.95 -17.61
C PRO A 8 2.13 7.54 -17.71
N ASP A 9 2.97 6.55 -17.41
CA ASP A 9 2.56 5.15 -17.47
C ASP A 9 2.04 4.67 -16.12
N VAL A 10 1.06 3.79 -16.14
CA VAL A 10 0.47 3.25 -14.92
C VAL A 10 0.80 1.76 -14.76
N ASP A 11 2.04 1.47 -14.40
CA ASP A 11 2.48 0.09 -14.21
C ASP A 11 3.06 -0.10 -12.82
N GLY A 12 2.21 -0.51 -11.88
CA GLY A 12 2.67 -0.73 -10.52
C GLY A 12 3.67 0.32 -10.06
N MET A 13 3.16 1.50 -9.70
CA MET A 13 4.02 2.58 -9.25
C MET A 13 4.52 2.33 -7.83
N ILE A 14 3.62 2.44 -6.86
CA ILE A 14 3.97 2.22 -5.46
C ILE A 14 2.80 1.61 -4.69
N THR A 15 2.96 0.34 -4.30
CA THR A 15 1.92 -0.35 -3.55
C THR A 15 2.29 -0.48 -2.08
N LEU A 16 1.36 -0.15 -1.21
CA LEU A 16 1.58 -0.22 0.23
C LEU A 16 0.79 -1.38 0.85
N LYS A 17 1.19 -1.81 2.04
CA LYS A 17 0.52 -2.88 2.73
C LYS A 17 -0.02 -2.42 4.08
N VAL A 18 -1.29 -2.75 4.36
CA VAL A 18 -1.91 -2.36 5.62
C VAL A 18 -2.48 -3.58 6.35
N ASP A 19 -1.82 -3.97 7.43
CA ASP A 19 -2.26 -5.12 8.21
C ASP A 19 -3.09 -4.67 9.42
N ASN A 20 -3.58 -5.64 10.18
CA ASN A 20 -4.39 -5.35 11.36
C ASN A 20 -5.61 -4.50 10.98
N LEU A 21 -6.36 -4.96 9.99
CA LEU A 21 -7.55 -4.25 9.54
C LEU A 21 -8.82 -5.02 9.88
N THR A 22 -9.41 -4.68 11.02
CA THR A 22 -10.63 -5.35 11.48
C THR A 22 -11.64 -5.48 10.33
N TYR A 23 -12.48 -6.50 10.41
CA TYR A 23 -13.49 -6.73 9.38
C TYR A 23 -14.10 -5.41 8.91
N ARG A 24 -14.58 -4.61 9.85
CA ARG A 24 -15.19 -3.33 9.53
C ARG A 24 -14.45 -2.66 8.37
N THR A 25 -13.13 -2.64 8.45
CA THR A 25 -12.31 -2.02 7.41
C THR A 25 -12.94 -2.22 6.03
N SER A 26 -12.87 -1.18 5.21
CA SER A 26 -13.44 -1.24 3.86
C SER A 26 -12.69 -0.31 2.92
N PRO A 27 -12.81 -0.56 1.61
CA PRO A 27 -12.16 0.25 0.57
C PRO A 27 -12.30 1.74 0.84
N ASP A 28 -13.48 2.17 1.25
CA ASP A 28 -13.74 3.57 1.54
C ASP A 28 -12.81 4.08 2.63
N SER A 29 -12.90 3.48 3.80
CA SER A 29 -12.07 3.88 4.94
C SER A 29 -10.58 3.73 4.61
N LEU A 30 -10.20 2.52 4.22
CA LEU A 30 -8.80 2.24 3.86
C LEU A 30 -8.25 3.33 2.95
N ARG A 31 -9.10 3.87 2.09
CA ARG A 31 -8.68 4.92 1.16
C ARG A 31 -8.64 6.28 1.86
N ARG A 32 -9.71 6.60 2.58
CA ARG A 32 -9.80 7.87 3.30
C ARG A 32 -8.61 8.03 4.24
N VAL A 33 -7.93 6.93 4.53
CA VAL A 33 -6.77 6.96 5.41
C VAL A 33 -5.61 7.69 4.77
N PHE A 34 -5.26 7.29 3.55
CA PHE A 34 -4.16 7.91 2.83
C PHE A 34 -4.67 8.92 1.81
N GLU A 35 -5.88 9.44 2.05
CA GLU A 35 -6.48 10.41 1.16
C GLU A 35 -6.07 11.83 1.53
N LYS A 36 -5.97 12.09 2.82
CA LYS A 36 -5.58 13.42 3.32
C LYS A 36 -4.13 13.72 2.94
N TYR A 37 -3.46 12.74 2.35
CA TYR A 37 -2.06 12.91 1.94
C TYR A 37 -1.93 12.83 0.42
N GLY A 38 -2.34 11.70 -0.15
CA GLY A 38 -2.25 11.53 -1.59
C GLY A 38 -3.47 10.84 -2.17
N ARG A 39 -3.55 10.79 -3.49
CA ARG A 39 -4.68 10.16 -4.17
C ARG A 39 -4.45 8.67 -4.35
N VAL A 40 -5.04 7.86 -3.47
CA VAL A 40 -4.89 6.42 -3.55
C VAL A 40 -5.12 5.91 -4.97
N GLY A 41 -4.12 5.22 -5.51
CA GLY A 41 -4.24 4.69 -6.86
C GLY A 41 -5.23 3.55 -6.96
N ASP A 42 -4.98 2.48 -6.21
CA ASP A 42 -5.86 1.32 -6.21
C ASP A 42 -6.02 0.75 -4.80
N VAL A 43 -7.21 0.25 -4.50
CA VAL A 43 -7.48 -0.33 -3.19
C VAL A 43 -7.99 -1.76 -3.31
N TYR A 44 -7.10 -2.71 -3.04
CA TYR A 44 -7.46 -4.12 -3.12
C TYR A 44 -7.50 -4.77 -1.74
N ILE A 45 -8.49 -5.60 -1.50
CA ILE A 45 -8.63 -6.28 -0.21
C ILE A 45 -8.95 -7.75 -0.41
N PRO A 46 -7.92 -8.60 -0.33
CA PRO A 46 -8.07 -10.05 -0.49
C PRO A 46 -8.70 -10.71 0.73
N ARG A 47 -9.13 -11.95 0.58
CA ARG A 47 -9.75 -12.69 1.66
C ARG A 47 -9.13 -14.08 1.81
N GLU A 48 -9.66 -14.87 2.75
CA GLU A 48 -9.16 -16.21 2.98
C GLU A 48 -9.56 -17.16 1.85
N PRO A 49 -8.66 -18.08 1.51
CA PRO A 49 -8.89 -19.06 0.44
C PRO A 49 -10.27 -19.72 0.55
N HIS A 50 -10.66 -20.06 1.78
CA HIS A 50 -11.94 -20.70 2.01
C HIS A 50 -12.98 -19.68 2.47
N THR A 51 -12.67 -18.96 3.54
CA THR A 51 -13.57 -17.94 4.07
C THR A 51 -13.38 -16.61 3.36
N LYS A 52 -14.49 -15.95 3.03
CA LYS A 52 -14.45 -14.66 2.36
C LYS A 52 -14.21 -13.53 3.35
N ALA A 53 -13.32 -13.77 4.30
CA ALA A 53 -12.99 -12.78 5.31
C ALA A 53 -11.62 -12.15 5.04
N PRO A 54 -11.39 -10.96 5.62
CA PRO A 54 -10.13 -10.23 5.46
C PRO A 54 -9.01 -10.84 6.27
N ARG A 55 -8.19 -11.67 5.62
CA ARG A 55 -7.07 -12.32 6.29
C ARG A 55 -6.46 -11.40 7.36
N GLY A 56 -6.42 -10.11 7.05
CA GLY A 56 -5.86 -9.16 7.99
C GLY A 56 -4.84 -8.23 7.35
N PHE A 57 -4.98 -8.04 6.04
CA PHE A 57 -4.06 -7.18 5.30
C PHE A 57 -4.68 -6.72 3.98
N ALA A 58 -4.42 -5.47 3.62
CA ALA A 58 -4.94 -4.91 2.38
C ALA A 58 -3.83 -4.35 1.51
N PHE A 59 -4.17 -3.99 0.28
CA PHE A 59 -3.19 -3.45 -0.66
C PHE A 59 -3.66 -2.09 -1.20
N VAL A 60 -2.87 -1.05 -0.93
CA VAL A 60 -3.20 0.29 -1.39
C VAL A 60 -1.99 0.97 -2.00
N ARG A 61 -2.08 1.31 -3.28
CA ARG A 61 -0.98 1.97 -3.98
C ARG A 61 -1.28 3.45 -4.19
N PHE A 62 -0.31 4.18 -4.70
CA PHE A 62 -0.47 5.61 -4.94
C PHE A 62 0.05 5.99 -6.33
N HIS A 63 -0.15 7.25 -6.70
CA HIS A 63 0.30 7.74 -8.00
C HIS A 63 1.75 8.23 -7.94
N ASP A 64 2.12 8.79 -6.80
CA ASP A 64 3.48 9.30 -6.61
C ASP A 64 4.24 8.43 -5.60
N ARG A 65 5.51 8.77 -5.40
CA ARG A 65 6.35 8.02 -4.46
C ARG A 65 6.35 8.68 -3.09
N ARG A 66 6.68 9.98 -3.05
CA ARG A 66 6.72 10.72 -1.81
C ARG A 66 5.45 10.50 -0.99
N ASP A 67 4.32 10.87 -1.57
CA ASP A 67 3.03 10.71 -0.91
C ASP A 67 2.98 9.40 -0.13
N ALA A 68 3.34 8.31 -0.81
CA ALA A 68 3.33 6.99 -0.19
C ALA A 68 4.18 6.97 1.08
N GLN A 69 5.44 7.38 0.93
CA GLN A 69 6.36 7.41 2.07
C GLN A 69 5.73 8.11 3.26
N ASP A 70 5.08 9.24 3.02
CA ASP A 70 4.44 10.00 4.07
C ASP A 70 3.29 9.21 4.70
N ALA A 71 2.37 8.76 3.85
CA ALA A 71 1.22 7.98 4.30
C ALA A 71 1.66 6.84 5.22
N GLU A 72 2.81 6.25 4.91
CA GLU A 72 3.34 5.15 5.71
C GLU A 72 3.69 5.61 7.12
N ALA A 73 4.80 6.34 7.24
CA ALA A 73 5.23 6.84 8.54
C ALA A 73 4.05 7.42 9.33
N ALA A 74 3.32 8.33 8.70
CA ALA A 74 2.17 8.96 9.35
C ALA A 74 1.39 7.95 10.16
N MET A 75 0.82 6.96 9.49
CA MET A 75 0.03 5.92 10.16
C MET A 75 0.94 4.99 10.95
N ASP A 76 1.85 4.31 10.26
CA ASP A 76 2.78 3.39 10.90
C ASP A 76 3.15 3.87 12.29
N GLY A 77 2.49 3.31 13.30
CA GLY A 77 2.77 3.70 14.68
C GLY A 77 1.70 4.62 15.25
N ALA A 78 0.45 4.37 14.86
CA ALA A 78 -0.67 5.17 15.34
C ALA A 78 -1.49 4.41 16.39
N GLU A 79 -2.52 5.06 16.91
CA GLU A 79 -3.37 4.44 17.92
C GLU A 79 -4.81 4.34 17.42
N LEU A 80 -5.16 3.18 16.88
CA LEU A 80 -6.50 2.95 16.36
C LEU A 80 -6.93 1.49 16.57
N ASP A 81 -8.21 1.30 16.89
CA ASP A 81 -8.73 -0.05 17.11
C ASP A 81 -8.02 -0.74 18.27
N GLY A 82 -7.52 0.07 19.21
CA GLY A 82 -6.83 -0.48 20.36
C GLY A 82 -5.55 -1.20 19.97
N ARG A 83 -4.97 -0.80 18.85
CA ARG A 83 -3.74 -1.41 18.35
C ARG A 83 -2.98 -0.46 17.44
N GLU A 84 -1.72 -0.79 17.16
CA GLU A 84 -0.89 0.04 16.29
C GLU A 84 -0.98 -0.44 14.85
N LEU A 85 -2.04 -0.04 14.17
CA LEU A 85 -2.24 -0.42 12.77
C LEU A 85 -0.92 -0.47 12.02
N ARG A 86 -0.57 -1.63 11.49
CA ARG A 86 0.66 -1.80 10.74
C ARG A 86 0.51 -1.27 9.32
N VAL A 87 0.88 0.00 9.13
CA VAL A 87 0.79 0.62 7.82
C VAL A 87 2.17 0.85 7.23
N GLN A 88 2.64 -0.13 6.45
CA GLN A 88 3.96 -0.04 5.83
C GLN A 88 3.93 -0.63 4.43
N VAL A 89 5.06 -0.54 3.73
CA VAL A 89 5.17 -1.07 2.38
C VAL A 89 5.14 -2.59 2.38
N ALA A 90 4.61 -3.17 1.31
CA ALA A 90 4.53 -4.63 1.19
C ALA A 90 5.90 -5.27 1.39
N ARG A 91 5.90 -6.49 1.92
CA ARG A 91 7.14 -7.22 2.18
C ARG A 91 7.33 -8.34 1.16
N TYR A 92 8.07 -8.06 0.10
CA TYR A 92 8.33 -9.05 -0.93
C TYR A 92 9.53 -8.66 -1.79
N GLY A 93 10.31 -9.65 -2.18
CA GLY A 93 11.49 -9.38 -2.99
C GLY A 93 12.58 -8.65 -2.23
N ARG A 94 12.85 -7.42 -2.63
CA ARG A 94 13.88 -6.61 -1.98
C ARG A 94 15.13 -7.45 -1.70
N ARG A 95 15.59 -8.17 -2.70
CA ARG A 95 16.78 -9.02 -2.57
C ARG A 95 17.91 -8.51 -3.43
N ASP A 96 17.59 -8.16 -4.68
CA ASP A 96 18.59 -7.66 -5.62
C ASP A 96 18.80 -6.15 -5.43
N LEU A 97 20.05 -5.72 -5.48
CA LEU A 97 20.38 -4.30 -5.32
C LEU A 97 21.06 -3.76 -6.58
N SER A 98 22.20 -4.34 -6.92
CA SER A 98 22.94 -3.91 -8.10
C SER A 98 23.74 -5.07 -8.69
N GLY A 99 23.27 -5.58 -9.83
CA GLY A 99 23.95 -6.69 -10.48
C GLY A 99 24.78 -6.24 -11.66
N PRO A 100 25.27 -7.21 -12.44
CA PRO A 100 26.10 -6.94 -13.62
C PRO A 100 25.27 -6.45 -14.81
N SER A 101 25.95 -5.98 -15.84
CA SER A 101 25.28 -5.47 -17.04
C SER A 101 26.09 -5.80 -18.30
N SER A 102 25.40 -6.02 -19.41
CA SER A 102 26.04 -6.34 -20.67
C SER A 102 26.55 -5.07 -21.36
N GLY A 103 27.70 -5.18 -22.01
CA GLY A 103 28.27 -4.03 -22.70
C GLY A 103 29.71 -4.26 -23.10
N GLY A 1 22.85 -0.69 -17.08
CA GLY A 1 22.17 0.59 -17.13
C GLY A 1 20.70 0.45 -17.49
N SER A 2 19.97 -0.34 -16.72
CA SER A 2 18.55 -0.57 -16.96
C SER A 2 17.87 0.73 -17.39
N SER A 3 17.00 0.63 -18.39
CA SER A 3 16.28 1.79 -18.89
C SER A 3 14.99 2.01 -18.11
N GLY A 4 14.11 1.02 -18.15
CA GLY A 4 12.84 1.13 -17.44
C GLY A 4 11.75 1.76 -18.29
N SER A 5 10.59 1.11 -18.35
CA SER A 5 9.48 1.62 -19.13
C SER A 5 8.73 2.71 -18.37
N SER A 6 8.28 3.74 -19.08
CA SER A 6 7.55 4.84 -18.46
C SER A 6 6.75 5.62 -19.51
N GLY A 7 5.44 5.68 -19.31
CA GLY A 7 4.59 6.40 -20.24
C GLY A 7 3.21 6.68 -19.68
N PRO A 8 2.26 7.04 -20.55
CA PRO A 8 0.88 7.33 -20.15
C PRO A 8 0.32 6.30 -19.18
N ASP A 9 0.45 5.03 -19.53
CA ASP A 9 -0.06 3.95 -18.69
C ASP A 9 0.60 4.00 -17.31
N VAL A 10 -0.22 4.07 -16.27
CA VAL A 10 0.27 4.12 -14.91
C VAL A 10 -0.16 2.89 -14.12
N ASP A 11 0.76 1.96 -13.93
CA ASP A 11 0.47 0.73 -13.19
C ASP A 11 1.75 0.13 -12.61
N GLY A 12 1.70 -0.24 -11.34
CA GLY A 12 2.86 -0.82 -10.69
C GLY A 12 3.93 0.21 -10.39
N MET A 13 3.61 1.16 -9.53
CA MET A 13 4.55 2.21 -9.16
C MET A 13 4.79 2.24 -7.66
N ILE A 14 3.70 2.32 -6.90
CA ILE A 14 3.78 2.35 -5.45
C ILE A 14 2.63 1.57 -4.81
N THR A 15 2.97 0.69 -3.86
CA THR A 15 1.98 -0.12 -3.18
C THR A 15 2.24 -0.18 -1.68
N LEU A 16 1.24 0.14 -0.88
CA LEU A 16 1.37 0.13 0.57
C LEU A 16 0.65 -1.09 1.16
N LYS A 17 1.30 -1.76 2.11
CA LYS A 17 0.73 -2.92 2.76
C LYS A 17 0.13 -2.55 4.11
N VAL A 18 -1.18 -2.74 4.24
CA VAL A 18 -1.86 -2.42 5.50
C VAL A 18 -2.30 -3.69 6.21
N ASP A 19 -1.84 -3.86 7.45
CA ASP A 19 -2.19 -5.02 8.24
C ASP A 19 -3.08 -4.64 9.42
N ASN A 20 -3.54 -5.64 10.16
CA ASN A 20 -4.41 -5.41 11.32
C ASN A 20 -5.61 -4.56 10.92
N LEU A 21 -6.32 -4.99 9.89
CA LEU A 21 -7.50 -4.28 9.41
C LEU A 21 -8.78 -5.05 9.74
N THR A 22 -9.40 -4.69 10.87
CA THR A 22 -10.63 -5.35 11.30
C THR A 22 -11.59 -5.52 10.13
N TYR A 23 -12.59 -6.39 10.31
CA TYR A 23 -13.57 -6.64 9.28
C TYR A 23 -14.24 -5.35 8.83
N ARG A 24 -14.82 -4.63 9.78
CA ARG A 24 -15.48 -3.37 9.48
C ARG A 24 -14.73 -2.58 8.41
N THR A 25 -13.42 -2.81 8.34
CA THR A 25 -12.58 -2.12 7.37
C THR A 25 -13.08 -2.36 5.95
N SER A 26 -13.29 -1.27 5.22
CA SER A 26 -13.77 -1.35 3.84
C SER A 26 -12.94 -0.48 2.92
N PRO A 27 -13.04 -0.73 1.60
CA PRO A 27 -12.29 0.02 0.59
C PRO A 27 -12.34 1.51 0.83
N ASP A 28 -13.51 2.02 1.21
CA ASP A 28 -13.69 3.44 1.47
C ASP A 28 -12.76 3.90 2.59
N SER A 29 -12.90 3.29 3.76
CA SER A 29 -12.08 3.65 4.91
C SER A 29 -10.61 3.50 4.58
N LEU A 30 -10.20 2.29 4.23
CA LEU A 30 -8.81 2.00 3.89
C LEU A 30 -8.23 3.11 3.00
N ARG A 31 -9.05 3.62 2.10
CA ARG A 31 -8.63 4.68 1.19
C ARG A 31 -8.50 6.01 1.93
N ARG A 32 -9.58 6.41 2.59
CA ARG A 32 -9.60 7.67 3.33
C ARG A 32 -8.35 7.81 4.18
N VAL A 33 -7.77 6.68 4.58
CA VAL A 33 -6.56 6.67 5.39
C VAL A 33 -5.42 7.41 4.69
N PHE A 34 -5.14 7.01 3.47
CA PHE A 34 -4.07 7.63 2.68
C PHE A 34 -4.63 8.64 1.69
N GLU A 35 -5.78 9.22 2.04
CA GLU A 35 -6.42 10.20 1.17
C GLU A 35 -5.93 11.61 1.48
N LYS A 36 -5.93 11.97 2.75
CA LYS A 36 -5.48 13.29 3.18
C LYS A 36 -3.99 13.47 2.89
N TYR A 37 -3.34 12.41 2.44
CA TYR A 37 -1.92 12.45 2.13
C TYR A 37 -1.69 12.31 0.62
N GLY A 38 -2.21 11.22 0.05
CA GLY A 38 -2.06 10.99 -1.37
C GLY A 38 -3.34 10.54 -2.03
N ARG A 39 -3.31 10.41 -3.35
CA ARG A 39 -4.49 9.98 -4.10
C ARG A 39 -4.45 8.48 -4.37
N VAL A 40 -4.99 7.71 -3.43
CA VAL A 40 -5.02 6.26 -3.56
C VAL A 40 -5.42 5.84 -4.98
N GLY A 41 -4.45 5.37 -5.75
CA GLY A 41 -4.71 4.95 -7.11
C GLY A 41 -5.83 3.93 -7.19
N ASP A 42 -5.65 2.80 -6.50
CA ASP A 42 -6.66 1.75 -6.50
C ASP A 42 -6.56 0.92 -5.22
N VAL A 43 -7.69 0.76 -4.55
CA VAL A 43 -7.73 -0.01 -3.30
C VAL A 43 -8.09 -1.47 -3.57
N TYR A 44 -7.39 -2.38 -2.92
CA TYR A 44 -7.63 -3.80 -3.08
C TYR A 44 -7.64 -4.52 -1.73
N ILE A 45 -8.71 -5.28 -1.48
CA ILE A 45 -8.85 -6.01 -0.23
C ILE A 45 -9.09 -7.50 -0.50
N PRO A 46 -8.04 -8.31 -0.35
CA PRO A 46 -8.11 -9.75 -0.56
C PRO A 46 -9.33 -10.38 0.11
N ARG A 47 -9.55 -11.66 -0.15
CA ARG A 47 -10.69 -12.38 0.42
C ARG A 47 -10.29 -13.76 0.88
N GLU A 48 -11.13 -14.37 1.72
CA GLU A 48 -10.85 -15.71 2.24
C GLU A 48 -11.25 -16.78 1.23
N PRO A 49 -10.38 -17.79 1.08
CA PRO A 49 -10.62 -18.90 0.15
C PRO A 49 -12.03 -19.46 0.26
N HIS A 50 -12.67 -19.22 1.41
CA HIS A 50 -14.02 -19.71 1.64
C HIS A 50 -15.03 -18.58 1.53
N THR A 51 -14.96 -17.64 2.47
CA THR A 51 -15.87 -16.50 2.49
C THR A 51 -15.29 -15.33 1.70
N LYS A 52 -16.18 -14.44 1.24
CA LYS A 52 -15.75 -13.27 0.46
C LYS A 52 -15.32 -12.14 1.39
N ALA A 53 -15.08 -12.47 2.66
CA ALA A 53 -14.65 -11.48 3.63
C ALA A 53 -13.14 -11.34 3.66
N PRO A 54 -12.65 -10.11 3.85
CA PRO A 54 -11.22 -9.81 3.89
C PRO A 54 -10.46 -10.79 4.79
N ARG A 55 -9.23 -11.11 4.38
CA ARG A 55 -8.40 -12.03 5.14
C ARG A 55 -7.72 -11.33 6.31
N GLY A 56 -7.12 -10.17 6.02
CA GLY A 56 -6.45 -9.41 7.06
C GLY A 56 -5.67 -8.23 6.51
N PHE A 57 -4.64 -8.51 5.72
CA PHE A 57 -3.82 -7.47 5.12
C PHE A 57 -4.52 -6.84 3.92
N ALA A 58 -4.08 -5.65 3.54
CA ALA A 58 -4.68 -4.95 2.40
C ALA A 58 -3.59 -4.35 1.52
N PHE A 59 -3.99 -3.88 0.34
CA PHE A 59 -3.05 -3.28 -0.61
C PHE A 59 -3.62 -1.99 -1.19
N VAL A 60 -2.81 -0.93 -1.16
CA VAL A 60 -3.22 0.35 -1.69
C VAL A 60 -2.21 0.89 -2.70
N ARG A 61 -2.69 1.29 -3.86
CA ARG A 61 -1.83 1.82 -4.91
C ARG A 61 -1.78 3.34 -4.85
N PHE A 62 -0.64 3.90 -5.24
CA PHE A 62 -0.46 5.35 -5.23
C PHE A 62 0.10 5.84 -6.56
N HIS A 63 0.18 7.16 -6.72
CA HIS A 63 0.69 7.76 -7.94
C HIS A 63 2.13 8.24 -7.75
N ASP A 64 2.37 8.94 -6.65
CA ASP A 64 3.69 9.46 -6.34
C ASP A 64 4.36 8.64 -5.24
N ARG A 65 5.69 8.76 -5.14
CA ARG A 65 6.44 8.02 -4.13
C ARG A 65 6.38 8.73 -2.79
N ARG A 66 6.92 9.95 -2.73
CA ARG A 66 6.92 10.72 -1.50
C ARG A 66 5.53 10.75 -0.86
N ASP A 67 4.52 10.44 -1.66
CA ASP A 67 3.14 10.42 -1.18
C ASP A 67 2.91 9.24 -0.24
N ALA A 68 3.31 8.05 -0.68
CA ALA A 68 3.15 6.84 0.11
C ALA A 68 4.09 6.85 1.32
N GLN A 69 5.32 7.29 1.10
CA GLN A 69 6.32 7.34 2.16
C GLN A 69 5.87 8.29 3.27
N ASP A 70 5.03 9.26 2.92
CA ASP A 70 4.53 10.22 3.88
C ASP A 70 3.31 9.68 4.62
N ALA A 71 2.35 9.18 3.87
CA ALA A 71 1.13 8.61 4.46
C ALA A 71 1.46 7.47 5.42
N GLU A 72 2.47 6.69 5.06
CA GLU A 72 2.89 5.55 5.89
C GLU A 72 3.50 6.04 7.19
N ALA A 73 4.67 6.67 7.10
CA ALA A 73 5.35 7.19 8.28
C ALA A 73 4.38 7.84 9.25
N ALA A 74 3.37 8.52 8.70
CA ALA A 74 2.37 9.18 9.53
C ALA A 74 1.53 8.17 10.31
N MET A 75 0.87 7.28 9.58
CA MET A 75 0.04 6.25 10.20
C MET A 75 0.90 5.29 11.02
N ASP A 76 1.80 4.58 10.34
CA ASP A 76 2.67 3.62 11.01
C ASP A 76 3.10 4.13 12.38
N GLY A 77 2.68 3.43 13.43
CA GLY A 77 3.04 3.84 14.78
C GLY A 77 2.00 4.75 15.40
N ALA A 78 0.73 4.53 15.06
CA ALA A 78 -0.35 5.34 15.59
C ALA A 78 -1.27 4.52 16.48
N GLU A 79 -2.22 5.19 17.13
CA GLU A 79 -3.16 4.51 18.03
C GLU A 79 -4.56 4.47 17.41
N LEU A 80 -4.95 3.31 16.93
CA LEU A 80 -6.27 3.14 16.32
C LEU A 80 -6.83 1.75 16.60
N ASP A 81 -8.14 1.66 16.77
CA ASP A 81 -8.80 0.39 17.04
C ASP A 81 -8.14 -0.32 18.21
N GLY A 82 -7.65 0.46 19.17
CA GLY A 82 -7.00 -0.12 20.33
C GLY A 82 -5.81 -0.99 19.97
N ARG A 83 -5.16 -0.64 18.86
CA ARG A 83 -3.99 -1.40 18.40
C ARG A 83 -3.11 -0.53 17.51
N GLU A 84 -1.87 -0.97 17.32
CA GLU A 84 -0.92 -0.24 16.49
C GLU A 84 -0.96 -0.73 15.05
N LEU A 85 -1.96 -0.28 14.30
CA LEU A 85 -2.12 -0.67 12.91
C LEU A 85 -0.77 -0.67 12.19
N ARG A 86 -0.37 -1.83 11.68
CA ARG A 86 0.90 -1.96 10.97
C ARG A 86 0.75 -1.51 9.52
N VAL A 87 1.09 -0.25 9.26
CA VAL A 87 1.01 0.31 7.92
C VAL A 87 2.39 0.53 7.33
N GLN A 88 2.82 -0.40 6.47
CA GLN A 88 4.12 -0.30 5.84
C GLN A 88 4.08 -0.88 4.42
N VAL A 89 5.15 -0.64 3.65
CA VAL A 89 5.23 -1.14 2.29
C VAL A 89 5.27 -2.66 2.25
N ALA A 90 4.57 -3.24 1.29
CA ALA A 90 4.53 -4.69 1.14
C ALA A 90 5.93 -5.27 1.05
N ARG A 91 6.58 -5.08 -0.10
CA ARG A 91 7.93 -5.59 -0.31
C ARG A 91 8.86 -4.47 -0.79
N TYR A 92 10.06 -4.43 -0.22
CA TYR A 92 11.04 -3.41 -0.59
C TYR A 92 12.22 -4.04 -1.33
N GLY A 93 12.65 -3.38 -2.40
CA GLY A 93 13.76 -3.88 -3.19
C GLY A 93 15.10 -3.34 -2.70
N ARG A 94 16.07 -3.28 -3.60
CA ARG A 94 17.40 -2.79 -3.27
C ARG A 94 17.88 -1.77 -4.30
N ARG A 95 17.77 -2.13 -5.58
CA ARG A 95 18.20 -1.25 -6.65
C ARG A 95 17.12 -0.20 -6.95
N ASP A 96 17.56 1.05 -7.10
CA ASP A 96 16.64 2.15 -7.39
C ASP A 96 17.35 3.27 -8.14
N LEU A 97 16.60 3.97 -8.99
CA LEU A 97 17.16 5.06 -9.77
C LEU A 97 16.05 5.92 -10.37
N SER A 98 16.41 7.12 -10.80
CA SER A 98 15.44 8.04 -11.39
C SER A 98 16.08 8.83 -12.54
N GLY A 99 15.35 8.95 -13.64
CA GLY A 99 15.85 9.69 -14.79
C GLY A 99 14.95 9.55 -16.01
N PRO A 100 14.95 10.59 -16.85
CA PRO A 100 14.12 10.61 -18.07
C PRO A 100 14.72 9.75 -19.18
N SER A 101 13.94 8.79 -19.67
CA SER A 101 14.39 7.91 -20.74
C SER A 101 14.64 8.68 -22.02
N SER A 102 15.81 8.48 -22.60
CA SER A 102 16.19 9.17 -23.84
C SER A 102 16.29 8.18 -25.00
N GLY A 103 15.20 8.02 -25.73
CA GLY A 103 15.20 7.10 -26.86
C GLY A 103 14.77 5.70 -26.47
N GLY A 1 18.27 8.04 -16.16
CA GLY A 1 17.78 9.29 -16.73
C GLY A 1 16.33 9.55 -16.35
N SER A 2 15.80 10.68 -16.81
CA SER A 2 14.43 11.06 -16.52
C SER A 2 13.46 10.39 -17.49
N SER A 3 12.37 9.85 -16.95
CA SER A 3 11.37 9.17 -17.76
C SER A 3 10.04 9.92 -17.72
N GLY A 4 9.54 10.13 -16.51
CA GLY A 4 8.28 10.83 -16.35
C GLY A 4 7.14 9.89 -16.02
N SER A 5 5.96 10.17 -16.57
CA SER A 5 4.78 9.36 -16.34
C SER A 5 4.25 8.78 -17.65
N SER A 6 4.71 7.58 -17.99
CA SER A 6 4.29 6.92 -19.22
C SER A 6 3.35 5.74 -18.92
N GLY A 7 2.43 5.95 -17.98
CA GLY A 7 1.51 4.90 -17.61
C GLY A 7 0.06 5.30 -17.83
N PRO A 8 -0.46 5.05 -19.04
CA PRO A 8 -1.84 5.38 -19.40
C PRO A 8 -2.84 4.40 -18.82
N ASP A 9 -2.36 3.51 -17.94
CA ASP A 9 -3.22 2.51 -17.31
C ASP A 9 -2.58 1.99 -16.03
N VAL A 10 -3.41 1.74 -15.02
CA VAL A 10 -2.93 1.23 -13.74
C VAL A 10 -2.15 -0.07 -13.92
N ASP A 11 -0.83 0.02 -13.72
CA ASP A 11 0.03 -1.15 -13.86
C ASP A 11 0.68 -1.51 -12.53
N GLY A 12 1.15 -0.49 -11.81
CA GLY A 12 1.79 -0.73 -10.52
C GLY A 12 3.04 0.11 -10.34
N MET A 13 2.89 1.24 -9.65
CA MET A 13 4.02 2.14 -9.40
C MET A 13 4.35 2.20 -7.92
N ILE A 14 3.31 2.15 -7.09
CA ILE A 14 3.48 2.20 -5.64
C ILE A 14 2.40 1.39 -4.92
N THR A 15 2.82 0.53 -4.01
CA THR A 15 1.89 -0.31 -3.25
C THR A 15 2.23 -0.29 -1.76
N LEU A 16 1.22 -0.08 -0.93
CA LEU A 16 1.42 -0.06 0.52
C LEU A 16 0.68 -1.21 1.19
N LYS A 17 1.31 -1.80 2.19
CA LYS A 17 0.72 -2.92 2.92
C LYS A 17 0.11 -2.46 4.24
N VAL A 18 -1.17 -2.73 4.42
CA VAL A 18 -1.87 -2.34 5.64
C VAL A 18 -2.42 -3.57 6.38
N ASP A 19 -1.87 -3.83 7.56
CA ASP A 19 -2.31 -4.96 8.36
C ASP A 19 -3.20 -4.51 9.51
N ASN A 20 -3.66 -5.46 10.32
CA ASN A 20 -4.52 -5.16 11.45
C ASN A 20 -5.76 -4.39 11.01
N LEU A 21 -6.47 -4.94 10.02
CA LEU A 21 -7.68 -4.30 9.50
C LEU A 21 -8.90 -5.15 9.80
N THR A 22 -9.70 -4.72 10.78
CA THR A 22 -10.90 -5.44 11.16
C THR A 22 -11.89 -5.53 10.00
N TYR A 23 -12.74 -6.54 10.04
CA TYR A 23 -13.73 -6.75 8.98
C TYR A 23 -14.39 -5.42 8.59
N ARG A 24 -14.82 -4.67 9.59
CA ARG A 24 -15.47 -3.38 9.35
C ARG A 24 -14.73 -2.59 8.27
N THR A 25 -13.41 -2.73 8.25
CA THR A 25 -12.59 -2.03 7.27
C THR A 25 -13.12 -2.23 5.86
N SER A 26 -13.34 -1.14 5.15
CA SER A 26 -13.85 -1.20 3.78
C SER A 26 -13.02 -0.34 2.85
N PRO A 27 -13.03 -0.68 1.56
CA PRO A 27 -12.28 0.05 0.53
C PRO A 27 -12.41 1.56 0.68
N ASP A 28 -13.64 2.02 0.86
CA ASP A 28 -13.91 3.45 1.02
C ASP A 28 -13.08 4.03 2.16
N SER A 29 -13.17 3.40 3.33
CA SER A 29 -12.42 3.86 4.50
C SER A 29 -10.93 3.78 4.27
N LEU A 30 -10.42 2.55 4.12
CA LEU A 30 -9.00 2.33 3.89
C LEU A 30 -8.43 3.38 2.94
N ARG A 31 -9.26 3.85 2.01
CA ARG A 31 -8.85 4.86 1.05
C ARG A 31 -8.71 6.22 1.71
N ARG A 32 -9.77 6.66 2.38
CA ARG A 32 -9.77 7.96 3.06
C ARG A 32 -8.54 8.09 3.96
N VAL A 33 -8.04 6.95 4.44
CA VAL A 33 -6.88 6.95 5.31
C VAL A 33 -5.67 7.61 4.64
N PHE A 34 -5.38 7.18 3.41
CA PHE A 34 -4.26 7.73 2.67
C PHE A 34 -4.74 8.78 1.65
N GLU A 35 -5.88 9.39 1.95
CA GLU A 35 -6.44 10.41 1.06
C GLU A 35 -5.92 11.79 1.41
N LYS A 36 -5.91 12.11 2.71
CA LYS A 36 -5.43 13.41 3.18
C LYS A 36 -3.94 13.56 2.91
N TYR A 37 -3.32 12.49 2.42
CA TYR A 37 -1.89 12.51 2.13
C TYR A 37 -1.64 12.33 0.63
N GLY A 38 -2.19 11.26 0.08
CA GLY A 38 -2.01 10.99 -1.34
C GLY A 38 -3.31 10.57 -2.02
N ARG A 39 -3.28 10.45 -3.34
CA ARG A 39 -4.46 10.07 -4.10
C ARG A 39 -4.45 8.56 -4.39
N VAL A 40 -4.88 7.78 -3.40
CA VAL A 40 -4.91 6.33 -3.55
C VAL A 40 -5.37 5.93 -4.93
N GLY A 41 -4.42 5.59 -5.80
CA GLY A 41 -4.73 5.19 -7.15
C GLY A 41 -5.70 4.03 -7.20
N ASP A 42 -5.51 3.07 -6.30
CA ASP A 42 -6.38 1.89 -6.25
C ASP A 42 -6.35 1.27 -4.85
N VAL A 43 -7.41 0.55 -4.51
CA VAL A 43 -7.52 -0.09 -3.21
C VAL A 43 -7.87 -1.57 -3.36
N TYR A 44 -7.12 -2.42 -2.68
CA TYR A 44 -7.36 -3.86 -2.74
C TYR A 44 -7.45 -4.45 -1.34
N ILE A 45 -8.47 -5.28 -1.13
CA ILE A 45 -8.69 -5.92 0.17
C ILE A 45 -9.00 -7.40 0.02
N PRO A 46 -8.00 -8.25 0.29
CA PRO A 46 -8.14 -9.70 0.19
C PRO A 46 -8.97 -10.29 1.33
N ARG A 47 -9.50 -11.49 1.13
CA ARG A 47 -10.30 -12.15 2.15
C ARG A 47 -9.92 -13.61 2.28
N GLU A 48 -10.31 -14.23 3.39
CA GLU A 48 -9.99 -15.64 3.63
C GLU A 48 -10.68 -16.54 2.62
N PRO A 49 -10.18 -17.77 2.48
CA PRO A 49 -10.74 -18.75 1.55
C PRO A 49 -12.03 -19.39 2.07
N HIS A 50 -12.06 -19.67 3.36
CA HIS A 50 -13.24 -20.27 3.98
C HIS A 50 -14.25 -19.20 4.39
N THR A 51 -13.75 -18.12 4.99
CA THR A 51 -14.60 -17.03 5.43
C THR A 51 -14.47 -15.82 4.50
N LYS A 52 -15.56 -15.09 4.34
CA LYS A 52 -15.57 -13.90 3.48
C LYS A 52 -15.19 -12.66 4.28
N ALA A 53 -14.12 -12.77 5.07
CA ALA A 53 -13.65 -11.65 5.88
C ALA A 53 -12.20 -11.33 5.57
N PRO A 54 -11.86 -10.03 5.59
CA PRO A 54 -10.50 -9.55 5.32
C PRO A 54 -9.44 -10.36 6.08
N ARG A 55 -8.61 -11.07 5.33
CA ARG A 55 -7.55 -11.90 5.93
C ARG A 55 -6.86 -11.14 7.06
N GLY A 56 -6.42 -9.91 6.77
CA GLY A 56 -5.75 -9.11 7.77
C GLY A 56 -4.92 -8.00 7.16
N PHE A 57 -4.31 -8.29 6.01
CA PHE A 57 -3.49 -7.31 5.32
C PHE A 57 -4.13 -6.86 4.02
N ALA A 58 -3.91 -5.61 3.65
CA ALA A 58 -4.47 -5.06 2.42
C ALA A 58 -3.38 -4.48 1.53
N PHE A 59 -3.76 -4.09 0.31
CA PHE A 59 -2.81 -3.52 -0.64
C PHE A 59 -3.39 -2.27 -1.29
N VAL A 60 -2.83 -1.12 -0.92
CA VAL A 60 -3.30 0.16 -1.47
C VAL A 60 -2.27 0.73 -2.45
N ARG A 61 -2.73 1.07 -3.65
CA ARG A 61 -1.86 1.63 -4.67
C ARG A 61 -1.81 3.15 -4.57
N PHE A 62 -0.80 3.75 -5.19
CA PHE A 62 -0.64 5.20 -5.18
C PHE A 62 -0.07 5.70 -6.51
N HIS A 63 -0.05 7.02 -6.67
CA HIS A 63 0.47 7.62 -7.89
C HIS A 63 1.95 7.95 -7.75
N ASP A 64 2.28 8.73 -6.72
CA ASP A 64 3.67 9.12 -6.47
C ASP A 64 4.24 8.36 -5.27
N ARG A 65 5.56 8.27 -5.22
CA ARG A 65 6.23 7.57 -4.13
C ARG A 65 6.35 8.46 -2.90
N ARG A 66 7.11 9.55 -3.03
CA ARG A 66 7.31 10.48 -1.94
C ARG A 66 6.01 10.72 -1.19
N ASP A 67 4.88 10.55 -1.87
CA ASP A 67 3.57 10.76 -1.28
C ASP A 67 3.20 9.57 -0.39
N ALA A 68 3.34 8.37 -0.92
CA ALA A 68 3.02 7.16 -0.17
C ALA A 68 3.85 7.06 1.10
N GLN A 69 5.09 7.51 1.02
CA GLN A 69 5.99 7.47 2.16
C GLN A 69 5.52 8.42 3.26
N ASP A 70 4.84 9.49 2.86
CA ASP A 70 4.33 10.48 3.80
C ASP A 70 3.17 9.91 4.60
N ALA A 71 2.26 9.22 3.91
CA ALA A 71 1.10 8.62 4.55
C ALA A 71 1.50 7.47 5.46
N GLU A 72 2.64 6.86 5.16
CA GLU A 72 3.14 5.74 5.95
C GLU A 72 3.58 6.19 7.34
N ALA A 73 4.71 6.88 7.39
CA ALA A 73 5.25 7.38 8.65
C ALA A 73 4.12 7.77 9.61
N ALA A 74 3.27 8.69 9.15
CA ALA A 74 2.15 9.15 9.96
C ALA A 74 1.36 7.98 10.53
N MET A 75 0.94 7.06 9.66
CA MET A 75 0.18 5.89 10.07
C MET A 75 1.05 4.95 10.90
N ASP A 76 1.95 4.24 10.22
CA ASP A 76 2.84 3.29 10.89
C ASP A 76 3.26 3.82 12.26
N GLY A 77 2.73 3.21 13.31
CA GLY A 77 3.07 3.63 14.66
C GLY A 77 2.02 4.55 15.25
N ALA A 78 0.75 4.24 15.01
CA ALA A 78 -0.35 5.03 15.54
C ALA A 78 -1.19 4.24 16.53
N GLU A 79 -2.09 4.93 17.22
CA GLU A 79 -2.95 4.28 18.21
C GLU A 79 -4.40 4.26 17.73
N LEU A 80 -4.83 3.13 17.19
CA LEU A 80 -6.20 2.98 16.71
C LEU A 80 -6.70 1.55 16.91
N ASP A 81 -8.02 1.38 16.90
CA ASP A 81 -8.63 0.07 17.07
C ASP A 81 -7.97 -0.68 18.23
N GLY A 82 -7.45 0.07 19.20
CA GLY A 82 -6.81 -0.54 20.34
C GLY A 82 -5.59 -1.35 19.95
N ARG A 83 -4.83 -0.84 18.97
CA ARG A 83 -3.63 -1.52 18.51
C ARG A 83 -2.80 -0.60 17.60
N GLU A 84 -1.61 -1.05 17.26
CA GLU A 84 -0.72 -0.27 16.41
C GLU A 84 -0.80 -0.75 14.96
N LEU A 85 -1.82 -0.28 14.25
CA LEU A 85 -2.02 -0.66 12.85
C LEU A 85 -0.69 -0.69 12.11
N ARG A 86 -0.47 -1.76 11.34
CA ARG A 86 0.76 -1.91 10.57
C ARG A 86 0.60 -1.33 9.16
N VAL A 87 0.90 -0.05 9.01
CA VAL A 87 0.79 0.62 7.72
C VAL A 87 2.16 0.90 7.13
N GLN A 88 2.73 -0.09 6.47
CA GLN A 88 4.04 0.05 5.85
C GLN A 88 4.06 -0.57 4.46
N VAL A 89 5.23 -0.52 3.81
CA VAL A 89 5.38 -1.09 2.47
C VAL A 89 5.38 -2.61 2.51
N ALA A 90 4.98 -3.22 1.40
CA ALA A 90 4.94 -4.68 1.31
C ALA A 90 6.27 -5.29 1.74
N ARG A 91 7.28 -5.12 0.89
CA ARG A 91 8.61 -5.66 1.17
C ARG A 91 9.37 -4.75 2.12
N TYR A 92 10.21 -5.35 2.95
CA TYR A 92 11.00 -4.60 3.92
C TYR A 92 12.44 -5.10 3.96
N GLY A 93 13.38 -4.27 3.52
CA GLY A 93 14.78 -4.65 3.52
C GLY A 93 15.53 -4.09 2.33
N ARG A 94 15.22 -2.84 1.97
CA ARG A 94 15.87 -2.20 0.84
C ARG A 94 17.34 -2.63 0.72
N ARG A 95 17.72 -3.11 -0.45
CA ARG A 95 19.09 -3.57 -0.68
C ARG A 95 19.67 -2.90 -1.93
N ASP A 96 18.96 -3.02 -3.04
CA ASP A 96 19.42 -2.42 -4.30
C ASP A 96 20.94 -2.48 -4.41
N LEU A 97 21.52 -3.61 -4.00
CA LEU A 97 22.97 -3.78 -4.05
C LEU A 97 23.33 -5.26 -4.05
N SER A 98 23.76 -5.76 -5.20
CA SER A 98 24.14 -7.17 -5.32
C SER A 98 24.98 -7.39 -6.58
N GLY A 99 25.88 -8.37 -6.52
CA GLY A 99 26.73 -8.66 -7.66
C GLY A 99 27.81 -7.62 -7.86
N PRO A 100 28.74 -7.90 -8.78
CA PRO A 100 29.84 -6.99 -9.10
C PRO A 100 29.40 -5.82 -9.97
N SER A 101 30.30 -4.86 -10.15
CA SER A 101 30.00 -3.68 -10.96
C SER A 101 30.42 -3.89 -12.42
N SER A 102 29.68 -3.27 -13.33
CA SER A 102 29.97 -3.39 -14.76
C SER A 102 29.26 -2.31 -15.56
N GLY A 103 29.57 -2.23 -16.85
CA GLY A 103 28.94 -1.23 -17.70
C GLY A 103 28.47 -1.82 -19.02
N GLY A 1 14.23 2.42 -16.89
CA GLY A 1 14.65 3.79 -17.08
C GLY A 1 14.44 4.64 -15.85
N SER A 2 13.60 5.66 -15.97
CA SER A 2 13.31 6.56 -14.86
C SER A 2 12.40 5.88 -13.84
N SER A 3 12.40 6.41 -12.62
CA SER A 3 11.57 5.86 -11.55
C SER A 3 10.14 6.39 -11.64
N GLY A 4 9.17 5.49 -11.48
CA GLY A 4 7.78 5.89 -11.55
C GLY A 4 7.22 5.81 -12.95
N SER A 5 5.95 5.46 -13.07
CA SER A 5 5.30 5.35 -14.36
C SER A 5 3.98 6.13 -14.39
N SER A 6 3.48 6.40 -15.60
CA SER A 6 2.24 7.14 -15.75
C SER A 6 1.41 6.56 -16.88
N GLY A 7 0.09 6.82 -16.84
CA GLY A 7 -0.80 6.31 -17.86
C GLY A 7 -2.26 6.49 -17.50
N PRO A 8 -3.13 5.73 -18.17
CA PRO A 8 -4.58 5.78 -17.93
C PRO A 8 -4.99 5.05 -16.67
N ASP A 9 -4.28 3.97 -16.36
CA ASP A 9 -4.57 3.17 -15.17
C ASP A 9 -3.28 2.79 -14.44
N VAL A 10 -3.38 2.61 -13.13
CA VAL A 10 -2.23 2.25 -12.32
C VAL A 10 -1.53 1.01 -12.88
N ASP A 11 -0.22 1.08 -12.99
CA ASP A 11 0.57 -0.03 -13.51
C ASP A 11 1.42 -0.66 -12.40
N GLY A 12 2.20 0.18 -11.71
CA GLY A 12 3.05 -0.31 -10.65
C GLY A 12 3.95 0.78 -10.09
N MET A 13 3.36 1.90 -9.70
CA MET A 13 4.12 3.00 -9.15
C MET A 13 4.58 2.70 -7.72
N ILE A 14 3.63 2.72 -6.78
CA ILE A 14 3.94 2.45 -5.39
C ILE A 14 2.83 1.63 -4.73
N THR A 15 3.23 0.67 -3.89
CA THR A 15 2.27 -0.18 -3.20
C THR A 15 2.45 -0.11 -1.69
N LEU A 16 1.35 -0.12 -0.95
CA LEU A 16 1.40 -0.06 0.50
C LEU A 16 0.57 -1.19 1.12
N LYS A 17 1.21 -1.97 1.99
CA LYS A 17 0.52 -3.08 2.66
C LYS A 17 -0.01 -2.65 4.02
N VAL A 18 -1.32 -2.74 4.20
CA VAL A 18 -1.96 -2.37 5.46
C VAL A 18 -2.32 -3.60 6.27
N ASP A 19 -1.62 -3.79 7.39
CA ASP A 19 -1.86 -4.92 8.27
C ASP A 19 -2.59 -4.48 9.53
N ASN A 20 -2.89 -5.45 10.40
CA ASN A 20 -3.59 -5.16 11.64
C ASN A 20 -4.94 -4.51 11.38
N LEU A 21 -5.63 -4.98 10.33
CA LEU A 21 -6.93 -4.44 9.97
C LEU A 21 -8.05 -5.33 10.49
N THR A 22 -9.20 -4.72 10.80
CA THR A 22 -10.35 -5.45 11.29
C THR A 22 -11.39 -5.66 10.20
N TYR A 23 -12.51 -6.28 10.57
CA TYR A 23 -13.58 -6.55 9.61
C TYR A 23 -14.23 -5.25 9.15
N ARG A 24 -14.61 -4.41 10.11
CA ARG A 24 -15.25 -3.13 9.79
C ARG A 24 -14.54 -2.45 8.62
N THR A 25 -13.23 -2.62 8.55
CA THR A 25 -12.44 -2.02 7.47
C THR A 25 -13.13 -2.20 6.12
N SER A 26 -13.19 -1.12 5.36
CA SER A 26 -13.82 -1.16 4.04
C SER A 26 -13.04 -0.30 3.04
N PRO A 27 -13.27 -0.56 1.75
CA PRO A 27 -12.60 0.18 0.66
C PRO A 27 -12.61 1.68 0.90
N ASP A 28 -13.73 2.20 1.38
CA ASP A 28 -13.86 3.62 1.65
C ASP A 28 -12.91 4.05 2.77
N SER A 29 -13.06 3.43 3.93
CA SER A 29 -12.22 3.76 5.08
C SER A 29 -10.74 3.63 4.73
N LEU A 30 -10.36 2.45 4.25
CA LEU A 30 -8.97 2.19 3.88
C LEU A 30 -8.47 3.25 2.91
N ARG A 31 -9.35 3.71 2.03
CA ARG A 31 -8.99 4.73 1.05
C ARG A 31 -8.63 6.05 1.74
N ARG A 32 -9.55 6.55 2.55
CA ARG A 32 -9.34 7.80 3.28
C ARG A 32 -8.05 7.75 4.08
N VAL A 33 -7.81 6.62 4.73
CA VAL A 33 -6.61 6.44 5.54
C VAL A 33 -5.42 7.16 4.93
N PHE A 34 -5.21 6.96 3.64
CA PHE A 34 -4.10 7.59 2.93
C PHE A 34 -4.59 8.81 2.15
N GLU A 35 -5.77 8.69 1.56
CA GLU A 35 -6.35 9.78 0.79
C GLU A 35 -6.09 11.14 1.46
N LYS A 36 -6.07 11.13 2.79
CA LYS A 36 -5.84 12.34 3.55
C LYS A 36 -4.61 13.08 3.06
N TYR A 37 -3.54 12.33 2.81
CA TYR A 37 -2.29 12.91 2.33
C TYR A 37 -2.14 12.70 0.83
N GLY A 38 -2.25 11.44 0.40
CA GLY A 38 -2.13 11.13 -1.01
C GLY A 38 -3.25 10.24 -1.51
N ARG A 39 -3.62 10.41 -2.78
CA ARG A 39 -4.69 9.61 -3.38
C ARG A 39 -4.34 8.13 -3.34
N VAL A 40 -5.24 7.31 -3.88
CA VAL A 40 -5.03 5.87 -3.91
C VAL A 40 -5.27 5.31 -5.31
N GLY A 41 -4.19 4.91 -5.97
CA GLY A 41 -4.30 4.36 -7.31
C GLY A 41 -5.39 3.32 -7.43
N ASP A 42 -5.43 2.40 -6.46
CA ASP A 42 -6.44 1.34 -6.46
C ASP A 42 -6.48 0.64 -5.10
N VAL A 43 -7.69 0.28 -4.67
CA VAL A 43 -7.87 -0.39 -3.39
C VAL A 43 -8.25 -1.86 -3.58
N TYR A 44 -7.51 -2.74 -2.94
CA TYR A 44 -7.76 -4.18 -3.04
C TYR A 44 -7.91 -4.81 -1.66
N ILE A 45 -9.09 -5.35 -1.39
CA ILE A 45 -9.35 -5.99 -0.10
C ILE A 45 -9.75 -7.44 -0.29
N PRO A 46 -8.81 -8.36 0.01
CA PRO A 46 -9.04 -9.80 -0.12
C PRO A 46 -9.91 -10.35 0.99
N ARG A 47 -10.34 -11.60 0.86
CA ARG A 47 -11.18 -12.24 1.86
C ARG A 47 -10.80 -13.71 2.04
N GLU A 48 -11.27 -14.31 3.12
CA GLU A 48 -10.98 -15.70 3.41
C GLU A 48 -11.67 -16.63 2.40
N PRO A 49 -10.95 -17.67 1.98
CA PRO A 49 -11.46 -18.64 1.01
C PRO A 49 -12.87 -19.11 1.34
N HIS A 50 -13.22 -19.03 2.62
CA HIS A 50 -14.54 -19.45 3.08
C HIS A 50 -15.38 -18.25 3.51
N THR A 51 -14.90 -17.52 4.52
CA THR A 51 -15.61 -16.35 5.01
C THR A 51 -15.27 -15.12 4.19
N LYS A 52 -16.10 -14.09 4.31
CA LYS A 52 -15.89 -12.85 3.57
C LYS A 52 -15.04 -11.86 4.38
N ALA A 53 -14.35 -12.39 5.38
CA ALA A 53 -13.49 -11.56 6.23
C ALA A 53 -12.09 -11.46 5.67
N PRO A 54 -11.42 -10.32 5.92
CA PRO A 54 -10.06 -10.06 5.45
C PRO A 54 -9.01 -10.83 6.26
N ARG A 55 -8.28 -11.71 5.58
CA ARG A 55 -7.24 -12.49 6.24
C ARG A 55 -6.55 -11.67 7.32
N GLY A 56 -6.33 -10.39 7.04
CA GLY A 56 -5.66 -9.53 8.01
C GLY A 56 -4.68 -8.58 7.35
N PHE A 57 -4.96 -8.20 6.10
CA PHE A 57 -4.09 -7.30 5.37
C PHE A 57 -4.79 -6.77 4.12
N ALA A 58 -4.25 -5.67 3.58
CA ALA A 58 -4.83 -5.06 2.38
C ALA A 58 -3.73 -4.50 1.47
N PHE A 59 -4.11 -4.16 0.25
CA PHE A 59 -3.16 -3.61 -0.72
C PHE A 59 -3.68 -2.30 -1.30
N VAL A 60 -2.83 -1.27 -1.28
CA VAL A 60 -3.20 0.03 -1.82
C VAL A 60 -2.09 0.61 -2.68
N ARG A 61 -2.47 1.18 -3.83
CA ARG A 61 -1.50 1.77 -4.74
C ARG A 61 -1.51 3.29 -4.64
N PHE A 62 -0.45 3.92 -5.12
CA PHE A 62 -0.33 5.37 -5.08
C PHE A 62 0.15 5.91 -6.43
N HIS A 63 0.17 7.24 -6.54
CA HIS A 63 0.61 7.88 -7.77
C HIS A 63 2.07 8.34 -7.66
N ASP A 64 2.49 8.65 -6.43
CA ASP A 64 3.84 9.10 -6.19
C ASP A 64 4.45 8.39 -4.97
N ARG A 65 5.75 8.55 -4.79
CA ARG A 65 6.45 7.92 -3.67
C ARG A 65 6.38 8.81 -2.42
N ARG A 66 6.82 10.05 -2.56
CA ARG A 66 6.80 10.99 -1.44
C ARG A 66 5.49 10.89 -0.66
N ASP A 67 4.40 11.24 -1.32
CA ASP A 67 3.09 11.18 -0.68
C ASP A 67 2.93 9.92 0.14
N ALA A 68 3.16 8.77 -0.49
CA ALA A 68 3.04 7.49 0.18
C ALA A 68 3.92 7.45 1.43
N GLN A 69 5.20 7.76 1.26
CA GLN A 69 6.13 7.74 2.38
C GLN A 69 5.60 8.55 3.56
N ASP A 70 5.03 9.72 3.26
CA ASP A 70 4.47 10.58 4.29
C ASP A 70 3.37 9.85 5.07
N ALA A 71 2.46 9.23 4.33
CA ALA A 71 1.35 8.52 4.94
C ALA A 71 1.86 7.34 5.77
N GLU A 72 2.84 6.62 5.24
CA GLU A 72 3.41 5.48 5.94
C GLU A 72 4.04 5.91 7.27
N ALA A 73 5.11 6.68 7.18
CA ALA A 73 5.80 7.16 8.37
C ALA A 73 4.81 7.62 9.43
N ALA A 74 3.77 8.32 9.00
CA ALA A 74 2.75 8.82 9.91
C ALA A 74 1.95 7.68 10.52
N MET A 75 1.08 7.07 9.72
CA MET A 75 0.26 5.96 10.18
C MET A 75 1.11 4.91 10.90
N ASP A 76 1.90 4.18 10.13
CA ASP A 76 2.76 3.15 10.69
C ASP A 76 3.28 3.55 12.07
N GLY A 77 2.63 3.03 13.11
CA GLY A 77 3.04 3.35 14.47
C GLY A 77 2.10 4.35 15.13
N ALA A 78 0.81 4.20 14.89
CA ALA A 78 -0.19 5.08 15.46
C ALA A 78 -1.26 4.30 16.22
N GLU A 79 -2.01 4.98 17.07
CA GLU A 79 -3.05 4.35 17.85
C GLU A 79 -4.43 4.59 17.23
N LEU A 80 -4.92 3.60 16.50
CA LEU A 80 -6.22 3.70 15.84
C LEU A 80 -7.04 2.43 16.07
N ASP A 81 -8.33 2.61 16.33
CA ASP A 81 -9.23 1.48 16.56
C ASP A 81 -8.69 0.57 17.66
N GLY A 82 -7.99 1.17 18.62
CA GLY A 82 -7.43 0.39 19.71
C GLY A 82 -6.40 -0.62 19.24
N ARG A 83 -5.82 -0.36 18.07
CA ARG A 83 -4.81 -1.26 17.51
C ARG A 83 -3.75 -0.48 16.75
N GLU A 84 -2.55 -1.04 16.68
CA GLU A 84 -1.44 -0.40 15.98
C GLU A 84 -1.43 -0.78 14.50
N LEU A 85 -2.19 -0.04 13.70
CA LEU A 85 -2.27 -0.30 12.26
C LEU A 85 -0.87 -0.38 11.65
N ARG A 86 -0.44 -1.60 11.35
CA ARG A 86 0.88 -1.82 10.76
C ARG A 86 0.87 -1.45 9.27
N VAL A 87 1.01 -0.16 8.99
CA VAL A 87 1.02 0.32 7.61
C VAL A 87 2.44 0.36 7.06
N GLN A 88 2.81 -0.67 6.32
CA GLN A 88 4.15 -0.75 5.73
C GLN A 88 4.07 -0.82 4.21
N VAL A 89 5.23 -0.95 3.57
CA VAL A 89 5.29 -1.03 2.12
C VAL A 89 5.51 -2.46 1.65
N ALA A 90 4.73 -2.89 0.66
CA ALA A 90 4.85 -4.24 0.12
C ALA A 90 5.94 -4.31 -0.94
N ARG A 91 7.12 -3.79 -0.62
CA ARG A 91 8.23 -3.80 -1.56
C ARG A 91 9.41 -4.60 -0.99
N TYR A 92 9.50 -5.87 -1.38
CA TYR A 92 10.56 -6.74 -0.92
C TYR A 92 11.38 -7.27 -2.09
N GLY A 93 12.70 -7.27 -1.92
CA GLY A 93 13.58 -7.76 -2.97
C GLY A 93 14.90 -7.00 -3.02
N ARG A 94 15.49 -6.94 -4.21
CA ARG A 94 16.76 -6.24 -4.39
C ARG A 94 16.54 -4.85 -4.96
N ARG A 95 17.55 -4.00 -4.85
CA ARG A 95 17.47 -2.63 -5.37
C ARG A 95 18.66 -2.32 -6.26
N ASP A 96 18.43 -2.28 -7.57
CA ASP A 96 19.48 -2.00 -8.53
C ASP A 96 20.00 -0.57 -8.36
N LEU A 97 21.32 -0.40 -8.46
CA LEU A 97 21.93 0.91 -8.32
C LEU A 97 22.63 1.32 -9.60
N SER A 98 22.04 2.27 -10.32
CA SER A 98 22.60 2.77 -11.57
C SER A 98 22.41 4.27 -11.70
N GLY A 99 23.07 4.86 -12.70
CA GLY A 99 22.96 6.29 -12.91
C GLY A 99 22.88 6.66 -14.38
N PRO A 100 23.01 7.96 -14.68
CA PRO A 100 22.95 8.46 -16.06
C PRO A 100 23.80 7.62 -17.01
N SER A 101 23.26 7.37 -18.20
CA SER A 101 23.96 6.59 -19.20
C SER A 101 24.58 7.49 -20.27
N SER A 102 23.75 8.31 -20.89
CA SER A 102 24.22 9.23 -21.93
C SER A 102 25.15 10.28 -21.35
N GLY A 103 25.76 11.07 -22.23
CA GLY A 103 26.68 12.10 -21.80
C GLY A 103 27.99 12.09 -22.55
N GLY A 1 15.19 7.51 -16.79
CA GLY A 1 13.79 7.46 -17.18
C GLY A 1 13.54 6.58 -18.39
N SER A 2 13.31 5.30 -18.14
CA SER A 2 13.07 4.33 -19.21
C SER A 2 11.57 4.24 -19.51
N SER A 3 10.91 5.39 -19.55
CA SER A 3 9.47 5.43 -19.83
C SER A 3 9.12 6.72 -20.58
N GLY A 4 7.99 6.69 -21.28
CA GLY A 4 7.55 7.85 -22.03
C GLY A 4 6.04 8.02 -22.01
N SER A 5 5.31 6.95 -22.31
CA SER A 5 3.86 6.98 -22.32
C SER A 5 3.28 6.37 -21.04
N SER A 6 2.84 7.23 -20.12
CA SER A 6 2.28 6.77 -18.86
C SER A 6 1.08 5.86 -19.10
N GLY A 7 1.28 4.56 -18.89
CA GLY A 7 0.21 3.60 -19.08
C GLY A 7 -1.09 4.06 -18.46
N PRO A 8 -2.21 3.66 -19.07
CA PRO A 8 -3.55 4.02 -18.59
C PRO A 8 -3.98 3.19 -17.38
N ASP A 9 -3.85 1.87 -17.51
CA ASP A 9 -4.22 0.96 -16.42
C ASP A 9 -3.12 0.92 -15.37
N VAL A 10 -3.51 1.07 -14.10
CA VAL A 10 -2.56 1.05 -13.00
C VAL A 10 -1.65 -0.17 -13.09
N ASP A 11 -0.35 0.05 -12.91
CA ASP A 11 0.62 -1.03 -12.97
C ASP A 11 1.12 -1.39 -11.57
N GLY A 12 1.50 -0.38 -10.80
CA GLY A 12 1.99 -0.61 -9.45
C GLY A 12 3.04 0.39 -9.04
N MET A 13 2.69 1.68 -9.11
CA MET A 13 3.61 2.74 -8.74
C MET A 13 4.21 2.49 -7.36
N ILE A 14 3.36 2.45 -6.35
CA ILE A 14 3.79 2.22 -4.98
C ILE A 14 2.69 1.55 -4.16
N THR A 15 2.90 0.28 -3.83
CA THR A 15 1.93 -0.47 -3.05
C THR A 15 2.26 -0.42 -1.56
N LEU A 16 1.23 -0.34 -0.73
CA LEU A 16 1.41 -0.28 0.71
C LEU A 16 0.65 -1.42 1.40
N LYS A 17 1.36 -2.15 2.25
CA LYS A 17 0.76 -3.27 2.98
C LYS A 17 0.16 -2.80 4.30
N VAL A 18 -1.13 -3.07 4.50
CA VAL A 18 -1.82 -2.67 5.72
C VAL A 18 -2.38 -3.88 6.44
N ASP A 19 -1.74 -4.26 7.56
CA ASP A 19 -2.17 -5.41 8.34
C ASP A 19 -3.03 -4.95 9.52
N ASN A 20 -3.50 -5.92 10.31
CA ASN A 20 -4.33 -5.62 11.47
C ASN A 20 -5.53 -4.76 11.08
N LEU A 21 -6.28 -5.21 10.07
CA LEU A 21 -7.44 -4.49 9.60
C LEU A 21 -8.74 -5.21 9.98
N THR A 22 -9.53 -4.60 10.85
CA THR A 22 -10.78 -5.18 11.30
C THR A 22 -11.79 -5.27 10.15
N TYR A 23 -12.62 -6.30 10.18
CA TYR A 23 -13.63 -6.49 9.14
C TYR A 23 -14.27 -5.16 8.75
N ARG A 24 -14.61 -4.36 9.76
CA ARG A 24 -15.23 -3.06 9.52
C ARG A 24 -14.54 -2.33 8.38
N THR A 25 -13.21 -2.38 8.36
CA THR A 25 -12.44 -1.72 7.32
C THR A 25 -13.08 -1.90 5.95
N SER A 26 -12.90 -0.91 5.08
CA SER A 26 -13.46 -0.96 3.74
C SER A 26 -12.63 -0.13 2.77
N PRO A 27 -12.71 -0.49 1.47
CA PRO A 27 -11.97 0.22 0.42
C PRO A 27 -12.07 1.74 0.56
N ASP A 28 -13.24 2.22 0.95
CA ASP A 28 -13.47 3.64 1.12
C ASP A 28 -12.66 4.19 2.30
N SER A 29 -12.99 3.73 3.50
CA SER A 29 -12.30 4.17 4.70
C SER A 29 -10.78 4.02 4.55
N LEU A 30 -10.36 2.82 4.17
CA LEU A 30 -8.95 2.53 3.99
C LEU A 30 -8.31 3.52 3.01
N ARG A 31 -9.05 3.84 1.95
CA ARG A 31 -8.56 4.78 0.94
C ARG A 31 -8.39 6.18 1.52
N ARG A 32 -9.37 6.59 2.33
CA ARG A 32 -9.33 7.91 2.95
C ARG A 32 -8.09 8.06 3.83
N VAL A 33 -7.75 7.00 4.54
CA VAL A 33 -6.58 7.01 5.42
C VAL A 33 -5.38 7.65 4.73
N PHE A 34 -5.20 7.32 3.46
CA PHE A 34 -4.08 7.86 2.68
C PHE A 34 -4.54 9.01 1.81
N GLU A 35 -5.83 9.02 1.48
CA GLU A 35 -6.40 10.07 0.63
C GLU A 35 -6.10 11.45 1.22
N LYS A 36 -6.21 11.57 2.53
CA LYS A 36 -5.95 12.83 3.21
C LYS A 36 -4.56 13.35 2.88
N TYR A 37 -3.71 12.48 2.34
CA TYR A 37 -2.35 12.86 1.98
C TYR A 37 -2.17 12.84 0.46
N GLY A 38 -2.39 11.68 -0.14
CA GLY A 38 -2.24 11.55 -1.57
C GLY A 38 -3.26 10.60 -2.18
N ARG A 39 -3.62 10.84 -3.44
CA ARG A 39 -4.59 10.01 -4.13
C ARG A 39 -4.22 8.52 -4.01
N VAL A 40 -5.22 7.65 -4.16
CA VAL A 40 -5.00 6.22 -4.06
C VAL A 40 -5.25 5.54 -5.40
N GLY A 41 -4.17 5.24 -6.12
CA GLY A 41 -4.30 4.59 -7.41
C GLY A 41 -5.37 3.52 -7.42
N ASP A 42 -5.31 2.62 -6.45
CA ASP A 42 -6.28 1.53 -6.35
C ASP A 42 -6.26 0.91 -4.96
N VAL A 43 -7.38 0.32 -4.57
CA VAL A 43 -7.50 -0.32 -3.26
C VAL A 43 -8.09 -1.72 -3.38
N TYR A 44 -7.46 -2.67 -2.70
CA TYR A 44 -7.92 -4.06 -2.73
C TYR A 44 -7.90 -4.66 -1.33
N ILE A 45 -9.04 -5.22 -0.92
CA ILE A 45 -9.16 -5.83 0.40
C ILE A 45 -9.65 -7.27 0.28
N PRO A 46 -8.70 -8.22 0.22
CA PRO A 46 -9.01 -9.65 0.11
C PRO A 46 -10.07 -10.09 1.12
N ARG A 47 -10.76 -11.18 0.80
CA ARG A 47 -11.81 -11.71 1.67
C ARG A 47 -11.62 -13.19 1.91
N GLU A 48 -11.93 -13.65 3.12
CA GLU A 48 -11.79 -15.06 3.48
C GLU A 48 -12.58 -15.93 2.51
N PRO A 49 -12.15 -17.20 2.38
CA PRO A 49 -12.80 -18.16 1.50
C PRO A 49 -14.10 -18.73 2.10
N HIS A 50 -14.05 -19.06 3.38
CA HIS A 50 -15.22 -19.60 4.07
C HIS A 50 -16.11 -18.48 4.57
N THR A 51 -15.59 -17.25 4.57
CA THR A 51 -16.35 -16.10 5.03
C THR A 51 -16.02 -14.86 4.19
N LYS A 52 -17.02 -14.00 4.01
CA LYS A 52 -16.84 -12.78 3.23
C LYS A 52 -16.22 -11.68 4.09
N ALA A 53 -15.26 -12.05 4.94
CA ALA A 53 -14.59 -11.10 5.81
C ALA A 53 -13.09 -11.08 5.55
N PRO A 54 -12.50 -9.89 5.57
CA PRO A 54 -11.06 -9.72 5.35
C PRO A 54 -10.22 -10.68 6.18
N ARG A 55 -9.00 -10.96 5.72
CA ARG A 55 -8.10 -11.86 6.41
C ARG A 55 -7.28 -11.12 7.46
N GLY A 56 -6.91 -9.89 7.15
CA GLY A 56 -6.14 -9.08 8.08
C GLY A 56 -5.20 -8.14 7.38
N PHE A 57 -4.81 -8.48 6.15
CA PHE A 57 -3.91 -7.64 5.37
C PHE A 57 -4.62 -7.07 4.15
N ALA A 58 -4.19 -5.88 3.72
CA ALA A 58 -4.78 -5.23 2.57
C ALA A 58 -3.71 -4.65 1.65
N PHE A 59 -4.09 -4.33 0.42
CA PHE A 59 -3.16 -3.77 -0.55
C PHE A 59 -3.65 -2.44 -1.09
N VAL A 60 -2.88 -1.39 -0.86
CA VAL A 60 -3.25 -0.05 -1.32
C VAL A 60 -2.17 0.53 -2.23
N ARG A 61 -2.56 0.88 -3.45
CA ARG A 61 -1.62 1.44 -4.42
C ARG A 61 -1.66 2.96 -4.38
N PHE A 62 -0.51 3.59 -4.61
CA PHE A 62 -0.41 5.04 -4.59
C PHE A 62 -0.05 5.58 -5.98
N HIS A 63 -0.07 6.90 -6.13
CA HIS A 63 0.25 7.53 -7.40
C HIS A 63 1.72 7.94 -7.44
N ASP A 64 2.27 8.28 -6.29
CA ASP A 64 3.67 8.68 -6.20
C ASP A 64 4.30 8.16 -4.91
N ARG A 65 5.63 8.16 -4.88
CA ARG A 65 6.37 7.68 -3.71
C ARG A 65 6.21 8.64 -2.54
N ARG A 66 6.62 9.89 -2.73
CA ARG A 66 6.53 10.90 -1.69
C ARG A 66 5.22 10.77 -0.93
N ASP A 67 4.11 10.72 -1.66
CA ASP A 67 2.80 10.59 -1.05
C ASP A 67 2.77 9.45 -0.04
N ALA A 68 3.15 8.26 -0.50
CA ALA A 68 3.17 7.08 0.37
C ALA A 68 3.97 7.35 1.64
N GLN A 69 5.17 7.91 1.47
CA GLN A 69 6.04 8.21 2.60
C GLN A 69 5.27 8.92 3.70
N ASP A 70 4.76 10.12 3.39
CA ASP A 70 4.00 10.90 4.35
C ASP A 70 3.04 10.02 5.14
N ALA A 71 2.14 9.35 4.42
CA ALA A 71 1.17 8.46 5.05
C ALA A 71 1.84 7.53 6.05
N GLU A 72 2.66 6.62 5.55
CA GLU A 72 3.36 5.67 6.41
C GLU A 72 3.94 6.37 7.64
N ALA A 73 4.83 7.33 7.40
CA ALA A 73 5.45 8.08 8.48
C ALA A 73 4.49 8.26 9.65
N ALA A 74 3.23 8.58 9.35
CA ALA A 74 2.22 8.77 10.37
C ALA A 74 1.56 7.45 10.75
N MET A 75 0.76 6.92 9.83
CA MET A 75 0.06 5.66 10.07
C MET A 75 0.99 4.65 10.75
N ASP A 76 1.92 4.09 9.98
CA ASP A 76 2.86 3.12 10.51
C ASP A 76 3.32 3.51 11.91
N GLY A 77 2.78 2.84 12.92
CA GLY A 77 3.15 3.14 14.30
C GLY A 77 2.16 4.07 14.97
N ALA A 78 0.92 4.06 14.50
CA ALA A 78 -0.12 4.92 15.07
C ALA A 78 -1.07 4.11 15.96
N GLU A 79 -1.83 4.82 16.79
CA GLU A 79 -2.78 4.18 17.69
C GLU A 79 -4.20 4.28 17.14
N LEU A 80 -4.70 3.17 16.61
CA LEU A 80 -6.05 3.13 16.05
C LEU A 80 -6.74 1.80 16.38
N ASP A 81 -8.04 1.86 16.63
CA ASP A 81 -8.82 0.67 16.94
C ASP A 81 -8.19 -0.09 18.11
N GLY A 82 -7.57 0.65 19.02
CA GLY A 82 -6.94 0.03 20.18
C GLY A 82 -5.81 -0.91 19.78
N ARG A 83 -5.07 -0.53 18.74
CA ARG A 83 -3.96 -1.35 18.27
C ARG A 83 -3.04 -0.54 17.36
N GLU A 84 -1.91 -1.12 17.00
CA GLU A 84 -0.95 -0.45 16.13
C GLU A 84 -1.07 -0.95 14.69
N LEU A 85 -1.73 -0.16 13.86
CA LEU A 85 -1.93 -0.52 12.45
C LEU A 85 -0.60 -0.61 11.73
N ARG A 86 -0.38 -1.73 11.04
CA ARG A 86 0.86 -1.94 10.31
C ARG A 86 0.74 -1.43 8.88
N VAL A 87 0.92 -0.12 8.71
CA VAL A 87 0.83 0.50 7.39
C VAL A 87 2.21 0.77 6.81
N GLN A 88 2.83 -0.27 6.27
CA GLN A 88 4.17 -0.13 5.68
C GLN A 88 4.13 -0.43 4.19
N VAL A 89 5.29 -0.35 3.55
CA VAL A 89 5.40 -0.60 2.12
C VAL A 89 5.33 -2.09 1.82
N ALA A 90 4.82 -2.44 0.63
CA ALA A 90 4.70 -3.83 0.23
C ALA A 90 5.60 -4.13 -0.96
N ARG A 91 5.52 -5.35 -1.47
CA ARG A 91 6.33 -5.77 -2.61
C ARG A 91 5.81 -7.08 -3.20
N TYR A 92 5.64 -7.10 -4.52
CA TYR A 92 5.15 -8.29 -5.20
C TYR A 92 5.92 -9.54 -4.76
N GLY A 93 7.24 -9.39 -4.63
CA GLY A 93 8.06 -10.51 -4.21
C GLY A 93 9.47 -10.42 -4.77
N ARG A 94 9.96 -11.53 -5.32
CA ARG A 94 11.30 -11.57 -5.88
C ARG A 94 11.31 -12.31 -7.20
N ARG A 95 12.27 -11.96 -8.06
CA ARG A 95 12.38 -12.59 -9.38
C ARG A 95 13.63 -12.10 -10.11
N ASP A 96 13.88 -12.68 -11.28
CA ASP A 96 15.05 -12.30 -12.08
C ASP A 96 14.95 -12.87 -13.48
N LEU A 97 15.17 -12.02 -14.48
CA LEU A 97 15.11 -12.44 -15.88
C LEU A 97 16.42 -13.08 -16.31
N SER A 98 16.59 -14.36 -15.97
CA SER A 98 17.80 -15.09 -16.33
C SER A 98 17.62 -15.83 -17.66
N GLY A 99 18.38 -15.40 -18.67
CA GLY A 99 18.28 -16.03 -19.97
C GLY A 99 19.61 -16.03 -20.71
N PRO A 100 19.85 -17.10 -21.49
CA PRO A 100 21.09 -17.24 -22.26
C PRO A 100 21.09 -16.38 -23.53
N SER A 101 22.28 -16.05 -24.01
CA SER A 101 22.42 -15.23 -25.20
C SER A 101 21.86 -15.95 -26.42
N SER A 102 22.27 -17.20 -26.61
CA SER A 102 21.81 -17.99 -27.73
C SER A 102 21.63 -17.13 -28.98
N GLY A 103 22.60 -16.24 -29.22
CA GLY A 103 22.54 -15.36 -30.37
C GLY A 103 23.00 -13.96 -30.06
N GLY A 1 16.67 7.72 -8.30
CA GLY A 1 15.49 7.30 -9.02
C GLY A 1 15.70 7.29 -10.52
N SER A 2 16.47 6.33 -11.00
CA SER A 2 16.76 6.22 -12.42
C SER A 2 15.64 5.46 -13.15
N SER A 3 15.41 5.82 -14.41
CA SER A 3 14.37 5.19 -15.21
C SER A 3 14.83 5.02 -16.65
N GLY A 4 14.50 3.87 -17.24
CA GLY A 4 14.88 3.61 -18.62
C GLY A 4 13.85 4.11 -19.61
N SER A 5 12.67 3.49 -19.60
CA SER A 5 11.60 3.88 -20.50
C SER A 5 10.37 4.36 -19.73
N SER A 6 10.07 5.65 -19.87
CA SER A 6 8.94 6.24 -19.18
C SER A 6 7.66 6.10 -20.01
N GLY A 7 6.69 5.39 -19.46
CA GLY A 7 5.43 5.19 -20.16
C GLY A 7 4.22 5.43 -19.27
N PRO A 8 3.03 5.47 -19.89
CA PRO A 8 1.78 5.70 -19.17
C PRO A 8 1.30 4.45 -18.42
N ASP A 9 1.76 3.29 -18.87
CA ASP A 9 1.38 2.02 -18.24
C ASP A 9 1.78 2.01 -16.77
N VAL A 10 0.84 1.63 -15.92
CA VAL A 10 1.09 1.58 -14.48
C VAL A 10 1.23 0.13 -14.00
N ASP A 11 2.39 -0.20 -13.46
CA ASP A 11 2.65 -1.55 -12.96
C ASP A 11 3.09 -1.51 -11.50
N GLY A 12 2.13 -1.60 -10.59
CA GLY A 12 2.44 -1.57 -9.18
C GLY A 12 3.48 -0.53 -8.82
N MET A 13 3.39 0.63 -9.48
CA MET A 13 4.33 1.72 -9.24
C MET A 13 4.70 1.79 -7.76
N ILE A 14 3.71 1.96 -6.90
CA ILE A 14 3.94 2.05 -5.47
C ILE A 14 2.86 1.31 -4.69
N THR A 15 3.25 0.26 -3.98
CA THR A 15 2.31 -0.53 -3.19
C THR A 15 2.49 -0.26 -1.70
N LEU A 16 1.40 -0.42 -0.95
CA LEU A 16 1.43 -0.20 0.50
C LEU A 16 0.65 -1.29 1.23
N LYS A 17 1.32 -1.96 2.16
CA LYS A 17 0.69 -3.02 2.93
C LYS A 17 -0.03 -2.45 4.15
N VAL A 18 -1.24 -2.93 4.41
CA VAL A 18 -2.02 -2.47 5.55
C VAL A 18 -2.53 -3.64 6.37
N ASP A 19 -2.05 -3.76 7.61
CA ASP A 19 -2.46 -4.83 8.50
C ASP A 19 -3.35 -4.31 9.62
N ASN A 20 -3.73 -5.18 10.54
CA ASN A 20 -4.58 -4.80 11.66
C ASN A 20 -5.87 -4.16 11.16
N LEU A 21 -6.47 -4.75 10.13
CA LEU A 21 -7.71 -4.24 9.57
C LEU A 21 -8.90 -5.12 9.96
N THR A 22 -9.66 -4.67 10.95
CA THR A 22 -10.82 -5.42 11.41
C THR A 22 -11.86 -5.57 10.30
N TYR A 23 -12.69 -6.60 10.41
CA TYR A 23 -13.73 -6.84 9.41
C TYR A 23 -14.37 -5.53 8.95
N ARG A 24 -14.68 -4.66 9.90
CA ARG A 24 -15.29 -3.37 9.58
C ARG A 24 -14.56 -2.70 8.44
N THR A 25 -13.24 -2.70 8.49
CA THR A 25 -12.42 -2.09 7.45
C THR A 25 -13.04 -2.28 6.08
N SER A 26 -13.14 -1.19 5.31
CA SER A 26 -13.73 -1.25 3.98
C SER A 26 -12.97 -0.33 3.02
N PRO A 27 -13.12 -0.59 1.71
CA PRO A 27 -12.46 0.20 0.67
C PRO A 27 -12.56 1.70 0.93
N ASP A 28 -13.76 2.16 1.27
CA ASP A 28 -13.99 3.57 1.53
C ASP A 28 -13.01 4.09 2.58
N SER A 29 -12.93 3.39 3.72
CA SER A 29 -12.04 3.79 4.79
C SER A 29 -10.57 3.65 4.37
N LEU A 30 -10.15 2.41 4.11
CA LEU A 30 -8.79 2.15 3.70
C LEU A 30 -8.30 3.18 2.68
N ARG A 31 -9.25 3.75 1.94
CA ARG A 31 -8.93 4.76 0.93
C ARG A 31 -8.86 6.15 1.56
N ARG A 32 -9.81 6.44 2.45
CA ARG A 32 -9.86 7.74 3.11
C ARG A 32 -8.70 7.89 4.09
N VAL A 33 -7.95 6.81 4.28
CA VAL A 33 -6.81 6.82 5.19
C VAL A 33 -5.61 7.50 4.55
N PHE A 34 -5.30 7.13 3.32
CA PHE A 34 -4.18 7.70 2.60
C PHE A 34 -4.65 8.80 1.63
N GLU A 35 -5.87 9.29 1.86
CA GLU A 35 -6.43 10.33 1.02
C GLU A 35 -5.92 11.71 1.43
N LYS A 36 -5.94 11.96 2.74
CA LYS A 36 -5.47 13.24 3.27
C LYS A 36 -4.00 13.47 2.95
N TYR A 37 -3.30 12.39 2.59
CA TYR A 37 -1.89 12.46 2.25
C TYR A 37 -1.69 12.39 0.74
N GLY A 38 -2.19 11.32 0.13
CA GLY A 38 -2.05 11.16 -1.31
C GLY A 38 -3.34 10.70 -1.96
N ARG A 39 -3.30 10.50 -3.28
CA ARG A 39 -4.47 10.07 -4.02
C ARG A 39 -4.43 8.56 -4.24
N VAL A 40 -5.08 7.82 -3.35
CA VAL A 40 -5.13 6.36 -3.45
C VAL A 40 -5.48 5.92 -4.86
N GLY A 41 -4.50 5.32 -5.54
CA GLY A 41 -4.72 4.86 -6.91
C GLY A 41 -5.71 3.71 -6.98
N ASP A 42 -5.38 2.60 -6.31
CA ASP A 42 -6.25 1.43 -6.30
C ASP A 42 -6.29 0.80 -4.91
N VAL A 43 -7.50 0.49 -4.44
CA VAL A 43 -7.68 -0.12 -3.14
C VAL A 43 -8.04 -1.59 -3.26
N TYR A 44 -7.16 -2.46 -2.76
CA TYR A 44 -7.39 -3.90 -2.82
C TYR A 44 -7.59 -4.47 -1.43
N ILE A 45 -8.66 -5.25 -1.26
CA ILE A 45 -8.96 -5.85 0.03
C ILE A 45 -9.30 -7.34 -0.14
N PRO A 46 -8.33 -8.21 0.20
CA PRO A 46 -8.51 -9.66 0.10
C PRO A 46 -9.85 -10.12 0.65
N ARG A 47 -10.14 -11.41 0.49
CA ARG A 47 -11.40 -11.97 0.97
C ARG A 47 -11.16 -13.33 1.63
N GLU A 48 -12.22 -13.91 2.19
CA GLU A 48 -12.13 -15.20 2.85
C GLU A 48 -12.67 -16.31 1.96
N PRO A 49 -12.19 -17.54 2.19
CA PRO A 49 -12.62 -18.71 1.41
C PRO A 49 -14.14 -18.85 1.37
N HIS A 50 -14.69 -18.83 0.15
CA HIS A 50 -16.13 -18.96 -0.03
C HIS A 50 -16.86 -17.76 0.57
N THR A 51 -16.27 -16.58 0.41
CA THR A 51 -16.85 -15.35 0.93
C THR A 51 -16.04 -14.13 0.53
N LYS A 52 -16.72 -13.00 0.37
CA LYS A 52 -16.06 -11.76 -0.02
C LYS A 52 -15.64 -10.96 1.21
N ALA A 53 -15.69 -11.60 2.37
CA ALA A 53 -15.31 -10.95 3.63
C ALA A 53 -13.80 -10.83 3.74
N PRO A 54 -13.33 -9.66 4.18
CA PRO A 54 -11.89 -9.40 4.36
C PRO A 54 -11.19 -10.51 5.11
N ARG A 55 -9.87 -10.41 5.21
CA ARG A 55 -9.07 -11.41 5.90
C ARG A 55 -8.32 -10.78 7.08
N GLY A 56 -7.53 -9.76 6.80
CA GLY A 56 -6.78 -9.09 7.84
C GLY A 56 -5.90 -7.98 7.31
N PHE A 57 -5.22 -8.24 6.20
CA PHE A 57 -4.34 -7.26 5.59
C PHE A 57 -4.91 -6.77 4.26
N ALA A 58 -4.34 -5.68 3.73
CA ALA A 58 -4.80 -5.12 2.47
C ALA A 58 -3.63 -4.52 1.68
N PHE A 59 -3.93 -3.99 0.51
CA PHE A 59 -2.91 -3.39 -0.33
C PHE A 59 -3.45 -2.14 -1.03
N VAL A 60 -2.65 -1.07 -1.03
CA VAL A 60 -3.05 0.18 -1.65
C VAL A 60 -1.99 0.65 -2.65
N ARG A 61 -2.45 1.14 -3.80
CA ARG A 61 -1.54 1.62 -4.84
C ARG A 61 -1.58 3.15 -4.92
N PHE A 62 -0.44 3.74 -5.28
CA PHE A 62 -0.34 5.19 -5.39
C PHE A 62 0.22 5.59 -6.76
N HIS A 63 0.44 6.88 -6.95
CA HIS A 63 0.98 7.39 -8.20
C HIS A 63 2.39 7.93 -8.01
N ASP A 64 2.60 8.62 -6.89
CA ASP A 64 3.92 9.18 -6.59
C ASP A 64 4.58 8.44 -5.44
N ARG A 65 5.83 8.80 -5.14
CA ARG A 65 6.57 8.16 -4.06
C ARG A 65 6.51 9.01 -2.79
N ARG A 66 6.88 10.27 -2.91
CA ARG A 66 6.88 11.18 -1.77
C ARG A 66 5.57 11.06 -0.99
N ASP A 67 4.45 11.30 -1.66
CA ASP A 67 3.14 11.21 -1.03
C ASP A 67 3.01 9.91 -0.24
N ALA A 68 3.38 8.81 -0.87
CA ALA A 68 3.30 7.50 -0.22
C ALA A 68 4.14 7.46 1.05
N GLN A 69 5.34 8.03 0.98
CA GLN A 69 6.24 8.06 2.13
C GLN A 69 5.57 8.71 3.33
N ASP A 70 5.10 9.95 3.15
CA ASP A 70 4.45 10.68 4.22
C ASP A 70 3.33 9.84 4.85
N ALA A 71 2.41 9.37 4.01
CA ALA A 71 1.30 8.55 4.48
C ALA A 71 1.80 7.42 5.38
N GLU A 72 2.65 6.56 4.82
CA GLU A 72 3.19 5.44 5.57
C GLU A 72 3.73 5.88 6.92
N ALA A 73 4.73 6.76 6.89
CA ALA A 73 5.34 7.27 8.11
C ALA A 73 4.28 7.61 9.15
N ALA A 74 3.42 8.57 8.82
CA ALA A 74 2.36 8.99 9.72
C ALA A 74 1.66 7.78 10.34
N MET A 75 0.82 7.11 9.54
CA MET A 75 0.09 5.94 10.01
C MET A 75 0.99 5.04 10.85
N ASP A 76 1.89 4.32 10.19
CA ASP A 76 2.81 3.41 10.88
C ASP A 76 3.22 3.99 12.23
N GLY A 77 2.75 3.35 13.30
CA GLY A 77 3.07 3.81 14.64
C GLY A 77 1.99 4.68 15.23
N ALA A 78 0.73 4.31 14.99
CA ALA A 78 -0.40 5.06 15.51
C ALA A 78 -1.28 4.20 16.41
N GLU A 79 -2.15 4.84 17.18
CA GLU A 79 -3.05 4.13 18.08
C GLU A 79 -4.47 4.12 17.55
N LEU A 80 -4.89 3.00 16.99
CA LEU A 80 -6.23 2.86 16.43
C LEU A 80 -6.74 1.43 16.58
N ASP A 81 -8.05 1.29 16.71
CA ASP A 81 -8.67 -0.04 16.85
C ASP A 81 -8.06 -0.79 18.02
N GLY A 82 -7.59 -0.05 19.02
CA GLY A 82 -7.00 -0.66 20.19
C GLY A 82 -5.72 -1.43 19.86
N ARG A 83 -5.13 -1.10 18.72
CA ARG A 83 -3.90 -1.76 18.29
C ARG A 83 -3.07 -0.83 17.41
N GLU A 84 -1.84 -1.27 17.10
CA GLU A 84 -0.94 -0.47 16.27
C GLU A 84 -1.08 -0.86 14.80
N LEU A 85 -1.92 -0.11 14.08
CA LEU A 85 -2.14 -0.37 12.66
C LEU A 85 -0.81 -0.46 11.91
N ARG A 86 -0.47 -1.66 11.44
CA ARG A 86 0.77 -1.87 10.71
C ARG A 86 0.63 -1.39 9.27
N VAL A 87 0.85 -0.10 9.05
CA VAL A 87 0.75 0.48 7.72
C VAL A 87 2.14 0.76 7.14
N GLN A 88 2.65 -0.19 6.36
CA GLN A 88 3.96 -0.06 5.74
C GLN A 88 3.99 -0.73 4.37
N VAL A 89 5.04 -0.45 3.61
CA VAL A 89 5.18 -1.03 2.28
C VAL A 89 5.24 -2.55 2.33
N ALA A 90 4.70 -3.20 1.31
CA ALA A 90 4.70 -4.66 1.25
C ALA A 90 6.05 -5.20 0.79
N ARG A 91 6.47 -4.80 -0.41
CA ARG A 91 7.74 -5.24 -0.96
C ARG A 91 8.84 -4.23 -0.67
N TYR A 92 9.61 -4.49 0.38
CA TYR A 92 10.69 -3.59 0.77
C TYR A 92 12.05 -4.19 0.39
N GLY A 93 13.03 -3.31 0.16
CA GLY A 93 14.36 -3.77 -0.20
C GLY A 93 14.63 -3.61 -1.67
N ARG A 94 14.78 -2.37 -2.12
CA ARG A 94 15.05 -2.09 -3.53
C ARG A 94 16.54 -1.81 -3.75
N ARG A 95 17.23 -2.78 -4.33
CA ARG A 95 18.66 -2.64 -4.59
C ARG A 95 18.96 -1.30 -5.27
N ASP A 96 19.89 -0.54 -4.69
CA ASP A 96 20.25 0.76 -5.24
C ASP A 96 21.52 0.64 -6.10
N LEU A 97 21.36 0.92 -7.39
CA LEU A 97 22.49 0.85 -8.32
C LEU A 97 22.51 2.07 -9.23
N SER A 98 23.63 2.80 -9.21
CA SER A 98 23.78 3.99 -10.02
C SER A 98 25.26 4.38 -10.15
N GLY A 99 25.57 5.23 -11.12
CA GLY A 99 26.92 5.67 -11.32
C GLY A 99 27.26 5.91 -12.78
N PRO A 100 28.35 6.64 -13.04
CA PRO A 100 28.79 6.95 -14.40
C PRO A 100 29.48 5.77 -15.07
N SER A 101 29.45 5.74 -16.40
CA SER A 101 30.06 4.67 -17.16
C SER A 101 30.12 5.02 -18.65
N SER A 102 31.32 5.27 -19.15
CA SER A 102 31.51 5.62 -20.55
C SER A 102 31.09 4.47 -21.45
N GLY A 103 31.13 4.71 -22.76
CA GLY A 103 30.74 3.69 -23.72
C GLY A 103 30.35 4.27 -25.07
#